data_9EWA
#
_entry.id   9EWA
#
_cell.length_a   143.210
_cell.length_b   112.345
_cell.length_c   210.796
_cell.angle_alpha   90.000
_cell.angle_beta   106.178
_cell.angle_gamma   90.000
#
_symmetry.space_group_name_H-M   'I 1 2 1'
#
loop_
_entity.id
_entity.type
_entity.pdbx_description
1 polymer 'Cys-loop ligand-gated ion channel'
2 non-polymer 'nonyl beta-D-glucopyranoside'
3 non-polymer 2-(4-bromophenyl)ethanamine
4 water water
#
_entity_poly.entity_id   1
_entity_poly.type   'polypeptide(L)'
_entity_poly.pdbx_seq_one_letter_code
;MASLAAEPSDVFIGLKIDQITGINQKEENFSVVGSLRIDWRQPLLAFEHAPGEPKHRTYTLATFLKLLEEKQIRWPAFTY
HNQQGRMDFQNRLISLSEDGTVMYLERFTSTFQAPAFDFRLFPFDNQLFFIHVDSIFPQHLFRFQEMQGFSGLGDQLGEE
EWIVTEVNTHLTTHNEFTKGDASRFVLEFHAERHLNYYLMRILIPVLLIITVSWFTFFLQDYTKRIDLAGGNLLLFIAFN
FTISSDLPRLGYITLMDAFLVGTFIITALVVLGNVWLRRLENHGKQALARKLDIYAITSYPLAYLLGALTLWLLFFWRSY
;
_entity_poly.pdbx_strand_id   AAA,BBB,CCC,DDD,EEE
#
# COMPACT_ATOMS: atom_id res chain seq x y z
N GLU A 7 13.56 -45.04 -21.40
CA GLU A 7 14.56 -44.68 -20.34
C GLU A 7 14.38 -43.22 -19.91
N PRO A 8 14.20 -42.91 -18.60
CA PRO A 8 14.11 -41.51 -18.16
C PRO A 8 15.46 -40.83 -17.83
N SER A 9 15.63 -39.58 -18.28
CA SER A 9 16.90 -38.81 -18.16
C SER A 9 16.89 -37.99 -16.87
N ASP A 10 18.05 -37.93 -16.22
CA ASP A 10 18.25 -37.21 -14.94
C ASP A 10 18.31 -35.70 -15.23
N VAL A 11 17.67 -34.92 -14.35
CA VAL A 11 17.69 -33.42 -14.36
C VAL A 11 18.21 -32.97 -12.99
N PHE A 12 19.32 -32.23 -12.97
CA PHE A 12 20.07 -31.88 -11.73
C PHE A 12 19.62 -30.49 -11.24
N ILE A 13 18.78 -30.47 -10.20
CA ILE A 13 18.04 -29.27 -9.71
C ILE A 13 18.80 -28.68 -8.52
N GLY A 14 19.35 -27.48 -8.70
CA GLY A 14 19.96 -26.70 -7.61
C GLY A 14 19.18 -25.42 -7.38
N LEU A 15 19.01 -25.03 -6.11
CA LEU A 15 18.30 -23.77 -5.73
C LEU A 15 18.94 -23.14 -4.48
N LYS A 16 19.41 -21.90 -4.62
CA LYS A 16 20.06 -21.11 -3.56
C LYS A 16 19.28 -19.81 -3.36
N ILE A 17 18.79 -19.58 -2.14
CA ILE A 17 18.18 -18.28 -1.73
C ILE A 17 19.29 -17.31 -1.34
N ASP A 18 19.52 -16.27 -2.13
CA ASP A 18 20.56 -15.23 -1.86
C ASP A 18 20.03 -14.28 -0.77
N GLN A 19 18.78 -13.84 -0.90
CA GLN A 19 18.14 -12.85 0.01
C GLN A 19 16.79 -13.38 0.51
N ILE A 20 16.46 -13.03 1.76
CA ILE A 20 15.06 -13.01 2.30
C ILE A 20 14.63 -11.54 2.36
N THR A 21 13.85 -11.09 1.38
CA THR A 21 13.38 -9.68 1.25
C THR A 21 12.49 -9.36 2.44
N GLY A 22 11.76 -10.38 2.91
CA GLY A 22 10.99 -10.34 4.17
C GLY A 22 10.06 -11.53 4.29
N ILE A 23 9.47 -11.68 5.47
CA ILE A 23 8.47 -12.75 5.77
C ILE A 23 7.21 -12.05 6.26
N ASN A 24 6.17 -12.02 5.43
CA ASN A 24 4.87 -11.43 5.83
C ASN A 24 4.08 -12.50 6.58
N GLN A 25 4.17 -12.50 7.92
CA GLN A 25 3.54 -13.55 8.75
C GLN A 25 2.02 -13.39 8.73
N LYS A 26 1.51 -12.18 8.45
CA LYS A 26 0.05 -11.92 8.40
C LYS A 26 -0.55 -12.63 7.19
N GLU A 27 0.13 -12.62 6.05
CA GLU A 27 -0.36 -13.23 4.78
C GLU A 27 0.26 -14.61 4.60
N GLU A 28 1.02 -15.08 5.61
CA GLU A 28 1.50 -16.49 5.69
C GLU A 28 2.33 -16.81 4.45
N ASN A 29 3.19 -15.89 4.04
CA ASN A 29 4.14 -16.06 2.92
C ASN A 29 5.47 -15.39 3.25
N PHE A 30 6.49 -15.69 2.46
CA PHE A 30 7.83 -15.09 2.55
C PHE A 30 8.30 -14.80 1.12
N SER A 31 9.26 -13.89 0.99
CA SER A 31 9.81 -13.49 -0.34
C SER A 31 11.33 -13.51 -0.29
N VAL A 32 11.91 -14.04 -1.38
CA VAL A 32 13.35 -14.38 -1.52
C VAL A 32 13.82 -13.95 -2.90
N VAL A 33 15.03 -13.42 -2.94
CA VAL A 33 15.88 -13.39 -4.16
C VAL A 33 16.59 -14.74 -4.18
N GLY A 34 16.59 -15.42 -5.33
CA GLY A 34 17.10 -16.80 -5.49
C GLY A 34 17.55 -17.12 -6.90
N SER A 35 18.42 -18.11 -7.03
CA SER A 35 18.99 -18.59 -8.31
C SER A 35 18.68 -20.09 -8.44
N LEU A 36 17.96 -20.49 -9.49
CA LEU A 36 17.71 -21.92 -9.82
C LEU A 36 18.76 -22.36 -10.84
N ARG A 37 19.37 -23.52 -10.62
CA ARG A 37 20.40 -24.09 -11.53
C ARG A 37 19.99 -25.52 -11.87
N ILE A 38 19.97 -25.79 -13.17
CA ILE A 38 19.60 -27.12 -13.75
C ILE A 38 20.74 -27.56 -14.66
N ASP A 39 21.23 -28.78 -14.45
CA ASP A 39 22.08 -29.52 -15.42
C ASP A 39 21.24 -30.65 -16.01
N TRP A 40 21.31 -30.82 -17.34
CA TRP A 40 20.51 -31.80 -18.11
C TRP A 40 21.17 -32.10 -19.46
N ARG A 41 21.83 -33.27 -19.55
CA ARG A 41 22.34 -33.89 -20.80
C ARG A 41 21.14 -34.38 -21.63
N GLN A 42 21.06 -33.84 -22.85
CA GLN A 42 20.15 -34.28 -23.92
C GLN A 42 21.04 -34.63 -25.10
N PRO A 43 21.19 -35.92 -25.48
CA PRO A 43 22.07 -36.29 -26.57
C PRO A 43 21.72 -35.53 -27.86
N LEU A 44 20.43 -35.37 -28.16
CA LEU A 44 19.97 -34.74 -29.44
C LEU A 44 20.47 -33.30 -29.55
N LEU A 45 20.59 -32.60 -28.42
CA LEU A 45 21.04 -31.18 -28.39
C LEU A 45 22.53 -31.09 -28.71
N ALA A 46 23.27 -32.20 -28.63
CA ALA A 46 24.72 -32.24 -28.94
C ALA A 46 24.92 -31.74 -30.37
N PHE A 47 26.08 -31.17 -30.67
CA PHE A 47 26.43 -30.62 -32.01
C PHE A 47 27.92 -30.78 -32.25
N GLU A 48 28.34 -30.70 -33.53
CA GLU A 48 29.77 -30.73 -33.96
C GLU A 48 30.24 -29.30 -34.23
N HIS A 49 31.52 -29.03 -33.94
CA HIS A 49 32.20 -27.73 -34.18
C HIS A 49 33.41 -27.97 -35.09
N ALA A 50 33.79 -26.98 -35.89
CA ALA A 50 35.12 -26.91 -36.54
C ALA A 50 36.14 -26.65 -35.45
N PRO A 51 37.38 -27.17 -35.56
CA PRO A 51 38.44 -26.75 -34.65
C PRO A 51 38.56 -25.22 -34.75
N GLY A 52 38.65 -24.53 -33.59
CA GLY A 52 38.73 -23.06 -33.52
C GLY A 52 37.36 -22.40 -33.44
N GLU A 53 36.26 -23.16 -33.53
CA GLU A 53 34.89 -22.66 -33.30
C GLU A 53 34.37 -23.17 -31.97
N PRO A 54 33.63 -22.33 -31.21
CA PRO A 54 33.46 -22.55 -29.77
C PRO A 54 32.72 -23.85 -29.44
N LYS A 55 33.12 -24.46 -28.32
CA LYS A 55 32.65 -25.80 -27.89
C LYS A 55 31.31 -25.62 -27.17
N HIS A 56 31.08 -24.42 -26.62
CA HIS A 56 29.88 -24.09 -25.79
C HIS A 56 29.05 -22.96 -26.43
N ARG A 57 27.79 -23.26 -26.77
CA ARG A 57 26.83 -22.28 -27.33
C ARG A 57 26.00 -21.68 -26.21
N THR A 58 25.90 -20.35 -26.17
CA THR A 58 25.23 -19.56 -25.10
C THR A 58 23.94 -18.95 -25.66
N TYR A 59 22.80 -19.39 -25.13
CA TYR A 59 21.44 -19.08 -25.64
C TYR A 59 20.65 -18.32 -24.57
N THR A 60 19.84 -17.36 -25.02
CA THR A 60 18.69 -16.78 -24.27
C THR A 60 17.65 -17.89 -24.14
N LEU A 61 16.92 -17.95 -23.03
CA LEU A 61 15.88 -19.01 -22.86
C LEU A 61 14.92 -18.94 -24.06
N ALA A 62 14.62 -17.73 -24.52
CA ALA A 62 13.69 -17.45 -25.64
C ALA A 62 14.05 -18.33 -26.83
N THR A 63 15.29 -18.22 -27.35
CA THR A 63 15.71 -18.91 -28.60
C THR A 63 15.99 -20.39 -28.28
N PHE A 64 16.48 -20.71 -27.07
CA PHE A 64 16.79 -22.11 -26.66
C PHE A 64 15.53 -22.98 -26.73
N LEU A 65 14.38 -22.44 -26.36
CA LEU A 65 13.11 -23.21 -26.43
C LEU A 65 12.66 -23.30 -27.89
N LYS A 66 12.76 -22.21 -28.63
CA LYS A 66 12.39 -22.18 -30.08
C LYS A 66 13.26 -23.22 -30.79
N LEU A 67 14.51 -23.39 -30.38
CA LEU A 67 15.42 -24.46 -30.88
C LEU A 67 14.83 -25.83 -30.54
N LEU A 68 14.52 -26.08 -29.27
CA LEU A 68 13.96 -27.36 -28.77
C LEU A 68 12.66 -27.70 -29.51
N GLU A 69 11.79 -26.71 -29.71
CA GLU A 69 10.50 -26.88 -30.42
C GLU A 69 10.77 -27.34 -31.86
N GLU A 70 11.75 -26.70 -32.51
CA GLU A 70 12.14 -26.97 -33.91
C GLU A 70 12.67 -28.40 -34.00
N LYS A 71 13.49 -28.83 -33.03
CA LYS A 71 14.07 -30.20 -33.02
C LYS A 71 13.09 -31.19 -32.38
N GLN A 72 11.86 -30.77 -32.06
CA GLN A 72 10.82 -31.64 -31.42
C GLN A 72 11.41 -32.37 -30.20
N ILE A 73 12.26 -31.72 -29.41
CA ILE A 73 12.80 -32.28 -28.15
C ILE A 73 11.96 -31.74 -27.00
N ARG A 74 11.57 -32.61 -26.08
CA ARG A 74 10.86 -32.25 -24.84
C ARG A 74 11.87 -31.76 -23.80
N TRP A 75 11.62 -30.58 -23.23
CA TRP A 75 12.41 -29.97 -22.12
C TRP A 75 11.74 -30.37 -20.81
N PRO A 76 12.51 -30.46 -19.69
CA PRO A 76 11.96 -30.96 -18.44
C PRO A 76 11.15 -29.85 -17.76
N ALA A 77 9.95 -29.56 -18.27
CA ALA A 77 9.13 -28.43 -17.82
C ALA A 77 8.88 -28.60 -16.33
N PHE A 78 9.06 -27.52 -15.57
CA PHE A 78 8.92 -27.49 -14.09
C PHE A 78 8.12 -26.26 -13.67
N THR A 79 7.38 -26.37 -12.57
CA THR A 79 6.68 -25.26 -11.86
C THR A 79 7.24 -25.18 -10.43
N TYR A 80 7.24 -23.99 -9.84
CA TYR A 80 7.40 -23.76 -8.39
C TYR A 80 6.03 -23.86 -7.72
N HIS A 81 5.72 -24.93 -6.99
CA HIS A 81 4.32 -25.25 -6.60
C HIS A 81 3.77 -24.17 -5.65
N ASN A 82 4.60 -23.66 -4.74
CA ASN A 82 4.16 -22.72 -3.68
C ASN A 82 4.48 -21.26 -4.06
N GLN A 83 4.81 -20.98 -5.33
CA GLN A 83 4.97 -19.59 -5.84
C GLN A 83 3.65 -18.85 -5.67
N GLN A 84 3.73 -17.57 -5.30
CA GLN A 84 2.57 -16.63 -5.27
C GLN A 84 2.88 -15.43 -6.17
N GLY A 85 1.86 -15.00 -6.91
CA GLY A 85 1.91 -13.76 -7.72
C GLY A 85 2.98 -13.85 -8.78
N ARG A 86 3.62 -12.74 -9.12
CA ARG A 86 4.63 -12.68 -10.20
C ARG A 86 5.98 -13.12 -9.64
N MET A 87 6.80 -13.70 -10.51
CA MET A 87 8.23 -13.99 -10.29
C MET A 87 9.02 -13.08 -11.24
N ASP A 88 9.62 -12.02 -10.71
CA ASP A 88 10.48 -11.11 -11.49
C ASP A 88 11.78 -11.85 -11.77
N PHE A 89 12.04 -12.18 -13.03
CA PHE A 89 13.27 -12.89 -13.45
C PHE A 89 14.36 -11.85 -13.70
N GLN A 90 15.58 -12.17 -13.24
CA GLN A 90 16.79 -11.34 -13.46
C GLN A 90 17.50 -11.87 -14.70
N ASN A 91 17.84 -13.16 -14.68
CA ASN A 91 18.60 -13.88 -15.73
C ASN A 91 17.90 -15.20 -16.00
N ARG A 92 17.73 -15.53 -17.28
CA ARG A 92 17.36 -16.89 -17.74
C ARG A 92 18.27 -17.20 -18.92
N LEU A 93 19.33 -17.97 -18.66
CA LEU A 93 20.50 -18.14 -19.56
C LEU A 93 20.83 -19.62 -19.65
N ILE A 94 21.04 -20.10 -20.88
CA ILE A 94 21.34 -21.52 -21.21
C ILE A 94 22.76 -21.60 -21.76
N SER A 95 23.56 -22.58 -21.31
CA SER A 95 24.85 -22.95 -21.97
C SER A 95 24.81 -24.42 -22.38
N LEU A 96 24.84 -24.61 -23.71
CA LEU A 96 24.79 -25.92 -24.40
C LEU A 96 26.22 -26.28 -24.79
N SER A 97 26.72 -27.40 -24.25
CA SER A 97 28.04 -27.98 -24.61
C SER A 97 27.86 -28.84 -25.87
N GLU A 98 28.96 -29.16 -26.55
CA GLU A 98 28.97 -30.07 -27.73
C GLU A 98 28.30 -31.38 -27.36
N ASP A 99 28.59 -31.90 -26.17
CA ASP A 99 28.08 -33.21 -25.68
C ASP A 99 26.55 -33.17 -25.51
N GLY A 100 25.92 -31.99 -25.56
CA GLY A 100 24.45 -31.86 -25.43
C GLY A 100 24.02 -31.73 -23.98
N THR A 101 24.95 -31.31 -23.11
CA THR A 101 24.67 -30.93 -21.70
C THR A 101 24.12 -29.50 -21.72
N VAL A 102 22.88 -29.34 -21.25
CA VAL A 102 22.25 -28.02 -21.02
C VAL A 102 22.61 -27.60 -19.59
N MET A 103 23.12 -26.37 -19.45
CA MET A 103 23.29 -25.70 -18.15
C MET A 103 22.39 -24.47 -18.11
N TYR A 104 21.37 -24.48 -17.25
CA TYR A 104 20.35 -23.42 -17.14
C TYR A 104 20.53 -22.66 -15.83
N LEU A 105 20.40 -21.33 -15.89
CA LEU A 105 20.39 -20.44 -14.71
C LEU A 105 19.13 -19.55 -14.75
N GLU A 106 18.35 -19.55 -13.68
CA GLU A 106 17.13 -18.72 -13.49
C GLU A 106 17.37 -17.93 -12.20
N ARG A 107 17.66 -16.62 -12.28
CA ARG A 107 17.68 -15.73 -11.09
C ARG A 107 16.31 -15.06 -10.99
N PHE A 108 15.76 -14.92 -9.79
CA PHE A 108 14.41 -14.34 -9.57
C PHE A 108 14.26 -13.82 -8.14
N THR A 109 13.50 -12.73 -7.99
CA THR A 109 12.79 -12.37 -6.74
C THR A 109 11.36 -12.90 -6.85
N SER A 110 10.85 -13.51 -5.79
CA SER A 110 9.46 -14.01 -5.80
C SER A 110 8.97 -14.30 -4.39
N THR A 111 7.65 -14.29 -4.23
CA THR A 111 6.93 -14.67 -3.01
C THR A 111 6.51 -16.13 -3.07
N PHE A 112 6.48 -16.79 -1.92
CA PHE A 112 6.09 -18.21 -1.79
C PHE A 112 5.16 -18.39 -0.60
N GLN A 113 4.12 -19.19 -0.78
CA GLN A 113 3.27 -19.70 0.33
C GLN A 113 4.17 -20.43 1.34
N ALA A 114 3.90 -20.23 2.62
CA ALA A 114 4.41 -21.05 3.73
C ALA A 114 3.23 -21.36 4.64
N PRO A 115 2.42 -22.39 4.33
CA PRO A 115 1.26 -22.74 5.15
C PRO A 115 1.68 -23.47 6.43
N ALA A 116 2.99 -23.62 6.65
CA ALA A 116 3.58 -24.33 7.80
C ALA A 116 3.68 -23.41 9.02
N PHE A 117 2.77 -22.44 9.15
CA PHE A 117 2.80 -21.38 10.17
C PHE A 117 1.96 -21.86 11.36
N ASP A 118 2.59 -21.94 12.53
CA ASP A 118 1.98 -22.35 13.83
C ASP A 118 2.24 -21.25 14.84
N PHE A 119 1.26 -20.39 15.08
CA PHE A 119 1.39 -19.23 16.00
C PHE A 119 1.02 -19.66 17.43
N ARG A 120 0.93 -20.96 17.70
CA ARG A 120 0.53 -21.47 19.02
C ARG A 120 1.44 -20.85 20.08
N LEU A 121 2.75 -20.79 19.84
CA LEU A 121 3.71 -20.30 20.86
C LEU A 121 4.22 -18.91 20.48
N PHE A 122 3.56 -18.23 19.55
CA PHE A 122 3.96 -16.84 19.17
C PHE A 122 4.01 -16.00 20.44
N PRO A 123 5.11 -15.25 20.73
CA PRO A 123 6.21 -15.01 19.80
C PRO A 123 7.42 -15.96 19.87
N PHE A 124 7.43 -16.82 20.89
CA PHE A 124 8.44 -17.89 21.05
C PHE A 124 8.07 -19.02 20.09
N ASP A 125 8.32 -18.87 18.80
CA ASP A 125 7.97 -19.95 17.85
C ASP A 125 9.13 -20.12 16.86
N ASN A 126 9.20 -21.32 16.30
CA ASN A 126 10.13 -21.75 15.24
C ASN A 126 9.25 -22.24 14.09
N GLN A 127 9.51 -21.78 12.86
CA GLN A 127 8.59 -22.00 11.71
C GLN A 127 9.33 -22.71 10.58
N LEU A 128 8.57 -23.39 9.73
CA LEU A 128 9.07 -24.05 8.50
C LEU A 128 8.76 -23.16 7.30
N PHE A 129 9.81 -22.76 6.58
CA PHE A 129 9.74 -22.12 5.24
C PHE A 129 10.28 -23.10 4.22
N PHE A 130 9.59 -23.26 3.09
CA PHE A 130 10.02 -24.19 2.00
C PHE A 130 9.57 -23.67 0.63
N ILE A 131 10.39 -23.97 -0.38
CA ILE A 131 10.11 -23.81 -1.83
C ILE A 131 10.01 -25.22 -2.43
N HIS A 132 8.93 -25.49 -3.16
CA HIS A 132 8.71 -26.73 -3.95
C HIS A 132 8.99 -26.44 -5.42
N VAL A 133 9.83 -27.26 -6.05
CA VAL A 133 10.11 -27.28 -7.52
C VAL A 133 9.64 -28.63 -8.04
N ASP A 134 8.51 -28.66 -8.74
CA ASP A 134 7.91 -29.89 -9.35
C ASP A 134 8.31 -30.01 -10.83
N SER A 135 8.67 -31.21 -11.31
CA SER A 135 8.61 -31.57 -12.75
C SER A 135 7.12 -31.64 -13.12
N ILE A 136 6.71 -30.97 -14.20
CA ILE A 136 5.32 -31.12 -14.73
C ILE A 136 5.20 -32.55 -15.26
N PHE A 137 6.25 -33.05 -15.91
CA PHE A 137 6.31 -34.40 -16.54
C PHE A 137 6.69 -35.46 -15.51
N PRO A 138 6.14 -36.69 -15.65
CA PRO A 138 6.37 -37.78 -14.68
C PRO A 138 7.82 -38.29 -14.67
N GLN A 139 8.13 -39.15 -13.70
CA GLN A 139 9.47 -39.78 -13.54
C GLN A 139 9.77 -40.74 -14.69
N HIS A 140 8.74 -41.30 -15.35
CA HIS A 140 8.90 -42.22 -16.50
C HIS A 140 9.60 -41.49 -17.67
N LEU A 141 9.67 -40.15 -17.62
CA LEU A 141 10.30 -39.26 -18.64
C LEU A 141 11.51 -38.49 -18.07
N PHE A 142 11.34 -37.80 -16.93
CA PHE A 142 12.42 -37.06 -16.21
C PHE A 142 12.37 -37.34 -14.71
N ARG A 143 13.53 -37.73 -14.16
CA ARG A 143 13.76 -37.78 -12.69
C ARG A 143 14.71 -36.64 -12.31
N PHE A 144 14.32 -35.86 -11.29
CA PHE A 144 15.15 -34.79 -10.67
C PHE A 144 16.15 -35.46 -9.75
N GLN A 145 17.40 -34.98 -9.77
CA GLN A 145 18.47 -35.41 -8.83
C GLN A 145 19.05 -34.14 -8.21
N GLU A 146 19.63 -34.23 -7.02
CA GLU A 146 20.10 -33.03 -6.29
C GLU A 146 21.41 -32.57 -6.94
N MET A 147 21.40 -31.42 -7.61
CA MET A 147 22.64 -30.75 -8.04
C MET A 147 23.39 -30.40 -6.77
N GLN A 148 24.58 -30.96 -6.57
CA GLN A 148 25.29 -30.81 -5.27
C GLN A 148 26.31 -29.68 -5.36
N GLY A 149 26.62 -29.09 -4.20
CA GLY A 149 27.64 -28.05 -3.99
C GLY A 149 27.10 -26.66 -4.22
N PHE A 150 25.78 -26.48 -4.40
CA PHE A 150 25.16 -25.19 -4.77
C PHE A 150 23.90 -24.92 -3.94
N SER A 151 22.91 -25.83 -3.90
CA SER A 151 21.61 -25.63 -3.21
C SER A 151 21.85 -25.27 -1.74
N GLY A 152 21.08 -24.33 -1.20
CA GLY A 152 21.13 -23.92 0.22
C GLY A 152 20.68 -22.48 0.42
N LEU A 153 21.19 -21.81 1.47
CA LEU A 153 20.92 -20.38 1.76
C LEU A 153 22.25 -19.63 1.76
N GLY A 154 22.25 -18.33 1.43
CA GLY A 154 23.45 -17.48 1.36
C GLY A 154 23.82 -16.89 2.73
N ASP A 155 24.69 -15.88 2.72
CA ASP A 155 25.32 -15.27 3.91
C ASP A 155 24.58 -13.99 4.30
N GLN A 156 24.37 -13.11 3.32
CA GLN A 156 23.64 -11.83 3.45
C GLN A 156 22.21 -12.01 2.95
N LEU A 157 21.35 -12.52 3.84
CA LEU A 157 19.89 -12.72 3.62
C LEU A 157 19.14 -11.40 3.88
N GLY A 158 19.68 -10.57 4.79
CA GLY A 158 19.24 -9.19 5.08
C GLY A 158 18.08 -9.14 6.08
N GLU A 159 17.67 -10.30 6.60
CA GLU A 159 16.47 -10.46 7.49
C GLU A 159 16.92 -10.35 8.94
N GLU A 160 16.27 -9.49 9.74
CA GLU A 160 16.74 -9.07 11.08
C GLU A 160 15.91 -9.71 12.19
N GLU A 161 14.64 -10.06 11.93
CA GLU A 161 13.71 -10.60 12.97
C GLU A 161 13.96 -12.09 13.10
N TRP A 162 13.69 -12.85 12.03
CA TRP A 162 13.94 -14.30 11.98
C TRP A 162 15.44 -14.52 11.93
N ILE A 163 15.88 -15.66 12.46
CA ILE A 163 17.22 -16.21 12.14
C ILE A 163 17.05 -17.71 11.95
N VAL A 164 17.79 -18.24 10.97
CA VAL A 164 17.54 -19.59 10.38
C VAL A 164 18.29 -20.61 11.24
N THR A 165 17.60 -21.68 11.65
CA THR A 165 18.19 -22.77 12.46
C THR A 165 18.92 -23.75 11.52
N GLU A 166 18.21 -24.33 10.52
CA GLU A 166 18.69 -25.47 9.68
C GLU A 166 18.13 -25.37 8.25
N VAL A 167 18.92 -25.80 7.25
CA VAL A 167 18.57 -25.84 5.79
C VAL A 167 18.72 -27.28 5.29
N ASN A 168 17.69 -27.86 4.69
CA ASN A 168 17.76 -29.25 4.16
C ASN A 168 17.10 -29.29 2.80
N THR A 169 17.61 -30.12 1.89
CA THR A 169 17.12 -30.29 0.50
C THR A 169 16.90 -31.78 0.26
N HIS A 170 15.79 -32.16 -0.38
CA HIS A 170 15.48 -33.59 -0.62
C HIS A 170 14.45 -33.71 -1.73
N LEU A 171 14.43 -34.86 -2.42
CA LEU A 171 13.53 -35.15 -3.55
C LEU A 171 12.28 -35.86 -3.03
N THR A 172 11.25 -35.94 -3.85
CA THR A 172 9.98 -36.65 -3.54
C THR A 172 9.09 -36.64 -4.78
N THR A 173 7.93 -37.28 -4.69
CA THR A 173 6.96 -37.34 -5.81
C THR A 173 5.88 -36.29 -5.59
N HIS A 174 5.06 -36.04 -6.61
CA HIS A 174 3.73 -35.39 -6.51
C HIS A 174 2.81 -36.11 -7.51
N ASN A 175 1.56 -35.68 -7.65
CA ASN A 175 0.62 -36.25 -8.66
C ASN A 175 -0.36 -35.15 -9.08
N GLU A 176 0.19 -34.00 -9.48
CA GLU A 176 -0.55 -32.72 -9.64
C GLU A 176 -1.36 -32.74 -10.94
N PHE A 177 -0.73 -33.07 -12.06
CA PHE A 177 -1.36 -33.06 -13.42
C PHE A 177 -1.37 -34.47 -14.00
N THR A 178 -0.39 -35.29 -13.61
CA THR A 178 -0.19 -36.69 -14.04
C THR A 178 -0.99 -37.64 -13.13
N LYS A 179 -1.34 -38.82 -13.64
CA LYS A 179 -1.65 -40.02 -12.80
C LYS A 179 -0.31 -40.54 -12.26
N GLY A 180 0.71 -40.57 -13.11
CA GLY A 180 2.04 -41.11 -12.77
C GLY A 180 2.75 -40.28 -11.70
N ASP A 181 3.51 -40.94 -10.83
CA ASP A 181 4.49 -40.30 -9.91
C ASP A 181 5.37 -39.34 -10.72
N ALA A 182 5.69 -38.18 -10.13
CA ALA A 182 6.43 -37.06 -10.76
C ALA A 182 7.42 -36.45 -9.75
N SER A 183 8.60 -36.03 -10.22
CA SER A 183 9.68 -35.45 -9.38
C SER A 183 9.19 -34.19 -8.65
N ARG A 184 9.66 -33.97 -7.42
CA ARG A 184 9.58 -32.68 -6.68
C ARG A 184 10.84 -32.48 -5.82
N PHE A 185 11.69 -31.51 -6.20
CA PHE A 185 12.84 -31.02 -5.39
C PHE A 185 12.33 -30.02 -4.36
N VAL A 186 12.74 -30.15 -3.11
CA VAL A 186 12.28 -29.29 -1.98
C VAL A 186 13.49 -28.65 -1.29
N LEU A 187 13.48 -27.33 -1.16
CA LEU A 187 14.36 -26.54 -0.28
C LEU A 187 13.54 -26.12 0.94
N GLU A 188 13.80 -26.74 2.09
CA GLU A 188 13.23 -26.40 3.42
C GLU A 188 14.24 -25.55 4.19
N PHE A 189 13.75 -24.63 5.03
CA PHE A 189 14.53 -24.05 6.15
C PHE A 189 13.57 -23.77 7.32
N HIS A 190 14.08 -23.98 8.54
CA HIS A 190 13.45 -23.52 9.80
C HIS A 190 14.16 -22.25 10.24
N ALA A 191 13.41 -21.29 10.79
CA ALA A 191 13.95 -20.10 11.46
C ALA A 191 13.09 -19.84 12.69
N GLU A 192 13.64 -19.07 13.64
CA GLU A 192 12.94 -18.65 14.89
C GLU A 192 13.22 -17.16 15.13
N ARG A 193 12.29 -16.53 15.85
CA ARG A 193 12.21 -15.05 16.01
C ARG A 193 13.24 -14.56 17.03
N HIS A 194 13.82 -13.39 16.78
CA HIS A 194 14.60 -12.58 17.75
C HIS A 194 13.62 -11.81 18.65
N LEU A 195 13.56 -12.17 19.93
CA LEU A 195 12.47 -11.68 20.82
C LEU A 195 12.69 -10.24 21.26
N ASN A 196 13.79 -9.60 20.88
CA ASN A 196 14.12 -8.22 21.29
C ASN A 196 12.90 -7.32 21.09
N TYR A 197 12.39 -7.26 19.86
CA TYR A 197 11.24 -6.36 19.53
C TYR A 197 10.14 -6.61 20.57
N TYR A 198 9.69 -7.86 20.68
CA TYR A 198 8.56 -8.25 21.56
C TYR A 198 8.85 -7.79 22.99
N LEU A 199 10.08 -7.96 23.47
CA LEU A 199 10.50 -7.44 24.79
C LEU A 199 10.30 -5.93 24.82
N MET A 200 11.06 -5.23 23.99
CA MET A 200 11.32 -3.78 24.09
C MET A 200 10.03 -2.97 23.89
N ARG A 201 9.07 -3.51 23.11
CA ARG A 201 7.88 -2.75 22.64
C ARG A 201 6.60 -3.27 23.30
N ILE A 202 6.55 -4.54 23.74
CA ILE A 202 5.30 -5.16 24.30
C ILE A 202 5.48 -5.57 25.78
N LEU A 203 6.41 -6.46 26.10
CA LEU A 203 6.53 -6.97 27.50
C LEU A 203 6.93 -5.83 28.43
N ILE A 204 8.10 -5.23 28.22
CA ILE A 204 8.63 -4.12 29.07
C ILE A 204 7.51 -3.11 29.37
N PRO A 205 6.85 -2.50 28.35
CA PRO A 205 5.74 -1.58 28.61
C PRO A 205 4.63 -2.14 29.52
N VAL A 206 4.06 -3.28 29.17
CA VAL A 206 2.96 -3.94 29.94
C VAL A 206 3.39 -4.16 31.39
N LEU A 207 4.64 -4.57 31.62
CA LEU A 207 5.16 -4.79 33.00
C LEU A 207 5.32 -3.41 33.65
N LEU A 208 5.92 -2.46 32.94
CA LEU A 208 6.05 -1.06 33.43
C LEU A 208 4.68 -0.54 33.86
N ILE A 209 3.64 -0.64 33.01
CA ILE A 209 2.26 -0.17 33.33
C ILE A 209 1.81 -0.84 34.64
N ILE A 210 1.92 -2.17 34.69
CA ILE A 210 1.40 -2.99 35.83
C ILE A 210 2.12 -2.57 37.11
N THR A 211 3.44 -2.47 37.08
CA THR A 211 4.29 -2.17 38.26
C THR A 211 4.02 -0.76 38.79
N VAL A 212 4.13 0.22 37.89
CA VAL A 212 3.94 1.66 38.24
C VAL A 212 2.51 1.83 38.75
N SER A 213 1.55 1.08 38.23
CA SER A 213 0.17 1.04 38.75
C SER A 213 0.18 0.52 40.20
N TRP A 214 0.85 -0.59 40.46
CA TRP A 214 0.89 -1.22 41.81
C TRP A 214 1.45 -0.23 42.84
N PHE A 215 2.41 0.61 42.46
CA PHE A 215 2.94 1.64 43.38
C PHE A 215 1.77 2.43 43.98
N THR A 216 0.82 2.84 43.14
CA THR A 216 -0.26 3.78 43.55
C THR A 216 -1.26 3.08 44.48
N PHE A 217 -1.02 1.80 44.80
CA PHE A 217 -1.78 1.07 45.84
C PHE A 217 -1.39 1.62 47.21
N PHE A 218 -0.13 2.06 47.37
CA PHE A 218 0.41 2.56 48.67
C PHE A 218 -0.16 3.95 48.98
N LEU A 219 -0.93 4.53 48.08
CA LEU A 219 -1.72 5.76 48.36
C LEU A 219 -2.92 5.41 49.23
N GLN A 220 -3.49 4.22 49.06
CA GLN A 220 -4.67 3.74 49.83
C GLN A 220 -5.89 4.61 49.48
N ASP A 221 -5.88 5.21 48.30
CA ASP A 221 -7.13 5.70 47.65
C ASP A 221 -7.64 4.55 46.79
N TYR A 222 -8.81 3.99 47.15
CA TYR A 222 -9.45 2.83 46.47
C TYR A 222 -10.09 3.32 45.17
N THR A 223 -10.72 4.50 45.19
CA THR A 223 -11.30 5.17 44.00
C THR A 223 -10.20 5.30 42.94
N LYS A 224 -9.02 5.80 43.33
CA LYS A 224 -7.90 6.00 42.38
C LYS A 224 -7.48 4.67 41.76
N ARG A 225 -7.41 3.60 42.56
CA ARG A 225 -7.00 2.26 42.05
C ARG A 225 -8.03 1.80 41.01
N ILE A 226 -9.32 2.02 41.27
CA ILE A 226 -10.43 1.63 40.35
C ILE A 226 -10.25 2.38 39.03
N ASP A 227 -10.09 3.70 39.11
CA ASP A 227 -9.92 4.56 37.92
C ASP A 227 -8.65 4.13 37.17
N LEU A 228 -7.62 3.69 37.89
CA LEU A 228 -6.31 3.33 37.29
C LEU A 228 -6.49 2.04 36.50
N ALA A 229 -6.97 0.99 37.17
CA ALA A 229 -7.16 -0.37 36.61
C ALA A 229 -8.13 -0.31 35.44
N GLY A 230 -9.14 0.57 35.52
CA GLY A 230 -10.06 0.81 34.40
C GLY A 230 -9.35 1.31 33.15
N GLY A 231 -8.36 2.18 33.32
CA GLY A 231 -7.52 2.70 32.22
C GLY A 231 -6.60 1.62 31.71
N ASN A 232 -5.88 0.96 32.62
CA ASN A 232 -5.04 -0.23 32.33
C ASN A 232 -5.82 -1.17 31.40
N LEU A 233 -7.11 -1.41 31.69
CA LEU A 233 -7.95 -2.32 30.87
C LEU A 233 -7.90 -1.84 29.43
N LEU A 234 -8.28 -0.59 29.20
CA LEU A 234 -8.34 0.00 27.83
C LEU A 234 -6.96 -0.09 27.18
N LEU A 235 -5.90 0.25 27.92
CA LEU A 235 -4.52 0.10 27.43
C LEU A 235 -4.32 -1.31 26.87
N PHE A 236 -4.58 -2.35 27.67
CA PHE A 236 -4.42 -3.78 27.28
C PHE A 236 -5.32 -4.11 26.08
N ILE A 237 -6.55 -3.60 26.09
CA ILE A 237 -7.49 -3.75 24.94
C ILE A 237 -6.83 -3.16 23.69
N ALA A 238 -6.03 -2.10 23.82
CA ALA A 238 -5.24 -1.55 22.70
C ALA A 238 -4.12 -2.54 22.36
N PHE A 239 -3.25 -2.85 23.31
CA PHE A 239 -2.15 -3.81 23.13
C PHE A 239 -2.69 -5.07 22.44
N ASN A 240 -3.94 -5.43 22.74
CA ASN A 240 -4.68 -6.56 22.13
C ASN A 240 -4.86 -6.32 20.63
N PHE A 241 -5.17 -5.07 20.24
CA PHE A 241 -5.32 -4.66 18.83
C PHE A 241 -3.95 -4.57 18.15
N THR A 242 -2.92 -4.02 18.82
CA THR A 242 -1.55 -4.01 18.27
C THR A 242 -1.21 -5.41 17.76
N ILE A 243 -1.22 -6.37 18.68
CA ILE A 243 -0.77 -7.76 18.43
C ILE A 243 -1.70 -8.42 17.42
N SER A 244 -3.02 -8.28 17.56
CA SER A 244 -4.02 -8.88 16.64
C SER A 244 -3.63 -8.63 15.18
N SER A 245 -3.06 -7.46 14.87
CA SER A 245 -2.75 -7.03 13.48
C SER A 245 -1.48 -7.72 12.98
N ASP A 246 -0.41 -7.83 13.79
CA ASP A 246 0.81 -8.63 13.47
C ASP A 246 0.42 -9.93 12.78
N LEU A 247 -0.60 -10.60 13.30
CA LEU A 247 -1.02 -11.99 12.94
C LEU A 247 -2.24 -11.95 12.01
N PRO A 248 -2.57 -13.09 11.39
CA PRO A 248 -3.83 -13.27 10.66
C PRO A 248 -5.03 -13.39 11.59
N ARG A 249 -6.22 -13.62 11.02
CA ARG A 249 -7.50 -13.75 11.78
C ARG A 249 -7.66 -15.20 12.25
N LEU A 250 -6.61 -15.71 12.89
CA LEU A 250 -6.47 -17.14 13.29
C LEU A 250 -7.73 -17.58 14.02
N GLY A 251 -8.13 -18.83 13.77
CA GLY A 251 -9.22 -19.50 14.49
C GLY A 251 -8.69 -20.26 15.70
N TYR A 252 -7.41 -20.09 16.06
CA TYR A 252 -6.83 -20.71 17.27
C TYR A 252 -6.26 -19.62 18.19
N ILE A 253 -6.00 -19.99 19.45
CA ILE A 253 -5.57 -19.02 20.51
C ILE A 253 -4.04 -19.09 20.63
N THR A 254 -3.38 -18.00 20.28
CA THR A 254 -1.94 -17.73 20.51
C THR A 254 -1.59 -17.86 21.99
N LEU A 255 -0.31 -18.04 22.30
CA LEU A 255 0.23 -17.79 23.66
C LEU A 255 -0.03 -16.32 23.99
N MET A 256 0.48 -15.43 23.16
CA MET A 256 0.28 -13.97 23.29
C MET A 256 -1.19 -13.71 23.60
N ASP A 257 -2.10 -14.21 22.75
CA ASP A 257 -3.57 -14.12 22.94
C ASP A 257 -3.93 -14.35 24.41
N ALA A 258 -3.42 -15.44 25.00
CA ALA A 258 -3.73 -15.86 26.39
C ALA A 258 -3.16 -14.84 27.38
N PHE A 259 -1.89 -14.46 27.22
CA PHE A 259 -1.20 -13.48 28.11
C PHE A 259 -2.06 -12.22 28.24
N LEU A 260 -2.57 -11.70 27.12
CA LEU A 260 -3.43 -10.49 27.13
C LEU A 260 -4.69 -10.78 27.96
N VAL A 261 -5.40 -11.85 27.64
CA VAL A 261 -6.67 -12.16 28.36
C VAL A 261 -6.35 -12.36 29.84
N GLY A 262 -5.12 -12.79 30.15
CA GLY A 262 -4.62 -12.85 31.55
C GLY A 262 -4.81 -11.50 32.22
N THR A 263 -4.13 -10.48 31.70
CA THR A 263 -4.15 -9.10 32.24
C THR A 263 -5.60 -8.64 32.33
N PHE A 264 -6.41 -8.93 31.32
CA PHE A 264 -7.87 -8.65 31.28
C PHE A 264 -8.50 -9.14 32.57
N ILE A 265 -8.48 -10.46 32.76
CA ILE A 265 -9.16 -11.17 33.89
C ILE A 265 -8.69 -10.52 35.19
N ILE A 266 -7.38 -10.51 35.43
CA ILE A 266 -6.78 -9.87 36.64
C ILE A 266 -7.33 -8.45 36.79
N THR A 267 -7.07 -7.59 35.81
CA THR A 267 -7.35 -6.12 35.89
C THR A 267 -8.85 -5.94 36.09
N ALA A 268 -9.69 -6.80 35.52
CA ALA A 268 -11.15 -6.82 35.79
C ALA A 268 -11.40 -6.99 37.29
N LEU A 269 -10.66 -7.89 37.93
CA LEU A 269 -10.87 -8.24 39.36
C LEU A 269 -10.33 -7.11 40.22
N VAL A 270 -9.12 -6.63 39.92
CA VAL A 270 -8.53 -5.46 40.63
C VAL A 270 -9.62 -4.39 40.76
N VAL A 271 -10.32 -4.12 39.65
CA VAL A 271 -11.43 -3.13 39.64
C VAL A 271 -12.47 -3.61 40.65
N LEU A 272 -13.02 -4.81 40.45
CA LEU A 272 -14.09 -5.35 41.30
C LEU A 272 -13.68 -5.27 42.77
N GLY A 273 -12.51 -5.80 43.12
CA GLY A 273 -12.01 -5.90 44.51
C GLY A 273 -11.94 -4.54 45.20
N ASN A 274 -11.24 -3.59 44.59
CA ASN A 274 -11.10 -2.22 45.14
C ASN A 274 -12.49 -1.57 45.23
N VAL A 275 -13.39 -1.87 44.31
CA VAL A 275 -14.82 -1.42 44.39
C VAL A 275 -15.37 -1.82 45.75
N TRP A 276 -15.09 -3.05 46.18
CA TRP A 276 -15.65 -3.63 47.43
C TRP A 276 -14.99 -2.98 48.65
N LEU A 277 -13.66 -2.90 48.68
CA LEU A 277 -12.90 -2.13 49.70
C LEU A 277 -13.50 -0.72 49.84
N ARG A 278 -13.64 -0.01 48.72
CA ARG A 278 -14.21 1.36 48.70
C ARG A 278 -15.63 1.34 49.25
N ARG A 279 -16.41 0.30 48.95
CA ARG A 279 -17.80 0.17 49.43
C ARG A 279 -17.80 0.10 50.96
N LEU A 280 -16.86 -0.63 51.58
CA LEU A 280 -16.76 -0.73 53.06
C LEU A 280 -16.53 0.66 53.64
N GLU A 281 -15.57 1.41 53.12
CA GLU A 281 -15.32 2.83 53.48
C GLU A 281 -16.64 3.61 53.47
N ASN A 282 -17.50 3.38 52.48
CA ASN A 282 -18.77 4.13 52.26
C ASN A 282 -19.85 3.71 53.25
N HIS A 283 -19.66 2.61 54.00
CA HIS A 283 -20.65 2.09 54.99
C HIS A 283 -20.01 2.04 56.38
N GLY A 284 -19.12 3.00 56.67
CA GLY A 284 -18.55 3.25 58.00
C GLY A 284 -17.60 2.17 58.44
N LYS A 285 -17.19 1.28 57.53
CA LYS A 285 -16.29 0.15 57.85
C LYS A 285 -14.93 0.40 57.20
N GLN A 286 -14.45 1.65 57.25
CA GLN A 286 -13.14 2.11 56.70
C GLN A 286 -11.98 1.30 57.32
N ALA A 287 -12.07 0.98 58.62
CA ALA A 287 -11.02 0.35 59.45
C ALA A 287 -10.75 -1.08 58.98
N LEU A 288 -11.85 -1.79 58.72
CA LEU A 288 -11.89 -3.14 58.14
C LEU A 288 -11.16 -3.14 56.80
N ALA A 289 -11.66 -2.34 55.84
CA ALA A 289 -11.04 -2.14 54.52
C ALA A 289 -9.53 -2.02 54.72
N ARG A 290 -9.08 -1.07 55.55
CA ARG A 290 -7.64 -0.78 55.78
C ARG A 290 -6.93 -2.04 56.30
N LYS A 291 -7.63 -2.91 57.03
CA LYS A 291 -7.08 -4.23 57.41
C LYS A 291 -7.00 -5.11 56.17
N LEU A 292 -8.15 -5.45 55.58
CA LEU A 292 -8.25 -6.24 54.33
C LEU A 292 -7.27 -5.75 53.27
N ASP A 293 -7.11 -4.43 53.19
CA ASP A 293 -6.28 -3.75 52.15
C ASP A 293 -4.97 -4.52 51.94
N ILE A 294 -4.34 -4.99 53.02
CA ILE A 294 -3.01 -5.67 52.95
C ILE A 294 -3.11 -6.88 52.01
N TYR A 295 -4.20 -7.64 52.05
CA TYR A 295 -4.42 -8.76 51.10
C TYR A 295 -4.35 -8.21 49.68
N ALA A 296 -5.21 -7.21 49.41
CA ALA A 296 -5.36 -6.59 48.08
C ALA A 296 -4.01 -6.12 47.54
N ILE A 297 -3.18 -5.51 48.38
CA ILE A 297 -1.85 -4.96 47.97
C ILE A 297 -0.94 -6.12 47.54
N THR A 298 -0.95 -7.24 48.26
CA THR A 298 -0.07 -8.40 47.96
C THR A 298 -0.78 -9.37 46.99
N SER A 299 -2.07 -9.20 46.71
CA SER A 299 -2.80 -10.02 45.72
C SER A 299 -2.32 -9.67 44.31
N TYR A 300 -2.36 -8.38 43.98
CA TYR A 300 -2.00 -7.81 42.66
C TYR A 300 -0.72 -8.49 42.17
N PRO A 301 0.42 -8.40 42.89
CA PRO A 301 1.70 -8.95 42.43
C PRO A 301 1.70 -10.47 42.23
N LEU A 302 1.14 -11.19 43.20
CA LEU A 302 1.06 -12.67 43.18
C LEU A 302 0.21 -13.08 41.97
N ALA A 303 -0.95 -12.45 41.80
CA ALA A 303 -1.93 -12.78 40.74
C ALA A 303 -1.22 -12.80 39.38
N TYR A 304 -0.44 -11.77 39.07
CA TYR A 304 0.26 -11.66 37.76
C TYR A 304 1.36 -12.72 37.70
N LEU A 305 1.97 -13.11 38.82
CA LEU A 305 3.12 -14.05 38.79
C LEU A 305 2.66 -15.49 39.01
N LEU A 306 1.53 -15.73 39.70
N LEU A 306 1.53 -15.73 39.69
CA LEU A 306 0.76 -17.01 39.63
CA LEU A 306 0.83 -17.03 39.62
C LEU A 306 0.35 -17.24 38.16
C LEU A 306 0.34 -17.24 38.17
N GLY A 307 -0.21 -16.19 37.54
CA GLY A 307 -0.70 -16.23 36.14
C GLY A 307 0.42 -16.45 35.13
N ALA A 308 1.64 -15.96 35.43
CA ALA A 308 2.81 -16.08 34.53
C ALA A 308 3.23 -17.54 34.47
N LEU A 309 3.30 -18.20 35.63
CA LEU A 309 3.63 -19.64 35.73
C LEU A 309 2.47 -20.48 35.16
N THR A 310 1.22 -20.09 35.39
CA THR A 310 0.04 -20.82 34.84
C THR A 310 0.21 -21.06 33.34
N LEU A 311 0.49 -20.01 32.56
CA LEU A 311 0.63 -20.09 31.07
C LEU A 311 1.91 -20.87 30.72
N TRP A 312 3.05 -20.48 31.31
CA TRP A 312 4.36 -21.12 31.08
C TRP A 312 4.29 -22.64 31.35
N LEU A 313 3.23 -23.12 32.00
CA LEU A 313 2.97 -24.55 32.21
C LEU A 313 2.09 -25.07 31.08
N LEU A 314 1.00 -24.36 30.78
CA LEU A 314 -0.01 -24.80 29.79
C LEU A 314 0.63 -24.84 28.41
N PHE A 315 1.56 -23.92 28.10
CA PHE A 315 2.17 -23.81 26.75
C PHE A 315 3.53 -24.51 26.72
N PHE A 316 4.18 -24.70 27.88
CA PHE A 316 5.47 -25.43 28.02
C PHE A 316 5.41 -26.36 29.23
N GLU B 7 43.00 -16.64 -23.78
CA GLU B 7 43.11 -15.22 -23.30
C GLU B 7 41.73 -14.66 -22.98
N PRO B 8 41.47 -14.10 -21.77
CA PRO B 8 40.18 -13.47 -21.46
C PRO B 8 40.07 -11.98 -21.85
N SER B 9 38.91 -11.59 -22.41
CA SER B 9 38.64 -10.23 -22.95
C SER B 9 38.09 -9.31 -21.86
N ASP B 10 38.57 -8.07 -21.86
CA ASP B 10 38.18 -7.03 -20.87
C ASP B 10 36.77 -6.53 -21.21
N VAL B 11 35.97 -6.32 -20.15
CA VAL B 11 34.61 -5.72 -20.21
C VAL B 11 34.61 -4.50 -19.28
N PHE B 12 34.34 -3.33 -19.83
CA PHE B 12 34.50 -2.01 -19.14
C PHE B 12 33.16 -1.59 -18.53
N ILE B 13 33.01 -1.78 -17.20
CA ILE B 13 31.72 -1.66 -16.46
C ILE B 13 31.66 -0.28 -15.82
N GLY B 14 30.72 0.54 -16.28
CA GLY B 14 30.37 1.83 -15.68
C GLY B 14 28.96 1.79 -15.12
N LEU B 15 28.74 2.38 -13.94
CA LEU B 15 27.39 2.50 -13.32
C LEU B 15 27.25 3.83 -12.57
N LYS B 16 26.27 4.64 -12.97
CA LYS B 16 25.97 5.97 -12.39
C LYS B 16 24.54 5.97 -11.87
N ILE B 17 24.36 6.25 -10.58
CA ILE B 17 23.02 6.44 -9.94
C ILE B 17 22.59 7.89 -10.18
N ASP B 18 21.56 8.10 -11.01
CA ASP B 18 21.01 9.46 -11.30
C ASP B 18 20.14 9.90 -10.12
N GLN B 19 19.28 9.02 -9.63
CA GLN B 19 18.30 9.31 -8.55
C GLN B 19 18.42 8.25 -7.44
N ILE B 20 18.21 8.68 -6.18
CA ILE B 20 17.80 7.83 -5.04
C ILE B 20 16.30 8.09 -4.80
N THR B 21 15.44 7.20 -5.29
CA THR B 21 13.96 7.32 -5.23
C THR B 21 13.53 7.27 -3.76
N GLY B 22 14.30 6.52 -2.97
CA GLY B 22 14.20 6.52 -1.50
C GLY B 22 14.99 5.38 -0.89
N ILE B 23 15.10 5.41 0.42
CA ILE B 23 15.78 4.35 1.21
C ILE B 23 14.78 3.83 2.24
N ASN B 24 14.23 2.65 2.03
CA ASN B 24 13.30 2.02 3.01
C ASN B 24 14.15 1.33 4.08
N GLN B 25 14.42 2.02 5.19
CA GLN B 25 15.32 1.50 6.26
C GLN B 25 14.63 0.34 6.99
N LYS B 26 13.30 0.28 6.98
CA LYS B 26 12.55 -0.81 7.65
C LYS B 26 12.77 -2.13 6.90
N GLU B 27 12.80 -2.10 5.57
CA GLU B 27 12.96 -3.32 4.73
C GLU B 27 14.43 -3.43 4.29
N GLU B 28 15.29 -2.55 4.81
CA GLU B 28 16.76 -2.67 4.69
C GLU B 28 17.15 -2.72 3.20
N ASN B 29 16.52 -1.86 2.40
CA ASN B 29 16.82 -1.71 0.95
C ASN B 29 16.72 -0.24 0.57
N PHE B 30 17.22 0.09 -0.61
CA PHE B 30 17.16 1.43 -1.22
C PHE B 30 16.81 1.25 -2.69
N SER B 31 16.30 2.30 -3.33
CA SER B 31 15.91 2.29 -4.75
C SER B 31 16.49 3.50 -5.47
N VAL B 32 16.97 3.24 -6.68
CA VAL B 32 17.77 4.20 -7.51
C VAL B 32 17.30 4.11 -8.95
N VAL B 33 17.21 5.27 -9.61
CA VAL B 33 17.29 5.40 -11.08
C VAL B 33 18.78 5.43 -11.41
N GLY B 34 19.21 4.64 -12.39
CA GLY B 34 20.63 4.45 -12.73
C GLY B 34 20.84 4.01 -14.17
N SER B 35 22.04 4.25 -14.68
CA SER B 35 22.47 3.92 -16.05
C SER B 35 23.72 3.03 -15.99
N LEU B 36 23.65 1.83 -16.54
CA LEU B 36 24.81 0.89 -16.65
C LEU B 36 25.41 1.07 -18.03
N ARG B 37 26.73 1.19 -18.08
CA ARG B 37 27.48 1.37 -19.35
C ARG B 37 28.58 0.32 -19.41
N ILE B 38 28.61 -0.41 -20.52
CA ILE B 38 29.60 -1.49 -20.80
C ILE B 38 30.26 -1.18 -22.14
N ASP B 39 31.59 -1.16 -22.16
CA ASP B 39 32.41 -1.23 -23.38
C ASP B 39 33.05 -2.62 -23.45
N TRP B 40 32.98 -3.25 -24.63
CA TRP B 40 33.47 -4.63 -24.87
C TRP B 40 33.76 -4.84 -26.36
N ARG B 41 35.05 -4.84 -26.71
CA ARG B 41 35.60 -5.23 -28.05
C ARG B 41 35.43 -6.74 -28.22
N GLN B 42 34.72 -7.11 -29.27
CA GLN B 42 34.58 -8.49 -29.80
C GLN B 42 35.08 -8.45 -31.23
N PRO B 43 36.27 -9.03 -31.52
CA PRO B 43 36.82 -8.96 -32.87
C PRO B 43 35.84 -9.52 -33.91
N LEU B 44 35.16 -10.63 -33.60
CA LEU B 44 34.27 -11.34 -34.55
C LEU B 44 33.15 -10.41 -35.02
N LEU B 45 32.68 -9.52 -34.14
CA LEU B 45 31.55 -8.60 -34.45
C LEU B 45 32.00 -7.52 -35.46
N ALA B 46 33.31 -7.23 -35.52
CA ALA B 46 33.85 -6.18 -36.42
C ALA B 46 33.34 -6.43 -37.85
N PHE B 47 33.13 -5.36 -38.61
CA PHE B 47 32.55 -5.40 -39.97
C PHE B 47 33.20 -4.32 -40.84
N GLU B 48 33.11 -4.46 -42.16
CA GLU B 48 33.47 -3.44 -43.18
C GLU B 48 32.17 -2.79 -43.68
N HIS B 49 32.23 -1.52 -44.07
CA HIS B 49 31.08 -0.76 -44.63
C HIS B 49 31.40 -0.32 -46.07
N ALA B 50 30.38 -0.22 -46.91
CA ALA B 50 30.42 0.55 -48.18
C ALA B 50 30.54 2.02 -47.80
N PRO B 51 31.25 2.86 -48.59
CA PRO B 51 31.22 4.30 -48.35
C PRO B 51 29.74 4.72 -48.47
N GLY B 52 29.25 5.56 -47.55
CA GLY B 52 27.84 5.98 -47.50
C GLY B 52 26.97 5.08 -46.63
N GLU B 53 27.51 3.97 -46.12
CA GLU B 53 26.85 3.12 -45.09
C GLU B 53 27.51 3.34 -43.74
N PRO B 54 26.74 3.40 -42.65
CA PRO B 54 27.23 3.95 -41.39
C PRO B 54 28.36 3.12 -40.76
N LYS B 55 29.27 3.80 -40.08
CA LYS B 55 30.51 3.23 -39.48
C LYS B 55 30.16 2.56 -38.15
N HIS B 56 29.09 3.04 -37.50
CA HIS B 56 28.54 2.55 -36.21
C HIS B 56 27.11 2.03 -36.40
N ARG B 57 26.88 0.73 -36.16
CA ARG B 57 25.55 0.07 -36.25
C ARG B 57 24.86 0.09 -34.89
N THR B 58 23.60 0.53 -34.87
CA THR B 58 22.80 0.73 -33.63
C THR B 58 21.71 -0.33 -33.57
N TYR B 59 21.76 -1.17 -32.53
CA TYR B 59 20.90 -2.36 -32.32
C TYR B 59 20.09 -2.18 -31.03
N THR B 60 18.85 -2.66 -31.05
CA THR B 60 18.05 -2.98 -29.82
C THR B 60 18.72 -4.19 -29.17
N LEU B 61 18.73 -4.27 -27.84
CA LEU B 61 19.34 -5.43 -27.15
C LEU B 61 18.74 -6.72 -27.72
N ALA B 62 17.43 -6.70 -27.98
CA ALA B 62 16.66 -7.87 -28.48
C ALA B 62 17.39 -8.47 -29.70
N THR B 63 17.61 -7.69 -30.76
CA THR B 63 18.17 -8.19 -32.04
C THR B 63 19.69 -8.39 -31.88
N PHE B 64 20.37 -7.58 -31.07
CA PHE B 64 21.84 -7.69 -30.83
C PHE B 64 22.19 -9.06 -30.26
N LEU B 65 21.36 -9.60 -29.37
CA LEU B 65 21.60 -10.94 -28.80
C LEU B 65 21.27 -12.00 -29.85
N LYS B 66 20.16 -11.84 -30.57
CA LYS B 66 19.76 -12.78 -31.65
C LYS B 66 20.89 -12.82 -32.68
N LEU B 67 21.57 -11.70 -32.93
CA LEU B 67 22.79 -11.62 -33.79
C LEU B 67 23.90 -12.46 -33.17
N LEU B 68 24.22 -12.24 -31.89
CA LEU B 68 25.30 -12.97 -31.16
C LEU B 68 25.02 -14.47 -31.16
N GLU B 69 23.77 -14.87 -30.92
CA GLU B 69 23.34 -16.30 -30.93
C GLU B 69 23.63 -16.91 -32.31
N GLU B 70 23.28 -16.17 -33.37
CA GLU B 70 23.44 -16.59 -34.79
C GLU B 70 24.93 -16.77 -35.06
N LYS B 71 25.78 -15.84 -34.59
CA LYS B 71 27.24 -15.89 -34.81
C LYS B 71 27.92 -16.78 -33.76
N GLN B 72 27.15 -17.46 -32.90
CA GLN B 72 27.69 -18.33 -31.80
C GLN B 72 28.76 -17.58 -31.01
N ILE B 73 28.57 -16.29 -30.74
CA ILE B 73 29.48 -15.49 -29.88
C ILE B 73 28.88 -15.44 -28.48
N ARG B 74 29.69 -15.68 -27.46
CA ARG B 74 29.32 -15.55 -26.04
C ARG B 74 29.42 -14.08 -25.64
N TRP B 75 28.34 -13.55 -25.06
CA TRP B 75 28.25 -12.17 -24.49
C TRP B 75 28.60 -12.26 -23.00
N PRO B 76 29.15 -11.17 -22.41
CA PRO B 76 29.62 -11.21 -21.03
C PRO B 76 28.43 -11.09 -20.08
N ALA B 77 27.65 -12.16 -19.95
CA ALA B 77 26.38 -12.14 -19.18
C ALA B 77 26.73 -11.72 -17.76
N PHE B 78 25.93 -10.81 -17.21
CA PHE B 78 26.10 -10.22 -15.85
C PHE B 78 24.75 -10.20 -15.14
N THR B 79 24.77 -10.33 -13.82
CA THR B 79 23.62 -10.12 -12.90
C THR B 79 23.98 -8.99 -11.93
N TYR B 80 22.98 -8.24 -11.46
CA TYR B 80 23.08 -7.36 -10.27
C TYR B 80 22.79 -8.19 -9.02
N HIS B 81 23.79 -8.53 -8.20
CA HIS B 81 23.65 -9.58 -7.15
C HIS B 81 22.60 -9.16 -6.10
N ASN B 82 22.61 -7.87 -5.73
CA ASN B 82 21.79 -7.35 -4.61
C ASN B 82 20.50 -6.70 -5.15
N GLN B 83 20.13 -6.91 -6.42
CA GLN B 83 18.83 -6.47 -6.99
C GLN B 83 17.70 -7.15 -6.20
N GLN B 84 16.62 -6.41 -5.96
CA GLN B 84 15.36 -6.95 -5.39
C GLN B 84 14.21 -6.66 -6.36
N GLY B 85 13.32 -7.62 -6.53
CA GLY B 85 12.07 -7.48 -7.28
C GLY B 85 12.35 -7.14 -8.73
N ARG B 86 11.49 -6.35 -9.36
CA ARG B 86 11.61 -6.02 -10.80
C ARG B 86 12.59 -4.86 -10.97
N MET B 87 13.25 -4.84 -12.12
CA MET B 87 14.08 -3.72 -12.63
C MET B 87 13.36 -3.17 -13.87
N ASP B 88 12.69 -2.03 -13.73
CA ASP B 88 12.01 -1.35 -14.86
C ASP B 88 13.10 -0.73 -15.72
N PHE B 89 13.27 -1.23 -16.94
CA PHE B 89 14.28 -0.71 -17.89
C PHE B 89 13.68 0.46 -18.67
N GLN B 90 14.49 1.51 -18.85
CA GLN B 90 14.14 2.68 -19.69
C GLN B 90 14.68 2.46 -21.10
N ASN B 91 15.99 2.23 -21.20
CA ASN B 91 16.74 2.07 -22.48
C ASN B 91 17.65 0.87 -22.34
N ARG B 92 17.66 0.01 -23.35
CA ARG B 92 18.70 -1.04 -23.54
C ARG B 92 19.12 -0.97 -25.01
N LEU B 93 20.27 -0.31 -25.26
CA LEU B 93 20.70 0.13 -26.59
C LEU B 93 22.17 -0.26 -26.78
N ILE B 94 22.48 -0.85 -27.93
CA ILE B 94 23.85 -1.32 -28.31
C ILE B 94 24.35 -0.48 -29.48
N SER B 95 25.60 -0.02 -29.44
CA SER B 95 26.28 0.58 -30.61
C SER B 95 27.56 -0.20 -30.89
N LEU B 96 27.57 -0.85 -32.06
CA LEU B 96 28.66 -1.68 -32.61
C LEU B 96 29.44 -0.83 -33.62
N SER B 97 30.73 -0.59 -33.33
CA SER B 97 31.67 0.11 -34.24
C SER B 97 32.24 -0.90 -35.24
N GLU B 98 32.84 -0.42 -36.32
CA GLU B 98 33.51 -1.28 -37.33
C GLU B 98 34.53 -2.18 -36.63
N ASP B 99 35.27 -1.63 -35.67
CA ASP B 99 36.35 -2.32 -34.90
C ASP B 99 35.78 -3.54 -34.14
N GLY B 100 34.46 -3.62 -33.96
CA GLY B 100 33.81 -4.71 -33.20
C GLY B 100 33.73 -4.39 -31.72
N THR B 101 33.84 -3.09 -31.37
CA THR B 101 33.62 -2.54 -30.01
C THR B 101 32.12 -2.42 -29.82
N VAL B 102 31.58 -3.16 -28.84
CA VAL B 102 30.17 -3.05 -28.38
C VAL B 102 30.13 -1.96 -27.31
N MET B 103 29.21 -1.01 -27.47
CA MET B 103 28.89 0.00 -26.44
C MET B 103 27.43 -0.21 -26.02
N TYR B 104 27.22 -0.65 -24.78
CA TYR B 104 25.89 -0.99 -24.22
C TYR B 104 25.48 0.05 -23.19
N LEU B 105 24.21 0.46 -23.22
CA LEU B 105 23.58 1.35 -22.22
C LEU B 105 22.30 0.69 -21.70
N GLU B 106 22.21 0.55 -20.38
CA GLU B 106 21.03 0.00 -19.64
C GLU B 106 20.60 1.10 -18.66
N ARG B 107 19.49 1.79 -18.92
CA ARG B 107 18.89 2.73 -17.93
C ARG B 107 17.78 1.95 -17.19
N PHE B 108 17.68 2.12 -15.88
CA PHE B 108 16.69 1.38 -15.04
C PHE B 108 16.41 2.13 -13.73
N THR B 109 15.17 2.02 -13.26
CA THR B 109 14.79 2.16 -11.83
C THR B 109 14.76 0.77 -11.21
N SER B 110 15.32 0.60 -10.01
CA SER B 110 15.30 -0.71 -9.32
C SER B 110 15.64 -0.55 -7.84
N THR B 111 15.19 -1.53 -7.06
CA THR B 111 15.50 -1.70 -5.61
C THR B 111 16.69 -2.63 -5.43
N PHE B 112 17.47 -2.37 -4.39
CA PHE B 112 18.67 -3.17 -4.05
C PHE B 112 18.71 -3.43 -2.55
N GLN B 113 19.05 -4.66 -2.17
CA GLN B 113 19.40 -5.01 -0.77
C GLN B 113 20.58 -4.13 -0.32
N ALA B 114 20.54 -3.66 0.92
CA ALA B 114 21.69 -3.08 1.64
C ALA B 114 21.71 -3.69 3.03
N PRO B 115 22.29 -4.90 3.19
CA PRO B 115 22.33 -5.56 4.49
C PRO B 115 23.39 -4.95 5.41
N ALA B 116 24.04 -3.88 4.96
CA ALA B 116 25.09 -3.18 5.75
C ALA B 116 24.48 -2.16 6.71
N PHE B 117 23.29 -2.45 7.23
CA PHE B 117 22.50 -1.52 8.08
C PHE B 117 22.83 -1.83 9.54
N ASP B 118 23.36 -0.82 10.25
CA ASP B 118 23.75 -0.86 11.68
C ASP B 118 22.99 0.25 12.40
N PHE B 119 21.89 -0.09 13.07
CA PHE B 119 21.02 0.88 13.77
C PHE B 119 21.52 1.11 15.19
N ARG B 120 22.75 0.66 15.50
CA ARG B 120 23.32 0.74 16.86
C ARG B 120 23.25 2.19 17.32
N LEU B 121 23.61 3.15 16.46
CA LEU B 121 23.67 4.57 16.87
C LEU B 121 22.50 5.35 16.26
N PHE B 122 21.47 4.67 15.77
CA PHE B 122 20.28 5.34 15.22
C PHE B 122 19.75 6.31 16.28
N PRO B 123 19.50 7.60 15.98
CA PRO B 123 19.49 8.16 14.62
C PRO B 123 20.80 8.78 14.12
N PHE B 124 21.77 8.91 15.01
CA PHE B 124 23.14 9.37 14.68
C PHE B 124 23.89 8.20 14.05
N ASP B 125 23.60 7.85 12.80
CA ASP B 125 24.32 6.72 12.18
C ASP B 125 24.71 7.10 10.75
N ASN B 126 25.75 6.41 10.27
CA ASN B 126 26.29 6.50 8.90
C ASN B 126 26.22 5.08 8.33
N GLN B 127 25.67 4.92 7.13
CA GLN B 127 25.34 3.58 6.58
C GLN B 127 26.05 3.36 5.24
N LEU B 128 26.27 2.08 4.91
CA LEU B 128 26.86 1.65 3.62
C LEU B 128 25.74 1.18 2.69
N PHE B 129 25.62 1.83 1.55
CA PHE B 129 24.77 1.42 0.41
C PHE B 129 25.68 1.01 -0.75
N PHE B 130 25.38 -0.11 -1.39
CA PHE B 130 26.20 -0.65 -2.51
C PHE B 130 25.33 -1.43 -3.49
N ILE B 131 25.73 -1.37 -4.77
CA ILE B 131 25.23 -2.21 -5.89
C ILE B 131 26.39 -3.12 -6.33
N HIS B 132 26.13 -4.42 -6.41
CA HIS B 132 27.05 -5.44 -6.94
C HIS B 132 26.63 -5.80 -8.37
N VAL B 133 27.57 -5.73 -9.31
CA VAL B 133 27.43 -6.19 -10.72
C VAL B 133 28.43 -7.33 -10.90
N ASP B 134 27.93 -8.57 -10.96
CA ASP B 134 28.74 -9.80 -11.15
C ASP B 134 28.74 -10.21 -12.63
N SER B 135 29.90 -10.62 -13.19
CA SER B 135 29.97 -11.46 -14.41
C SER B 135 29.44 -12.84 -14.02
N ILE B 136 28.51 -13.40 -14.78
CA ILE B 136 28.07 -14.82 -14.56
C ILE B 136 29.25 -15.71 -14.90
N PHE B 137 29.98 -15.37 -15.98
CA PHE B 137 31.14 -16.13 -16.49
C PHE B 137 32.44 -15.76 -15.76
N PRO B 138 33.34 -16.74 -15.55
CA PRO B 138 34.58 -16.55 -14.80
C PRO B 138 35.58 -15.61 -15.47
N GLN B 139 36.64 -15.26 -14.75
CA GLN B 139 37.75 -14.38 -15.23
C GLN B 139 38.53 -15.06 -16.36
N HIS B 140 38.53 -16.40 -16.43
CA HIS B 140 39.22 -17.18 -17.50
C HIS B 140 38.62 -16.84 -18.87
N LEU B 141 37.41 -16.23 -18.90
CA LEU B 141 36.65 -15.85 -20.13
C LEU B 141 36.48 -14.33 -20.25
N PHE B 142 35.99 -13.66 -19.19
CA PHE B 142 35.80 -12.19 -19.13
C PHE B 142 36.32 -11.65 -17.79
N ARG B 143 37.17 -10.61 -17.87
CA ARG B 143 37.54 -9.77 -16.70
C ARG B 143 36.87 -8.39 -16.87
N PHE B 144 36.19 -7.93 -15.82
CA PHE B 144 35.60 -6.57 -15.71
C PHE B 144 36.72 -5.59 -15.39
N GLN B 145 36.69 -4.41 -16.01
CA GLN B 145 37.62 -3.29 -15.71
C GLN B 145 36.79 -2.03 -15.44
N GLU B 146 37.31 -1.12 -14.63
CA GLU B 146 36.62 0.13 -14.26
C GLU B 146 36.53 1.03 -15.48
N MET B 147 35.31 1.30 -15.95
CA MET B 147 35.11 2.29 -17.02
C MET B 147 35.28 3.69 -16.43
N GLN B 148 36.45 4.32 -16.58
CA GLN B 148 36.73 5.63 -15.93
C GLN B 148 35.92 6.73 -16.61
N GLY B 149 35.58 7.76 -15.83
CA GLY B 149 34.92 9.01 -16.28
C GLY B 149 33.41 8.90 -16.29
N PHE B 150 32.82 7.83 -15.73
CA PHE B 150 31.35 7.62 -15.77
C PHE B 150 30.80 7.21 -14.40
N SER B 151 31.30 6.11 -13.81
CA SER B 151 30.72 5.47 -12.60
C SER B 151 30.70 6.47 -11.44
N GLY B 152 29.62 6.47 -10.66
CA GLY B 152 29.45 7.30 -9.45
C GLY B 152 27.99 7.61 -9.13
N LEU B 153 27.76 8.69 -8.37
CA LEU B 153 26.43 9.26 -8.06
C LEU B 153 26.31 10.65 -8.70
N GLY B 154 25.10 11.06 -9.11
CA GLY B 154 24.83 12.36 -9.75
C GLY B 154 24.67 13.50 -8.75
N ASP B 155 24.06 14.62 -9.18
CA ASP B 155 23.84 15.85 -8.37
C ASP B 155 22.44 15.84 -7.78
N GLN B 156 21.44 15.56 -8.62
CA GLN B 156 20.00 15.62 -8.28
C GLN B 156 19.47 14.23 -7.96
N LEU B 157 19.77 13.75 -6.75
CA LEU B 157 19.41 12.40 -6.23
C LEU B 157 17.98 12.44 -5.68
N GLY B 158 17.55 13.59 -5.15
CA GLY B 158 16.16 13.88 -4.73
C GLY B 158 15.86 13.41 -3.32
N GLU B 159 16.86 12.87 -2.61
CA GLU B 159 16.74 12.29 -1.24
C GLU B 159 17.05 13.38 -0.22
N GLU B 160 16.18 13.59 0.77
CA GLU B 160 16.21 14.77 1.67
C GLU B 160 16.73 14.40 3.06
N GLU B 161 16.56 13.14 3.50
CA GLU B 161 16.92 12.69 4.88
C GLU B 161 18.41 12.36 4.89
N TRP B 162 18.80 11.34 4.12
CA TRP B 162 20.22 10.95 3.99
C TRP B 162 20.95 12.02 3.20
N ILE B 163 22.24 12.17 3.47
CA ILE B 163 23.16 12.87 2.54
C ILE B 163 24.47 12.09 2.50
N VAL B 164 25.04 12.00 1.30
CA VAL B 164 26.09 11.01 0.93
C VAL B 164 27.44 11.60 1.33
N THR B 165 28.25 10.82 2.06
CA THR B 165 29.59 11.25 2.52
C THR B 165 30.60 11.00 1.39
N GLU B 166 30.71 9.75 0.90
CA GLU B 166 31.79 9.31 -0.05
C GLU B 166 31.25 8.23 -1.00
N VAL B 167 31.73 8.25 -2.26
CA VAL B 167 31.39 7.29 -3.36
C VAL B 167 32.69 6.62 -3.82
N ASN B 168 32.77 5.29 -3.79
CA ASN B 168 33.97 4.58 -4.29
C ASN B 168 33.53 3.43 -5.17
N THR B 169 34.36 3.09 -6.16
CA THR B 169 34.18 1.94 -7.07
C THR B 169 35.44 1.09 -6.99
N HIS B 170 35.28 -0.22 -6.99
CA HIS B 170 36.43 -1.16 -7.04
C HIS B 170 35.94 -2.49 -7.59
N LEU B 171 36.88 -3.33 -8.03
CA LEU B 171 36.54 -4.65 -8.62
C LEU B 171 36.95 -5.72 -7.62
N THR B 172 36.41 -6.91 -7.77
CA THR B 172 36.75 -8.09 -6.94
C THR B 172 36.16 -9.35 -7.55
N THR B 173 36.36 -10.48 -6.91
CA THR B 173 35.88 -11.79 -7.42
C THR B 173 34.57 -12.13 -6.71
N HIS B 174 33.86 -13.16 -7.19
CA HIS B 174 32.81 -13.91 -6.48
C HIS B 174 32.97 -15.38 -6.85
N ASN B 175 32.10 -16.27 -6.38
CA ASN B 175 32.10 -17.71 -6.78
C ASN B 175 30.67 -18.23 -6.70
N GLU B 176 29.74 -17.55 -7.36
CA GLU B 176 28.28 -17.69 -7.16
C GLU B 176 27.78 -18.93 -7.93
N PHE B 177 28.11 -19.04 -9.21
CA PHE B 177 27.63 -20.14 -10.09
C PHE B 177 28.80 -20.99 -10.58
N THR B 178 29.98 -20.37 -10.69
CA THR B 178 31.27 -21.01 -11.08
C THR B 178 31.98 -21.58 -9.85
N LYS B 179 32.85 -22.58 -10.07
CA LYS B 179 33.95 -22.92 -9.12
C LYS B 179 35.02 -21.84 -9.27
N GLY B 180 35.30 -21.44 -10.51
CA GLY B 180 36.35 -20.46 -10.84
C GLY B 180 36.03 -19.08 -10.31
N ASP B 181 37.06 -18.33 -9.92
CA ASP B 181 36.98 -16.87 -9.64
C ASP B 181 36.27 -16.17 -10.80
N ALA B 182 35.42 -15.17 -10.49
CA ALA B 182 34.57 -14.42 -11.44
C ALA B 182 34.53 -12.94 -11.07
N SER B 183 34.49 -12.05 -12.07
CA SER B 183 34.50 -10.58 -11.88
C SER B 183 33.28 -10.13 -11.05
N ARG B 184 33.46 -9.10 -10.22
CA ARG B 184 32.37 -8.32 -9.58
C ARG B 184 32.78 -6.83 -9.46
N PHE B 185 32.11 -5.97 -10.22
CA PHE B 185 32.20 -4.50 -10.12
C PHE B 185 31.28 -4.02 -8.99
N VAL B 186 31.79 -3.16 -8.11
CA VAL B 186 31.02 -2.68 -6.92
C VAL B 186 30.98 -1.15 -6.96
N LEU B 187 29.77 -0.60 -6.87
CA LEU B 187 29.50 0.83 -6.57
C LEU B 187 29.04 0.90 -5.11
N GLU B 188 29.91 1.40 -4.23
CA GLU B 188 29.62 1.70 -2.81
C GLU B 188 29.32 3.19 -2.66
N PHE B 189 28.46 3.54 -1.71
CA PHE B 189 28.39 4.90 -1.11
C PHE B 189 28.00 4.80 0.36
N HIS B 190 28.58 5.68 1.18
CA HIS B 190 28.15 5.94 2.57
C HIS B 190 27.29 7.21 2.56
N ALA B 191 26.25 7.24 3.38
CA ALA B 191 25.48 8.47 3.68
C ALA B 191 25.13 8.46 5.16
N GLU B 192 24.79 9.63 5.70
CA GLU B 192 24.34 9.82 7.10
C GLU B 192 23.14 10.77 7.15
N ARG B 193 22.35 10.66 8.22
CA ARG B 193 21.00 11.27 8.36
C ARG B 193 21.10 12.76 8.70
N HIS B 194 20.12 13.53 8.21
CA HIS B 194 19.78 14.91 8.68
C HIS B 194 18.93 14.81 9.94
N LEU B 195 19.48 15.22 11.09
CA LEU B 195 18.84 14.97 12.41
C LEU B 195 17.67 15.93 12.64
N ASN B 196 17.43 16.90 11.75
CA ASN B 196 16.37 17.93 11.96
C ASN B 196 15.06 17.22 12.30
N TYR B 197 14.63 16.28 11.45
CA TYR B 197 13.37 15.55 11.68
C TYR B 197 13.34 15.01 13.13
N TYR B 198 14.35 14.22 13.48
CA TYR B 198 14.43 13.55 14.80
C TYR B 198 14.35 14.61 15.91
N LEU B 199 15.02 15.75 15.73
CA LEU B 199 14.91 16.90 16.66
C LEU B 199 13.44 17.33 16.73
N MET B 200 12.92 17.83 15.62
CA MET B 200 11.67 18.63 15.54
C MET B 200 10.46 17.82 15.98
N ARG B 201 10.49 16.49 15.77
CA ARG B 201 9.30 15.61 15.93
C ARG B 201 9.46 14.69 17.16
N ILE B 202 10.69 14.37 17.60
CA ILE B 202 10.94 13.39 18.71
C ILE B 202 11.61 14.05 19.91
N LEU B 203 12.82 14.61 19.77
CA LEU B 203 13.55 15.14 20.94
C LEU B 203 12.79 16.34 21.52
N ILE B 204 12.62 17.41 20.74
CA ILE B 204 11.92 18.65 21.19
C ILE B 204 10.66 18.28 21.97
N PRO B 205 9.69 17.52 21.40
CA PRO B 205 8.49 17.12 22.15
C PRO B 205 8.77 16.46 23.50
N VAL B 206 9.57 15.38 23.51
CA VAL B 206 9.91 14.62 24.74
C VAL B 206 10.53 15.56 25.79
N LEU B 207 11.39 16.49 25.38
CA LEU B 207 11.99 17.46 26.33
C LEU B 207 10.90 18.43 26.78
N LEU B 208 10.11 18.96 25.83
CA LEU B 208 8.96 19.84 26.16
C LEU B 208 8.07 19.15 27.20
N ILE B 209 7.65 17.89 26.97
CA ILE B 209 6.78 17.12 27.93
C ILE B 209 7.48 17.10 29.29
N ILE B 210 8.75 16.70 29.32
CA ILE B 210 9.53 16.51 30.57
C ILE B 210 9.61 17.83 31.33
N THR B 211 9.98 18.91 30.64
CA THR B 211 10.19 20.26 31.24
C THR B 211 8.89 20.82 31.81
N VAL B 212 7.87 20.88 30.97
CA VAL B 212 6.56 21.47 31.33
C VAL B 212 5.98 20.62 32.47
N SER B 213 6.26 19.32 32.51
CA SER B 213 5.90 18.43 33.64
C SER B 213 6.62 18.90 34.91
N TRP B 214 7.93 19.12 34.83
CA TRP B 214 8.75 19.52 36.01
C TRP B 214 8.21 20.82 36.61
N PHE B 215 7.72 21.75 35.80
CA PHE B 215 7.11 23.00 36.31
C PHE B 215 6.08 22.65 37.39
N THR B 216 5.22 21.67 37.12
CA THR B 216 4.04 21.36 37.97
C THR B 216 4.50 20.73 39.30
N PHE B 217 5.80 20.55 39.49
CA PHE B 217 6.38 20.10 40.77
C PHE B 217 6.27 21.26 41.77
N PHE B 218 6.36 22.51 41.30
CA PHE B 218 6.35 23.72 42.18
C PHE B 218 4.93 23.98 42.70
N LEU B 219 3.96 23.20 42.27
CA LEU B 219 2.60 23.21 42.87
C LEU B 219 2.64 22.51 44.22
N GLN B 220 3.47 21.48 44.37
CA GLN B 220 3.61 20.68 45.63
C GLN B 220 2.29 19.94 45.90
N ASP B 221 1.52 19.65 44.85
CA ASP B 221 0.55 18.53 44.88
C ASP B 221 1.29 17.27 44.41
N TYR B 222 1.44 16.29 45.31
CA TYR B 222 2.17 15.02 45.04
C TYR B 222 1.28 14.10 44.19
N THR B 223 -0.02 14.08 44.48
CA THR B 223 -1.04 13.33 43.71
C THR B 223 -0.97 13.79 42.25
N LYS B 224 -0.93 15.11 42.00
CA LYS B 224 -0.88 15.66 40.63
C LYS B 224 0.37 15.17 39.92
N ARG B 225 1.52 15.15 40.59
CA ARG B 225 2.80 14.71 39.99
C ARG B 225 2.67 13.24 39.59
N ILE B 226 2.05 12.42 40.44
CA ILE B 226 1.84 10.96 40.20
C ILE B 226 0.98 10.81 38.95
N ASP B 227 -0.15 11.50 38.89
CA ASP B 227 -1.09 11.46 37.75
C ASP B 227 -0.37 11.94 36.48
N LEU B 228 0.53 12.90 36.63
CA LEU B 228 1.22 13.50 35.47
C LEU B 228 2.21 12.49 34.91
N ALA B 229 3.11 12.00 35.76
CA ALA B 229 4.20 11.05 35.40
C ALA B 229 3.58 9.76 34.86
N GLY B 230 2.43 9.34 35.39
CA GLY B 230 1.68 8.20 34.86
C GLY B 230 1.25 8.40 33.41
N GLY B 231 0.85 9.62 33.05
CA GLY B 231 0.50 9.98 31.67
C GLY B 231 1.74 10.03 30.80
N ASN B 232 2.76 10.76 31.26
CA ASN B 232 4.11 10.82 30.64
C ASN B 232 4.52 9.40 30.24
N LEU B 233 4.33 8.42 31.13
CA LEU B 233 4.73 7.01 30.86
C LEU B 233 4.07 6.58 29.56
N LEU B 234 2.74 6.66 29.50
CA LEU B 234 1.96 6.21 28.33
C LEU B 234 2.43 6.97 27.09
N LEU B 235 2.62 8.29 27.20
CA LEU B 235 3.18 9.12 26.10
C LEU B 235 4.45 8.44 25.56
N PHE B 236 5.44 8.21 26.43
CA PHE B 236 6.76 7.59 26.04
C PHE B 236 6.53 6.19 25.46
N ILE B 237 5.63 5.41 26.05
CA ILE B 237 5.24 4.08 25.52
C ILE B 237 4.72 4.26 24.08
N ALA B 238 4.06 5.38 23.78
CA ALA B 238 3.63 5.70 22.40
C ALA B 238 4.87 6.04 21.57
N PHE B 239 5.64 7.05 22.00
CA PHE B 239 6.90 7.46 21.32
C PHE B 239 7.72 6.22 21.01
N ASN B 240 7.66 5.22 21.90
CA ASN B 240 8.32 3.89 21.76
C ASN B 240 7.76 3.17 20.53
N PHE B 241 6.46 3.24 20.32
CA PHE B 241 5.77 2.63 19.16
C PHE B 241 6.04 3.44 17.89
N THR B 242 6.03 4.78 17.95
CA THR B 242 6.42 5.62 16.79
C THR B 242 7.73 5.09 16.22
N ILE B 243 8.77 5.12 17.05
CA ILE B 243 10.16 4.82 16.64
C ILE B 243 10.24 3.33 16.25
N SER B 244 9.67 2.42 17.01
CA SER B 244 9.69 0.96 16.72
C SER B 244 9.35 0.70 15.25
N SER B 245 8.43 1.47 14.67
CA SER B 245 7.92 1.24 13.31
C SER B 245 8.92 1.74 12.25
N ASP B 246 9.54 2.92 12.44
CA ASP B 246 10.65 3.44 11.59
C ASP B 246 11.59 2.29 11.21
N LEU B 247 11.94 1.46 12.21
CA LEU B 247 13.01 0.43 12.15
C LEU B 247 12.40 -0.95 11.95
N PRO B 248 13.24 -1.95 11.59
CA PRO B 248 12.84 -3.36 11.59
C PRO B 248 12.70 -3.93 13.01
N ARG B 249 12.33 -5.20 13.10
CA ARG B 249 12.16 -5.92 14.40
C ARG B 249 13.52 -6.44 14.86
N LEU B 250 14.49 -5.53 14.90
CA LEU B 250 15.89 -5.80 15.25
C LEU B 250 15.96 -6.66 16.52
N GLY B 251 16.92 -7.58 16.54
CA GLY B 251 17.27 -8.37 17.73
C GLY B 251 18.33 -7.66 18.56
N TYR B 252 18.72 -6.43 18.21
CA TYR B 252 19.68 -5.63 19.01
C TYR B 252 19.02 -4.33 19.48
N ILE B 253 19.63 -3.69 20.47
CA ILE B 253 19.08 -2.48 21.14
C ILE B 253 19.74 -1.25 20.51
N THR B 254 18.92 -0.45 19.82
CA THR B 254 19.25 0.90 19.29
C THR B 254 19.73 1.80 20.42
N LEU B 255 20.42 2.89 20.06
CA LEU B 255 20.61 4.04 20.98
C LEU B 255 19.24 4.58 21.36
N MET B 256 18.46 4.97 20.35
CA MET B 256 17.05 5.45 20.53
C MET B 256 16.34 4.50 21.49
N ASP B 257 16.33 3.20 21.21
CA ASP B 257 15.74 2.16 22.09
C ASP B 257 16.08 2.44 23.54
N ALA B 258 17.36 2.68 23.85
CA ALA B 258 17.87 2.93 25.23
C ALA B 258 17.29 4.22 25.77
N PHE B 259 17.35 5.32 25.00
CA PHE B 259 16.85 6.65 25.41
C PHE B 259 15.38 6.52 25.86
N LEU B 260 14.56 5.79 25.11
CA LEU B 260 13.13 5.57 25.48
C LEU B 260 13.08 4.87 26.84
N VAL B 261 13.79 3.74 26.97
CA VAL B 261 13.78 2.96 28.25
C VAL B 261 14.26 3.86 29.38
N GLY B 262 15.18 4.80 29.08
CA GLY B 262 15.66 5.75 30.08
C GLY B 262 14.51 6.48 30.73
N THR B 263 13.73 7.19 29.91
CA THR B 263 12.54 7.96 30.35
C THR B 263 11.61 7.03 31.14
N PHE B 264 11.42 5.81 30.66
CA PHE B 264 10.63 4.75 31.33
C PHE B 264 11.07 4.64 32.80
N ILE B 265 12.32 4.23 32.98
CA ILE B 265 12.92 3.93 34.32
C ILE B 265 12.72 5.17 35.20
N ILE B 266 13.22 6.33 34.76
CA ILE B 266 13.06 7.61 35.48
C ILE B 266 11.58 7.81 35.85
N THR B 267 10.71 7.89 34.84
CA THR B 267 9.28 8.28 35.02
C THR B 267 8.61 7.25 35.94
N ALA B 268 9.02 5.98 35.88
CA ALA B 268 8.57 4.95 36.84
C ALA B 268 8.95 5.36 38.26
N LEU B 269 10.17 5.88 38.44
CA LEU B 269 10.74 6.29 39.75
C LEU B 269 9.98 7.49 40.29
N VAL B 270 9.82 8.50 39.43
CA VAL B 270 9.05 9.73 39.80
C VAL B 270 7.73 9.28 40.41
N VAL B 271 7.04 8.32 39.80
CA VAL B 271 5.75 7.80 40.33
C VAL B 271 6.01 7.23 41.72
N LEU B 272 6.90 6.22 41.80
CA LEU B 272 7.19 5.54 43.09
C LEU B 272 7.53 6.59 44.17
N GLY B 273 8.41 7.53 43.86
CA GLY B 273 8.91 8.54 44.82
C GLY B 273 7.81 9.45 45.35
N ASN B 274 7.09 10.13 44.46
CA ASN B 274 5.99 11.05 44.83
C ASN B 274 4.91 10.26 45.57
N VAL B 275 4.68 8.99 45.21
CA VAL B 275 3.77 8.08 45.97
C VAL B 275 4.19 8.11 47.44
N TRP B 276 5.49 8.02 47.70
CA TRP B 276 6.05 7.92 49.07
C TRP B 276 5.90 9.27 49.80
N LEU B 277 6.32 10.37 49.17
CA LEU B 277 6.07 11.74 49.67
C LEU B 277 4.59 11.89 50.05
N ARG B 278 3.68 11.56 49.14
CA ARG B 278 2.22 11.65 49.36
C ARG B 278 1.82 10.76 50.54
N ARG B 279 2.45 9.59 50.68
CA ARG B 279 2.15 8.64 51.78
C ARG B 279 2.48 9.31 53.11
N LEU B 280 3.60 10.04 53.21
CA LEU B 280 4.01 10.76 54.45
C LEU B 280 2.91 11.75 54.83
N GLU B 281 2.48 12.60 53.88
CA GLU B 281 1.33 13.53 54.05
C GLU B 281 0.15 12.80 54.68
N ASN B 282 -0.14 11.57 54.22
CA ASN B 282 -1.33 10.78 54.63
C ASN B 282 -1.16 10.19 56.05
N HIS B 283 0.06 10.22 56.62
CA HIS B 283 0.35 9.67 57.96
C HIS B 283 0.90 10.77 58.88
N GLY B 284 0.40 12.00 58.68
CA GLY B 284 0.62 13.15 59.58
C GLY B 284 2.02 13.69 59.50
N LYS B 285 2.82 13.25 58.52
CA LYS B 285 4.23 13.67 58.37
C LYS B 285 4.34 14.57 57.13
N GLN B 286 3.38 15.47 56.93
CA GLN B 286 3.32 16.44 55.80
C GLN B 286 4.58 17.33 55.77
N ALA B 287 5.07 17.73 56.96
CA ALA B 287 6.17 18.72 57.16
C ALA B 287 7.49 18.13 56.67
N LEU B 288 7.70 16.87 57.02
CA LEU B 288 8.83 16.01 56.56
C LEU B 288 8.86 15.97 55.04
N ALA B 289 7.79 15.46 54.43
CA ALA B 289 7.60 15.42 52.96
C ALA B 289 8.08 16.76 52.40
N ARG B 290 7.50 17.87 52.88
CA ARG B 290 7.80 19.24 52.36
C ARG B 290 9.30 19.54 52.50
N LYS B 291 9.96 18.97 53.51
CA LYS B 291 11.44 19.06 53.64
C LYS B 291 12.07 18.22 52.52
N LEU B 292 11.86 16.92 52.59
CA LEU B 292 12.39 15.95 51.60
C LEU B 292 12.08 16.37 50.19
N ASP B 293 10.91 17.01 49.98
CA ASP B 293 10.41 17.42 48.64
C ASP B 293 11.54 18.06 47.84
N ILE B 294 12.39 18.90 48.47
CA ILE B 294 13.43 19.67 47.75
C ILE B 294 14.36 18.71 47.00
N TYR B 295 14.65 17.56 47.58
CA TYR B 295 15.43 16.49 46.89
C TYR B 295 14.68 16.13 45.62
N ALA B 296 13.42 15.72 45.78
CA ALA B 296 12.56 15.23 44.68
C ALA B 296 12.51 16.27 43.55
N ILE B 297 12.40 17.56 43.86
CA ILE B 297 12.31 18.64 42.83
C ILE B 297 13.60 18.67 42.00
N THR B 298 14.76 18.53 42.64
CA THR B 298 16.08 18.60 41.96
C THR B 298 16.52 17.20 41.49
N SER B 299 15.88 16.13 41.96
CA SER B 299 16.18 14.74 41.50
C SER B 299 15.75 14.60 40.05
N TYR B 300 14.53 15.06 39.79
CA TYR B 300 13.87 15.02 38.48
C TYR B 300 14.89 15.41 37.39
N PRO B 301 15.33 16.69 37.33
CA PRO B 301 16.19 17.20 36.26
C PRO B 301 17.58 16.58 36.22
N LEU B 302 18.15 16.26 37.39
CA LEU B 302 19.47 15.61 37.48
C LEU B 302 19.41 14.25 36.79
N ALA B 303 18.42 13.43 37.14
CA ALA B 303 18.35 12.04 36.65
C ALA B 303 18.27 12.04 35.12
N TYR B 304 17.50 12.94 34.52
CA TYR B 304 17.40 13.03 33.04
C TYR B 304 18.77 13.42 32.46
N LEU B 305 19.58 14.20 33.17
CA LEU B 305 20.87 14.72 32.64
C LEU B 305 22.05 13.86 33.12
N LEU B 306 21.93 13.19 34.26
CA LEU B 306 22.80 12.03 34.65
C LEU B 306 22.60 10.92 33.59
N GLY B 307 21.34 10.64 33.25
CA GLY B 307 20.93 9.62 32.26
C GLY B 307 21.39 9.96 30.86
N ALA B 308 21.52 11.26 30.52
CA ALA B 308 22.03 11.74 29.21
C ALA B 308 23.50 11.32 29.05
N LEU B 309 24.32 11.58 30.06
CA LEU B 309 25.75 11.16 30.07
C LEU B 309 25.87 9.64 30.20
N THR B 310 24.99 8.97 30.96
CA THR B 310 24.99 7.48 31.07
C THR B 310 25.04 6.86 29.66
N LEU B 311 24.13 7.24 28.77
CA LEU B 311 24.05 6.69 27.39
C LEU B 311 25.22 7.21 26.55
N TRP B 312 25.43 8.52 26.51
CA TRP B 312 26.44 9.18 25.66
C TRP B 312 27.84 8.64 25.97
N LEU B 313 27.99 7.93 27.09
CA LEU B 313 29.25 7.23 27.44
C LEU B 313 29.14 5.78 26.99
N LEU B 314 28.01 5.13 27.30
CA LEU B 314 27.74 3.71 26.94
C LEU B 314 27.83 3.52 25.41
N PHE B 315 27.36 4.48 24.61
CA PHE B 315 27.30 4.36 23.12
C PHE B 315 28.48 5.09 22.47
N PHE B 316 29.09 6.06 23.15
CA PHE B 316 30.30 6.79 22.68
C PHE B 316 31.30 6.92 23.83
N GLU C 7 26.41 16.19 -41.42
CA GLU C 7 25.29 17.17 -41.17
C GLU C 7 24.24 16.52 -40.27
N PRO C 8 23.86 17.12 -39.11
CA PRO C 8 22.86 16.53 -38.21
C PRO C 8 21.39 16.86 -38.53
N SER C 9 20.51 15.85 -38.43
CA SER C 9 19.07 15.95 -38.82
C SER C 9 18.24 16.37 -37.60
N ASP C 10 17.27 17.24 -37.86
CA ASP C 10 16.36 17.83 -36.85
C ASP C 10 15.35 16.76 -36.43
N VAL C 11 15.05 16.72 -35.13
CA VAL C 11 14.01 15.84 -34.52
C VAL C 11 13.05 16.75 -33.76
N PHE C 12 11.77 16.74 -34.12
CA PHE C 12 10.74 17.70 -33.63
C PHE C 12 9.99 17.07 -32.45
N ILE C 13 10.34 17.51 -31.23
CA ILE C 13 9.89 16.88 -29.95
C ILE C 13 8.70 17.68 -29.41
N GLY C 14 7.53 17.05 -29.36
CA GLY C 14 6.33 17.59 -28.71
C GLY C 14 5.92 16.73 -27.53
N LEU C 15 5.52 17.35 -26.41
CA LEU C 15 5.08 16.62 -25.20
C LEU C 15 3.94 17.36 -24.50
N LYS C 16 2.79 16.71 -24.36
CA LYS C 16 1.57 17.26 -23.72
C LYS C 16 1.18 16.35 -22.55
N ILE C 17 1.09 16.92 -21.35
CA ILE C 17 0.55 16.22 -20.14
C ILE C 17 -0.98 16.32 -20.17
N ASP C 18 -1.69 15.21 -20.39
CA ASP C 18 -3.18 15.17 -20.42
C ASP C 18 -3.70 15.20 -18.99
N GLN C 19 -3.10 14.39 -18.11
CA GLN C 19 -3.55 14.23 -16.69
C GLN C 19 -2.36 14.43 -15.75
N ILE C 20 -2.62 15.01 -14.56
CA ILE C 20 -1.78 14.87 -13.34
C ILE C 20 -2.51 13.90 -12.41
N THR C 21 -2.08 12.63 -12.38
CA THR C 21 -2.70 11.53 -11.59
C THR C 21 -2.55 11.86 -10.11
N GLY C 22 -1.44 12.54 -9.77
CA GLY C 22 -1.22 13.14 -8.44
C GLY C 22 0.20 13.61 -8.27
N ILE C 23 0.46 14.34 -7.20
CA ILE C 23 1.82 14.82 -6.83
C ILE C 23 2.10 14.30 -5.43
N ASN C 24 2.98 13.30 -5.31
CA ASN C 24 3.39 12.78 -3.98
C ASN C 24 4.51 13.68 -3.45
N GLN C 25 4.16 14.69 -2.65
CA GLN C 25 5.14 15.68 -2.14
C GLN C 25 6.09 15.02 -1.14
N LYS C 26 5.68 13.93 -0.49
CA LYS C 26 6.54 13.21 0.50
C LYS C 26 7.69 12.54 -0.23
N GLU C 27 7.44 11.94 -1.40
CA GLU C 27 8.46 11.20 -2.19
C GLU C 27 9.01 12.11 -3.28
N GLU C 28 8.61 13.38 -3.29
CA GLU C 28 9.24 14.45 -4.12
C GLU C 28 9.16 14.03 -5.59
N ASN C 29 8.00 13.52 -6.00
CA ASN C 29 7.72 13.16 -7.41
C ASN C 29 6.26 13.48 -7.73
N PHE C 30 5.93 13.45 -9.01
CA PHE C 30 4.56 13.64 -9.54
C PHE C 30 4.35 12.61 -10.65
N SER C 31 3.09 12.33 -10.96
CA SER C 31 2.71 11.35 -12.00
C SER C 31 1.68 11.94 -12.94
N VAL C 32 1.88 11.67 -14.23
CA VAL C 32 1.14 12.30 -15.37
C VAL C 32 0.81 11.22 -16.39
N VAL C 33 -0.39 11.31 -16.94
CA VAL C 33 -0.73 10.75 -18.27
C VAL C 33 -0.29 11.78 -19.30
N GLY C 34 0.42 11.35 -20.34
CA GLY C 34 1.06 12.24 -21.32
C GLY C 34 1.27 11.57 -22.66
N SER C 35 1.39 12.38 -23.72
CA SER C 35 1.59 11.95 -25.12
C SER C 35 2.86 12.63 -25.65
N LEU C 36 3.85 11.84 -26.07
CA LEU C 36 5.08 12.34 -26.73
C LEU C 36 4.86 12.26 -28.24
N ARG C 37 5.19 13.33 -28.95
CA ARG C 37 5.08 13.38 -30.43
C ARG C 37 6.42 13.82 -31.00
N ILE C 38 6.92 13.03 -31.96
CA ILE C 38 8.20 13.26 -32.66
C ILE C 38 7.92 13.26 -34.15
N ASP C 39 8.38 14.32 -34.83
CA ASP C 39 8.52 14.38 -36.31
C ASP C 39 10.00 14.31 -36.64
N TRP C 40 10.37 13.48 -37.63
CA TRP C 40 11.77 13.21 -38.05
C TRP C 40 11.81 12.66 -39.47
N ARG C 41 12.19 13.52 -40.42
CA ARG C 41 12.55 13.16 -41.83
C ARG C 41 13.86 12.38 -41.81
N GLN C 42 13.79 11.16 -42.35
CA GLN C 42 14.93 10.31 -42.69
C GLN C 42 14.81 10.02 -44.18
N PRO C 43 15.66 10.60 -45.05
CA PRO C 43 15.53 10.38 -46.48
C PRO C 43 15.58 8.89 -46.82
N LEU C 44 16.45 8.12 -46.16
CA LEU C 44 16.68 6.68 -46.46
C LEU C 44 15.39 5.88 -46.26
N LEU C 45 14.55 6.28 -45.31
CA LEU C 45 13.28 5.58 -45.01
C LEU C 45 12.26 5.80 -46.14
N ALA C 46 12.44 6.87 -46.94
CA ALA C 46 11.52 7.20 -48.06
C ALA C 46 11.43 5.99 -48.97
N PHE C 47 10.28 5.81 -49.62
CA PHE C 47 10.04 4.67 -50.54
C PHE C 47 9.18 5.11 -51.72
N GLU C 48 9.01 4.25 -52.73
CA GLU C 48 8.13 4.48 -53.91
C GLU C 48 6.83 3.68 -53.74
N HIS C 49 5.70 4.24 -54.19
CA HIS C 49 4.37 3.58 -54.26
C HIS C 49 3.93 3.53 -55.72
N ALA C 50 3.11 2.52 -56.10
CA ALA C 50 2.33 2.56 -57.36
C ALA C 50 1.25 3.61 -57.19
N PRO C 51 0.84 4.35 -58.25
CA PRO C 51 -0.29 5.26 -58.12
C PRO C 51 -1.49 4.40 -57.69
N GLY C 52 -2.27 4.87 -56.71
CA GLY C 52 -3.42 4.14 -56.16
C GLY C 52 -3.05 3.21 -54.99
N GLU C 53 -1.77 3.10 -54.64
CA GLU C 53 -1.29 2.42 -53.42
C GLU C 53 -0.84 3.46 -52.40
N PRO C 54 -1.10 3.24 -51.10
CA PRO C 54 -1.09 4.33 -50.12
C PRO C 54 0.28 4.98 -49.96
N LYS C 55 0.27 6.30 -49.73
CA LYS C 55 1.47 7.16 -49.70
C LYS C 55 2.10 7.04 -48.30
N HIS C 56 1.28 6.67 -47.30
CA HIS C 56 1.66 6.60 -45.86
C HIS C 56 1.56 5.17 -45.31
N ARG C 57 2.70 4.65 -44.82
CA ARG C 57 2.80 3.33 -44.14
C ARG C 57 2.66 3.51 -42.63
N THR C 58 1.78 2.73 -42.00
CA THR C 58 1.52 2.76 -40.53
C THR C 58 2.11 1.52 -39.87
N TYR C 59 3.09 1.73 -38.99
CA TYR C 59 3.88 0.67 -38.33
C TYR C 59 3.66 0.69 -36.82
N THR C 60 3.66 -0.49 -36.21
CA THR C 60 3.87 -0.70 -34.75
C THR C 60 5.34 -0.36 -34.47
N LEU C 61 5.64 0.22 -33.31
CA LEU C 61 7.06 0.56 -32.99
C LEU C 61 7.92 -0.69 -33.16
N ALA C 62 7.39 -1.84 -32.75
CA ALA C 62 8.06 -3.16 -32.81
C ALA C 62 8.70 -3.36 -34.19
N THR C 63 7.88 -3.35 -35.26
CA THR C 63 8.33 -3.68 -36.63
C THR C 63 9.09 -2.47 -37.21
N PHE C 64 8.72 -1.24 -36.86
CA PHE C 64 9.39 -0.01 -37.37
C PHE C 64 10.88 -0.01 -37.00
N LEU C 65 11.22 -0.48 -35.80
CA LEU C 65 12.64 -0.55 -35.38
C LEU C 65 13.32 -1.71 -36.11
N LYS C 66 12.64 -2.85 -36.20
CA LYS C 66 13.19 -4.04 -36.90
C LYS C 66 13.46 -3.64 -38.36
N LEU C 67 12.62 -2.76 -38.93
CA LEU C 67 12.83 -2.16 -40.29
C LEU C 67 14.12 -1.33 -40.28
N LEU C 68 14.26 -0.39 -39.33
CA LEU C 68 15.44 0.52 -39.20
C LEU C 68 16.71 -0.31 -39.03
N GLU C 69 16.67 -1.36 -38.20
CA GLU C 69 17.81 -2.28 -37.95
C GLU C 69 18.24 -2.93 -39.27
N GLU C 70 17.25 -3.40 -40.04
CA GLU C 70 17.44 -4.09 -41.34
C GLU C 70 18.11 -3.12 -42.31
N LYS C 71 17.65 -1.88 -42.36
CA LYS C 71 18.19 -0.83 -43.27
C LYS C 71 19.43 -0.18 -42.66
N GLN C 72 19.91 -0.65 -41.51
CA GLN C 72 21.09 -0.07 -40.80
C GLN C 72 20.95 1.46 -40.67
N ILE C 73 19.75 1.95 -40.38
CA ILE C 73 19.51 3.40 -40.11
C ILE C 73 19.48 3.58 -38.59
N ARG C 74 20.18 4.60 -38.11
CA ARG C 74 20.16 5.03 -36.68
C ARG C 74 18.90 5.87 -36.43
N TRP C 75 18.14 5.50 -35.41
CA TRP C 75 16.94 6.25 -34.90
C TRP C 75 17.38 7.18 -33.79
N PRO C 76 16.68 8.32 -33.57
CA PRO C 76 17.14 9.32 -32.62
C PRO C 76 16.78 8.86 -31.19
N ALA C 77 17.52 7.88 -30.67
CA ALA C 77 17.19 7.24 -29.37
C ALA C 77 17.18 8.34 -28.31
N PHE C 78 16.15 8.33 -27.46
CA PHE C 78 15.91 9.33 -26.39
C PHE C 78 15.52 8.60 -25.10
N THR C 79 15.89 9.20 -23.96
CA THR C 79 15.45 8.79 -22.60
C THR C 79 14.71 9.98 -21.97
N TYR C 80 13.76 9.70 -21.08
CA TYR C 80 13.17 10.69 -20.14
C TYR C 80 14.05 10.73 -18.88
N HIS C 81 14.85 11.78 -18.67
CA HIS C 81 15.95 11.74 -17.67
C HIS C 81 15.37 11.58 -16.25
N ASN C 82 14.26 12.26 -15.95
CA ASN C 82 13.69 12.32 -14.59
C ASN C 82 12.54 11.31 -14.43
N GLN C 83 12.39 10.34 -15.34
CA GLN C 83 11.44 9.21 -15.19
C GLN C 83 11.80 8.42 -13.93
N GLN C 84 10.80 7.96 -13.20
CA GLN C 84 10.94 7.01 -12.07
C GLN C 84 10.09 5.77 -12.35
N GLY C 85 10.61 4.60 -12.00
CA GLY C 85 9.87 3.32 -12.03
C GLY C 85 9.43 3.00 -13.45
N ARG C 86 8.29 2.35 -13.60
CA ARG C 86 7.79 1.90 -14.92
C ARG C 86 7.06 3.05 -15.60
N MET C 87 7.08 3.04 -16.94
CA MET C 87 6.25 3.88 -17.81
C MET C 87 5.27 2.96 -18.55
N ASP C 88 4.01 2.93 -18.12
CA ASP C 88 2.94 2.13 -18.77
C ASP C 88 2.60 2.84 -20.08
N PHE C 89 2.93 2.22 -21.21
CA PHE C 89 2.64 2.78 -22.55
C PHE C 89 1.21 2.40 -22.97
N GLN C 90 0.49 3.36 -23.55
CA GLN C 90 -0.86 3.16 -24.12
C GLN C 90 -0.71 2.84 -25.61
N ASN C 91 -0.06 3.74 -26.34
CA ASN C 91 0.13 3.68 -27.81
C ASN C 91 1.59 4.01 -28.11
N ARG C 92 2.20 3.21 -28.98
CA ARG C 92 3.50 3.53 -29.62
C ARG C 92 3.33 3.19 -31.11
N LEU C 93 3.10 4.23 -31.91
CA LEU C 93 2.59 4.12 -33.30
C LEU C 93 3.40 5.05 -34.20
N ILE C 94 3.83 4.54 -35.36
CA ILE C 94 4.69 5.24 -36.35
C ILE C 94 3.90 5.43 -37.63
N SER C 95 3.96 6.63 -38.25
CA SER C 95 3.45 6.86 -39.63
C SER C 95 4.57 7.42 -40.49
N LEU C 96 4.95 6.63 -41.50
CA LEU C 96 6.00 6.89 -42.50
C LEU C 96 5.36 7.36 -43.81
N SER C 97 5.99 8.31 -44.51
CA SER C 97 5.47 8.92 -45.77
C SER C 97 6.37 8.51 -46.94
N GLU C 98 5.96 8.77 -48.18
CA GLU C 98 6.77 8.62 -49.43
C GLU C 98 8.16 9.22 -49.17
N ASP C 99 8.14 10.45 -48.65
CA ASP C 99 9.30 11.35 -48.38
C ASP C 99 10.26 10.73 -47.37
N GLY C 100 9.76 9.89 -46.46
CA GLY C 100 10.59 9.32 -45.37
C GLY C 100 10.54 10.19 -44.11
N THR C 101 9.46 10.95 -43.96
CA THR C 101 9.09 11.66 -42.70
C THR C 101 8.45 10.64 -41.76
N VAL C 102 9.08 10.42 -40.60
CA VAL C 102 8.55 9.56 -39.51
C VAL C 102 7.71 10.46 -38.61
N MET C 103 6.49 10.02 -38.32
CA MET C 103 5.62 10.63 -37.27
C MET C 103 5.39 9.59 -36.17
N TYR C 104 5.92 9.84 -34.98
CA TYR C 104 5.86 8.91 -33.83
C TYR C 104 4.92 9.48 -32.76
N LEU C 105 4.10 8.61 -32.16
CA LEU C 105 3.24 8.93 -30.99
C LEU C 105 3.50 7.91 -29.87
N GLU C 106 3.83 8.40 -28.67
CA GLU C 106 4.04 7.60 -27.44
C GLU C 106 3.07 8.15 -26.40
N ARG C 107 1.99 7.43 -26.09
CA ARG C 107 1.09 7.78 -24.94
C ARG C 107 1.53 6.95 -23.74
N PHE C 108 1.57 7.54 -22.55
CA PHE C 108 2.05 6.85 -21.32
C PHE C 108 1.50 7.52 -20.06
N THR C 109 1.24 6.72 -19.03
CA THR C 109 1.23 7.14 -17.61
C THR C 109 2.61 6.86 -17.01
N SER C 110 3.17 7.79 -16.25
CA SER C 110 4.49 7.58 -15.61
C SER C 110 4.72 8.60 -14.50
N THR C 111 5.60 8.23 -13.58
CA THR C 111 6.09 9.08 -12.47
C THR C 111 7.40 9.74 -12.86
N PHE C 112 7.63 10.95 -12.37
CA PHE C 112 8.85 11.73 -12.65
C PHE C 112 9.36 12.38 -11.35
N GLN C 113 10.68 12.33 -11.17
CA GLN C 113 11.38 13.12 -10.13
C GLN C 113 11.06 14.60 -10.32
N ALA C 114 10.84 15.31 -9.21
CA ALA C 114 10.83 16.77 -9.14
C ALA C 114 11.68 17.18 -7.95
N PRO C 115 13.02 17.27 -8.10
CA PRO C 115 13.91 17.65 -7.01
C PRO C 115 13.85 19.15 -6.73
N ALA C 116 12.98 19.88 -7.44
CA ALA C 116 12.86 21.36 -7.31
C ALA C 116 11.89 21.72 -6.18
N PHE C 117 11.84 20.90 -5.14
CA PHE C 117 10.85 21.04 -4.04
C PHE C 117 11.49 21.85 -2.92
N ASP C 118 10.88 22.99 -2.59
CA ASP C 118 11.30 23.92 -1.51
C ASP C 118 10.13 24.10 -0.54
N PHE C 119 10.15 23.39 0.59
CA PHE C 119 9.06 23.40 1.59
C PHE C 119 9.28 24.54 2.58
N ARG C 120 10.19 25.46 2.28
CA ARG C 120 10.53 26.57 3.21
C ARG C 120 9.26 27.32 3.56
N LEU C 121 8.38 27.58 2.60
CA LEU C 121 7.16 28.39 2.86
C LEU C 121 5.92 27.49 2.90
N PHE C 122 6.10 26.18 3.02
CA PHE C 122 4.95 25.23 3.11
C PHE C 122 4.07 25.69 4.26
N PRO C 123 2.74 25.87 4.09
CA PRO C 123 1.99 25.44 2.90
C PRO C 123 1.81 26.48 1.78
N PHE C 124 2.17 27.72 2.07
CA PHE C 124 2.18 28.84 1.10
C PHE C 124 3.41 28.68 0.21
N ASP C 125 3.42 27.73 -0.72
CA ASP C 125 4.62 27.56 -1.58
C ASP C 125 4.16 27.36 -3.02
N ASN C 126 5.08 27.70 -3.93
CA ASN C 126 4.96 27.54 -5.39
C ASN C 126 6.16 26.69 -5.82
N GLN C 127 5.91 25.63 -6.60
CA GLN C 127 6.93 24.59 -6.88
C GLN C 127 7.13 24.46 -8.38
N LEU C 128 8.31 23.97 -8.75
CA LEU C 128 8.69 23.67 -10.16
C LEU C 128 8.55 22.17 -10.40
N PHE C 129 7.70 21.81 -11.35
CA PHE C 129 7.56 20.44 -11.90
C PHE C 129 8.05 20.47 -13.35
N PHE C 130 8.87 19.49 -13.75
CA PHE C 130 9.44 19.42 -15.12
C PHE C 130 9.68 17.96 -15.52
N ILE C 131 9.54 17.72 -16.82
CA ILE C 131 9.93 16.47 -17.54
C ILE C 131 11.09 16.83 -18.47
N HIS C 132 12.19 16.07 -18.39
CA HIS C 132 13.36 16.15 -19.29
C HIS C 132 13.27 15.01 -20.30
N VAL C 133 13.40 15.35 -21.59
CA VAL C 133 13.53 14.40 -22.73
C VAL C 133 14.91 14.64 -23.34
N ASP C 134 15.86 13.74 -23.11
CA ASP C 134 17.24 13.81 -23.65
C ASP C 134 17.36 12.95 -24.92
N SER C 135 18.07 13.44 -25.96
CA SER C 135 18.66 12.59 -27.02
C SER C 135 19.80 11.81 -26.38
N ILE C 136 19.86 10.49 -26.55
CA ILE C 136 21.04 9.69 -26.09
C ILE C 136 22.23 10.10 -26.97
N PHE C 137 21.98 10.29 -28.27
CA PHE C 137 23.01 10.66 -29.28
C PHE C 137 23.25 12.16 -29.30
N PRO C 138 24.51 12.59 -29.57
CA PRO C 138 24.89 14.01 -29.52
C PRO C 138 24.23 14.85 -30.62
N GLN C 139 24.41 16.17 -30.55
CA GLN C 139 23.89 17.16 -31.53
C GLN C 139 24.58 16.99 -32.88
N HIS C 140 25.83 16.47 -32.91
CA HIS C 140 26.60 16.24 -34.16
C HIS C 140 25.86 15.23 -35.05
N LEU C 141 24.87 14.50 -34.50
CA LEU C 141 24.05 13.47 -35.19
C LEU C 141 22.56 13.87 -35.25
N PHE C 142 21.95 14.22 -34.10
CA PHE C 142 20.55 14.69 -33.99
C PHE C 142 20.46 15.93 -33.11
N ARG C 143 19.81 16.99 -33.62
CA ARG C 143 19.39 18.16 -32.82
C ARG C 143 17.86 18.12 -32.68
N PHE C 144 17.36 18.25 -31.45
CA PHE C 144 15.93 18.36 -31.10
C PHE C 144 15.50 19.79 -31.39
N GLN C 145 14.32 19.94 -31.97
CA GLN C 145 13.67 21.27 -32.21
C GLN C 145 12.26 21.18 -31.63
N GLU C 146 11.68 22.31 -31.24
CA GLU C 146 10.35 22.33 -30.59
C GLU C 146 9.29 22.06 -31.64
N MET C 147 8.56 20.95 -31.51
CA MET C 147 7.37 20.69 -32.35
C MET C 147 6.27 21.69 -31.94
N GLN C 148 6.12 22.79 -32.67
CA GLN C 148 5.23 23.89 -32.24
C GLN C 148 3.77 23.46 -32.44
N GLY C 149 2.88 23.99 -31.60
CA GLY C 149 1.42 23.80 -31.69
C GLY C 149 0.95 22.54 -30.98
N PHE C 150 1.79 21.92 -30.14
CA PHE C 150 1.43 20.65 -29.44
C PHE C 150 1.81 20.68 -27.95
N SER C 151 3.09 20.92 -27.66
CA SER C 151 3.68 20.82 -26.29
C SER C 151 2.93 21.74 -25.34
N GLY C 152 2.65 21.28 -24.11
CA GLY C 152 1.94 22.05 -23.06
C GLY C 152 1.27 21.16 -22.03
N LEU C 153 0.26 21.69 -21.33
CA LEU C 153 -0.63 20.96 -20.40
C LEU C 153 -2.07 21.02 -20.92
N GLY C 154 -2.89 20.01 -20.62
CA GLY C 154 -4.29 19.90 -21.07
C GLY C 154 -5.26 20.65 -20.17
N ASP C 155 -6.56 20.37 -20.29
CA ASP C 155 -7.67 21.08 -19.61
C ASP C 155 -8.10 20.31 -18.37
N GLN C 156 -8.33 19.00 -18.54
CA GLN C 156 -8.79 18.07 -17.47
C GLN C 156 -7.58 17.30 -16.92
N LEU C 157 -6.84 17.94 -16.02
CA LEU C 157 -5.64 17.38 -15.34
C LEU C 157 -6.07 16.52 -14.15
N GLY C 158 -7.20 16.88 -13.51
CA GLY C 158 -7.88 16.13 -12.44
C GLY C 158 -7.28 16.38 -11.06
N GLU C 159 -6.31 17.30 -10.96
CA GLU C 159 -5.56 17.61 -9.72
C GLU C 159 -6.26 18.76 -9.00
N GLU C 160 -6.57 18.60 -7.71
CA GLU C 160 -7.49 19.49 -6.95
C GLU C 160 -6.72 20.38 -5.98
N GLU C 161 -5.54 19.93 -5.50
CA GLU C 161 -4.75 20.68 -4.47
C GLU C 161 -3.93 21.74 -5.18
N TRP C 162 -3.00 21.30 -6.03
CA TRP C 162 -2.14 22.22 -6.80
C TRP C 162 -3.01 22.86 -7.88
N ILE C 163 -2.63 24.07 -8.27
CA ILE C 163 -3.12 24.67 -9.54
C ILE C 163 -1.94 25.37 -10.18
N VAL C 164 -1.88 25.24 -11.50
CA VAL C 164 -0.66 25.51 -12.31
C VAL C 164 -0.64 27.00 -12.64
N THR C 165 0.48 27.67 -12.39
CA THR C 165 0.66 29.12 -12.66
C THR C 165 1.03 29.29 -14.14
N GLU C 166 2.12 28.67 -14.60
CA GLU C 166 2.73 28.89 -15.94
C GLU C 166 3.36 27.60 -16.50
N VAL C 167 3.28 27.42 -17.83
CA VAL C 167 3.84 26.27 -18.61
C VAL C 167 4.82 26.82 -19.64
N ASN C 168 6.06 26.38 -19.63
CA ASN C 168 7.05 26.85 -20.63
C ASN C 168 7.84 25.64 -21.12
N THR C 169 8.24 25.69 -22.39
CA THR C 169 9.07 24.64 -23.04
C THR C 169 10.35 25.29 -23.55
N HIS C 170 11.49 24.68 -23.29
CA HIS C 170 12.80 25.23 -23.68
C HIS C 170 13.74 24.08 -24.06
N LEU C 171 14.77 24.36 -24.83
CA LEU C 171 15.75 23.33 -25.27
C LEU C 171 17.06 23.60 -24.55
N THR C 172 17.90 22.59 -24.41
CA THR C 172 19.28 22.77 -23.87
C THR C 172 20.11 21.52 -24.14
N THR C 173 21.35 21.53 -23.69
CA THR C 173 22.28 20.39 -23.86
C THR C 173 22.26 19.53 -22.59
N HIS C 174 22.87 18.36 -22.66
CA HIS C 174 23.31 17.55 -21.48
C HIS C 174 24.65 16.90 -21.88
N ASN C 175 25.25 16.08 -21.00
CA ASN C 175 26.49 15.33 -21.32
C ASN C 175 26.49 14.01 -20.54
N GLU C 176 25.40 13.26 -20.67
CA GLU C 176 25.05 12.12 -19.78
C GLU C 176 25.88 10.89 -20.17
N PHE C 177 25.88 10.52 -21.45
CA PHE C 177 26.56 9.28 -21.95
C PHE C 177 27.68 9.65 -22.92
N THR C 178 27.52 10.78 -23.60
CA THR C 178 28.47 11.37 -24.58
C THR C 178 29.47 12.27 -23.87
N LYS C 179 30.65 12.46 -24.47
CA LYS C 179 31.54 13.63 -24.22
C LYS C 179 30.88 14.83 -24.89
N GLY C 180 30.36 14.63 -26.11
CA GLY C 180 29.76 15.69 -26.94
C GLY C 180 28.48 16.24 -26.34
N ASP C 181 28.24 17.54 -26.51
CA ASP C 181 26.92 18.20 -26.26
C ASP C 181 25.82 17.38 -26.93
N ALA C 182 24.66 17.26 -26.27
CA ALA C 182 23.50 16.44 -26.67
C ALA C 182 22.19 17.18 -26.37
N SER C 183 21.18 17.02 -27.23
CA SER C 183 19.87 17.72 -27.11
C SER C 183 19.17 17.32 -25.80
N ARG C 184 18.43 18.27 -25.20
CA ARG C 184 17.44 18.01 -24.13
C ARG C 184 16.25 18.96 -24.26
N PHE C 185 15.08 18.43 -24.62
CA PHE C 185 13.77 19.14 -24.61
C PHE C 185 13.21 19.10 -23.20
N VAL C 186 12.75 20.25 -22.68
CA VAL C 186 12.24 20.39 -21.29
C VAL C 186 10.82 20.95 -21.35
N LEU C 187 9.89 20.26 -20.68
CA LEU C 187 8.54 20.76 -20.32
C LEU C 187 8.58 21.09 -18.82
N GLU C 188 8.58 22.38 -18.49
CA GLU C 188 8.45 22.92 -17.11
C GLU C 188 7.00 23.34 -16.87
N PHE C 189 6.53 23.22 -15.62
CA PHE C 189 5.37 23.98 -15.10
C PHE C 189 5.60 24.30 -13.63
N HIS C 190 5.15 25.49 -13.22
CA HIS C 190 5.02 25.89 -11.80
C HIS C 190 3.55 25.72 -11.42
N ALA C 191 3.30 25.27 -10.19
CA ALA C 191 1.96 25.28 -9.57
C ALA C 191 2.11 25.68 -8.11
N GLU C 192 1.00 26.11 -7.49
CA GLU C 192 0.91 26.46 -6.06
C GLU C 192 -0.38 25.90 -5.46
N ARG C 193 -0.42 25.78 -4.13
CA ARG C 193 -1.40 24.99 -3.36
C ARG C 193 -2.70 25.77 -3.11
N HIS C 194 -3.86 25.11 -3.28
CA HIS C 194 -5.19 25.54 -2.76
C HIS C 194 -5.26 25.31 -1.25
N LEU C 195 -5.14 26.39 -0.48
CA LEU C 195 -4.82 26.34 0.96
C LEU C 195 -6.05 25.95 1.79
N ASN C 196 -7.22 25.77 1.15
CA ASN C 196 -8.48 25.44 1.84
C ASN C 196 -8.23 24.29 2.82
N TYR C 197 -7.69 23.17 2.34
CA TYR C 197 -7.40 22.00 3.21
C TYR C 197 -6.69 22.48 4.49
N TYR C 198 -5.55 23.14 4.32
CA TYR C 198 -4.67 23.59 5.45
C TYR C 198 -5.50 24.45 6.40
N LEU C 199 -6.33 25.35 5.87
CA LEU C 199 -7.26 26.14 6.71
C LEU C 199 -8.18 25.19 7.49
N MET C 200 -9.01 24.45 6.76
CA MET C 200 -10.20 23.74 7.27
C MET C 200 -9.83 22.67 8.28
N ARG C 201 -8.64 22.06 8.13
CA ARG C 201 -8.24 20.85 8.88
C ARG C 201 -7.14 21.16 9.90
N ILE C 202 -6.31 22.22 9.70
CA ILE C 202 -5.15 22.53 10.59
C ILE C 202 -5.32 23.89 11.27
N LEU C 203 -5.41 25.01 10.54
CA LEU C 203 -5.44 26.35 11.19
C LEU C 203 -6.72 26.48 12.03
N ILE C 204 -7.89 26.39 11.40
CA ILE C 204 -9.21 26.55 12.10
C ILE C 204 -9.19 25.75 13.41
N PRO C 205 -8.93 24.42 13.40
CA PRO C 205 -8.86 23.66 14.66
C PRO C 205 -7.91 24.24 15.72
N VAL C 206 -6.65 24.46 15.36
CA VAL C 206 -5.60 25.00 16.28
C VAL C 206 -6.06 26.33 16.87
N LEU C 207 -6.68 27.20 16.07
CA LEU C 207 -7.20 28.50 16.58
C LEU C 207 -8.41 28.22 17.48
N LEU C 208 -9.32 27.37 17.04
CA LEU C 208 -10.48 26.95 17.86
C LEU C 208 -9.98 26.45 19.23
N ILE C 209 -9.02 25.52 19.27
CA ILE C 209 -8.45 24.97 20.55
C ILE C 209 -7.95 26.14 21.39
N ILE C 210 -7.12 27.00 20.80
CA ILE C 210 -6.43 28.11 21.51
C ILE C 210 -7.49 29.05 22.11
N THR C 211 -8.47 29.45 21.31
CA THR C 211 -9.49 30.45 21.68
C THR C 211 -10.40 29.91 22.79
N VAL C 212 -10.97 28.74 22.55
CA VAL C 212 -11.90 28.08 23.50
C VAL C 212 -11.16 27.81 24.81
N SER C 213 -9.86 27.52 24.73
CA SER C 213 -8.98 27.41 25.92
C SER C 213 -8.93 28.76 26.65
N TRP C 214 -8.68 29.85 25.95
CA TRP C 214 -8.57 31.20 26.55
C TRP C 214 -9.85 31.56 27.31
N PHE C 215 -11.01 31.15 26.81
CA PHE C 215 -12.29 31.42 27.52
C PHE C 215 -12.16 30.95 28.98
N THR C 216 -11.61 29.75 29.19
CA THR C 216 -11.59 29.09 30.52
C THR C 216 -10.62 29.81 31.46
N PHE C 217 -9.95 30.87 30.99
CA PHE C 217 -9.13 31.75 31.85
C PHE C 217 -10.08 32.57 32.75
N PHE C 218 -11.27 32.90 32.26
CA PHE C 218 -12.25 33.75 33.00
C PHE C 218 -12.89 32.96 34.15
N LEU C 219 -12.57 31.69 34.27
CA LEU C 219 -12.95 30.87 35.46
C LEU C 219 -12.06 31.27 36.64
N GLN C 220 -10.80 31.62 36.38
CA GLN C 220 -9.80 32.00 37.42
C GLN C 220 -9.53 30.79 38.33
N ASP C 221 -9.71 29.58 37.81
CA ASP C 221 -9.02 28.38 38.34
C ASP C 221 -7.69 28.27 37.59
N TYR C 222 -6.57 28.43 38.31
CA TYR C 222 -5.19 28.38 37.75
C TYR C 222 -4.82 26.93 37.47
N THR C 223 -5.18 26.02 38.37
CA THR C 223 -4.99 24.55 38.21
C THR C 223 -5.65 24.12 36.89
N LYS C 224 -6.89 24.56 36.62
CA LYS C 224 -7.62 24.18 35.39
C LYS C 224 -6.85 24.66 34.16
N ARG C 225 -6.32 25.89 34.19
CA ARG C 225 -5.56 26.47 33.04
C ARG C 225 -4.32 25.60 32.80
N ILE C 226 -3.63 25.18 33.87
CA ILE C 226 -2.41 24.33 33.79
C ILE C 226 -2.79 23.01 33.13
N ASP C 227 -3.83 22.35 33.63
CA ASP C 227 -4.30 21.05 33.10
C ASP C 227 -4.71 21.22 31.65
N LEU C 228 -5.27 22.38 31.30
CA LEU C 228 -5.79 22.63 29.94
C LEU C 228 -4.60 22.75 28.99
N ALA C 229 -3.69 23.68 29.29
CA ALA C 229 -2.50 24.00 28.47
C ALA C 229 -1.61 22.76 28.33
N GLY C 230 -1.54 21.93 29.38
CA GLY C 230 -0.85 20.64 29.34
C GLY C 230 -1.41 19.70 28.28
N GLY C 231 -2.73 19.68 28.13
CA GLY C 231 -3.43 18.90 27.09
C GLY C 231 -3.19 19.51 25.72
N ASN C 232 -3.43 20.82 25.60
CA ASN C 232 -3.11 21.62 24.39
C ASN C 232 -1.73 21.22 23.88
N LEU C 233 -0.74 21.09 24.77
CA LEU C 233 0.64 20.73 24.38
C LEU C 233 0.59 19.43 23.58
N LEU C 234 0.03 18.39 24.18
CA LEU C 234 -0.04 17.03 23.56
C LEU C 234 -0.79 17.14 22.23
N LEU C 235 -1.92 17.86 22.21
CA LEU C 235 -2.69 18.12 20.96
C LEU C 235 -1.71 18.61 19.88
N PHE C 236 -1.00 19.71 20.14
CA PHE C 236 -0.04 20.33 19.17
C PHE C 236 1.07 19.33 18.80
N ILE C 237 1.58 18.60 19.78
CA ILE C 237 2.58 17.51 19.54
C ILE C 237 1.98 16.50 18.54
N ALA C 238 0.67 16.26 18.58
CA ALA C 238 -0.01 15.42 17.58
C ALA C 238 -0.04 16.16 16.24
N PHE C 239 -0.63 17.35 16.22
CA PHE C 239 -0.70 18.20 15.00
C PHE C 239 0.68 18.24 14.35
N ASN C 240 1.74 18.21 15.17
CA ASN C 240 3.16 18.18 14.74
C ASN C 240 3.44 16.88 13.97
N PHE C 241 2.89 15.76 14.43
CA PHE C 241 3.01 14.44 13.76
C PHE C 241 2.13 14.39 12.50
N THR C 242 0.91 14.92 12.53
CA THR C 242 0.06 15.03 11.32
C THR C 242 0.90 15.60 10.19
N ILE C 243 1.37 16.83 10.40
CA ILE C 243 2.08 17.64 9.37
C ILE C 243 3.39 16.94 9.01
N SER C 244 4.18 16.48 9.98
CA SER C 244 5.48 15.80 9.75
C SER C 244 5.34 14.75 8.64
N SER C 245 4.21 14.06 8.57
CA SER C 245 4.00 12.92 7.65
C SER C 245 3.70 13.42 6.23
N ASP C 246 2.88 14.46 6.06
CA ASP C 246 2.62 15.15 4.77
C ASP C 246 3.93 15.27 4.00
N LEU C 247 5.00 15.68 4.69
CA LEU C 247 6.31 16.10 4.12
C LEU C 247 7.34 15.00 4.27
N PRO C 248 8.49 15.13 3.58
CA PRO C 248 9.65 14.27 3.81
C PRO C 248 10.35 14.57 5.13
N ARG C 249 11.42 13.82 5.42
CA ARG C 249 12.20 13.96 6.67
C ARG C 249 13.24 15.06 6.44
N LEU C 250 12.76 16.23 6.01
CA LEU C 250 13.59 17.39 5.63
C LEU C 250 14.59 17.68 6.74
N GLY C 251 15.79 18.08 6.33
CA GLY C 251 16.85 18.54 7.22
C GLY C 251 16.77 20.04 7.46
N TYR C 252 15.73 20.71 6.95
CA TYR C 252 15.51 22.15 7.20
C TYR C 252 14.14 22.37 7.87
N ILE C 253 13.91 23.60 8.34
CA ILE C 253 12.71 23.97 9.13
C ILE C 253 11.71 24.65 8.18
N THR C 254 10.58 24.00 7.95
CA THR C 254 9.36 24.55 7.28
C THR C 254 8.89 25.83 8.00
N LEU C 255 8.08 26.64 7.33
CA LEU C 255 7.25 27.66 7.98
C LEU C 255 6.33 26.97 8.98
N MET C 256 5.51 26.03 8.48
CA MET C 256 4.61 25.21 9.31
C MET C 256 5.38 24.72 10.54
N ASP C 257 6.53 24.06 10.33
CA ASP C 257 7.41 23.58 11.41
C ASP C 257 7.54 24.64 12.52
N ALA C 258 7.84 25.88 12.14
CA ALA C 258 8.07 27.02 13.06
C ALA C 258 6.77 27.34 13.80
N PHE C 259 5.66 27.49 13.07
CA PHE C 259 4.34 27.85 13.66
C PHE C 259 4.01 26.87 14.80
N LEU C 260 4.22 25.57 14.58
CA LEU C 260 3.97 24.54 15.63
C LEU C 260 4.86 24.83 16.83
N VAL C 261 6.17 24.97 16.62
CA VAL C 261 7.10 25.22 17.75
C VAL C 261 6.69 26.51 18.45
N GLY C 262 6.08 27.45 17.72
CA GLY C 262 5.46 28.65 18.29
C GLY C 262 4.52 28.27 19.42
N THR C 263 3.45 27.53 19.08
CA THR C 263 2.40 27.10 20.03
C THR C 263 3.06 26.36 21.19
N PHE C 264 4.05 25.51 20.88
CA PHE C 264 4.88 24.79 21.89
C PHE C 264 5.38 25.79 22.94
N ILE C 265 6.24 26.71 22.50
CA ILE C 265 6.94 27.70 23.36
C ILE C 265 5.88 28.41 24.20
N ILE C 266 4.91 29.05 23.55
CA ILE C 266 3.79 29.75 24.25
C ILE C 266 3.17 28.82 25.29
N THR C 267 2.61 27.70 24.84
CA THR C 267 1.78 26.79 25.68
C THR C 267 2.66 26.28 26.83
N ALA C 268 3.95 26.07 26.61
CA ALA C 268 4.92 25.74 27.68
C ALA C 268 4.88 26.84 28.76
N LEU C 269 4.86 28.10 28.35
CA LEU C 269 4.94 29.26 29.28
C LEU C 269 3.61 29.42 29.99
N VAL C 270 2.51 29.36 29.24
CA VAL C 270 1.14 29.42 29.82
C VAL C 270 1.12 28.48 31.02
N VAL C 271 1.66 27.27 30.87
CA VAL C 271 1.75 26.29 31.98
C VAL C 271 2.60 26.93 33.09
N LEU C 272 3.85 27.24 32.77
CA LEU C 272 4.81 27.79 33.76
C LEU C 272 4.19 28.98 34.51
N GLY C 273 3.60 29.93 33.79
CA GLY C 273 3.05 31.17 34.38
C GLY C 273 1.93 30.88 35.37
N ASN C 274 0.91 30.13 34.93
CA ASN C 274 -0.25 29.80 35.79
C ASN C 274 0.22 28.97 36.98
N VAL C 275 1.25 28.14 36.81
CA VAL C 275 1.91 27.40 37.93
C VAL C 275 2.29 28.41 39.01
N TRP C 276 2.86 29.56 38.60
CA TRP C 276 3.40 30.58 39.54
C TRP C 276 2.22 31.31 40.21
N LEU C 277 1.24 31.79 39.43
CA LEU C 277 -0.03 32.35 39.97
C LEU C 277 -0.62 31.40 41.02
N ARG C 278 -0.79 30.13 40.67
CA ARG C 278 -1.33 29.08 41.58
C ARG C 278 -0.45 28.97 42.82
N ARG C 279 0.87 29.08 42.66
CA ARG C 279 1.82 28.99 43.79
C ARG C 279 1.54 30.12 44.78
N LEU C 280 1.28 31.35 44.30
CA LEU C 280 0.96 32.52 45.17
C LEU C 280 -0.28 32.20 46.01
N GLU C 281 -1.35 31.73 45.36
CA GLU C 281 -2.59 31.26 46.04
C GLU C 281 -2.23 30.31 47.19
N ASN C 282 -1.27 29.41 46.97
CA ASN C 282 -0.89 28.33 47.93
C ASN C 282 -0.05 28.90 49.09
N HIS C 283 0.43 30.14 49.01
CA HIS C 283 1.27 30.78 50.06
C HIS C 283 0.60 32.07 50.55
N GLY C 284 -0.74 32.06 50.58
CA GLY C 284 -1.58 33.08 51.22
C GLY C 284 -1.59 34.39 50.46
N LYS C 285 -1.07 34.40 49.23
CA LYS C 285 -0.99 35.63 48.40
C LYS C 285 -1.98 35.49 47.23
N GLN C 286 -3.18 34.97 47.51
CA GLN C 286 -4.30 34.78 46.54
C GLN C 286 -4.68 36.12 45.89
N ALA C 287 -4.67 37.20 46.68
CA ALA C 287 -5.15 38.56 46.31
C ALA C 287 -4.24 39.17 45.25
N LEU C 288 -2.94 39.01 45.46
CA LEU C 288 -1.85 39.39 44.53
C LEU C 288 -2.07 38.70 43.18
N ALA C 289 -2.06 37.36 43.19
CA ALA C 289 -2.35 36.51 42.01
C ALA C 289 -3.52 37.15 41.26
N ARG C 290 -4.67 37.34 41.93
CA ARG C 290 -5.92 37.86 41.31
C ARG C 290 -5.67 39.24 40.70
N LYS C 291 -4.78 40.04 41.29
CA LYS C 291 -4.44 41.37 40.72
C LYS C 291 -3.53 41.09 39.52
N LEU C 292 -2.39 40.46 39.81
CA LEU C 292 -1.38 40.05 38.82
C LEU C 292 -2.04 39.35 37.61
N ASP C 293 -3.05 38.52 37.90
CA ASP C 293 -3.76 37.61 36.95
C ASP C 293 -4.08 38.38 35.67
N ILE C 294 -4.44 39.67 35.77
CA ILE C 294 -4.98 40.41 34.59
C ILE C 294 -3.95 40.40 33.46
N TYR C 295 -2.67 40.50 33.78
CA TYR C 295 -1.58 40.35 32.79
C TYR C 295 -1.76 39.03 32.06
N ALA C 296 -1.79 37.92 32.81
CA ALA C 296 -1.88 36.55 32.27
C ALA C 296 -3.04 36.43 31.28
N ILE C 297 -4.22 36.98 31.59
CA ILE C 297 -5.44 36.87 30.73
C ILE C 297 -5.17 37.59 29.39
N THR C 298 -4.53 38.75 29.42
CA THR C 298 -4.27 39.55 28.19
C THR C 298 -2.92 39.14 27.56
N SER C 299 -2.05 38.42 28.27
CA SER C 299 -0.75 37.97 27.72
C SER C 299 -1.01 36.90 26.67
N TYR C 300 -1.87 35.95 27.06
CA TYR C 300 -2.26 34.77 26.27
C TYR C 300 -2.46 35.20 24.81
N PRO C 301 -3.52 35.99 24.49
CA PRO C 301 -3.87 36.34 23.11
C PRO C 301 -2.83 37.18 22.39
N LEU C 302 -2.18 38.09 23.11
CA LEU C 302 -1.11 38.94 22.52
C LEU C 302 0.04 38.04 22.08
N ALA C 303 0.48 37.13 22.95
CA ALA C 303 1.64 36.24 22.68
C ALA C 303 1.43 35.50 21.34
N TYR C 304 0.24 34.94 21.11
CA TYR C 304 -0.07 34.21 19.86
C TYR C 304 -0.07 35.18 18.68
N LEU C 305 -0.45 36.44 18.87
CA LEU C 305 -0.56 37.41 17.75
C LEU C 305 0.73 38.25 17.60
N LEU C 306 1.51 38.43 18.68
CA LEU C 306 2.94 38.84 18.60
C LEU C 306 3.70 37.75 17.80
N GLY C 307 3.47 36.48 18.15
CA GLY C 307 4.09 35.30 17.50
C GLY C 307 3.70 35.15 16.04
N ALA C 308 2.49 35.59 15.66
CA ALA C 308 1.98 35.56 14.27
C ALA C 308 2.85 36.49 13.40
N LEU C 309 3.07 37.71 13.86
CA LEU C 309 3.92 38.70 13.16
C LEU C 309 5.39 38.28 13.24
N THR C 310 5.85 37.69 14.35
CA THR C 310 7.24 37.19 14.48
C THR C 310 7.61 36.34 13.25
N LEU C 311 6.80 35.32 12.96
CA LEU C 311 7.03 34.34 11.86
C LEU C 311 6.85 35.04 10.51
N TRP C 312 5.70 35.72 10.34
CA TRP C 312 5.33 36.38 9.06
C TRP C 312 6.43 37.30 8.57
N LEU C 313 7.23 37.86 9.48
CA LEU C 313 8.37 38.72 9.12
C LEU C 313 9.59 37.84 8.81
N LEU C 314 9.84 36.83 9.65
CA LEU C 314 11.00 35.91 9.46
C LEU C 314 10.90 35.19 8.11
N PHE C 315 9.69 34.83 7.67
CA PHE C 315 9.50 34.05 6.41
C PHE C 315 9.12 34.95 5.25
N PHE C 316 8.58 36.15 5.52
CA PHE C 316 8.22 37.17 4.49
C PHE C 316 8.68 38.55 4.97
N GLU D 7 -12.99 8.31 -49.53
CA GLU D 7 -14.13 7.83 -48.69
C GLU D 7 -13.60 7.34 -47.34
N PRO D 8 -14.14 7.80 -46.18
CA PRO D 8 -13.80 7.19 -44.88
C PRO D 8 -14.67 5.98 -44.49
N SER D 9 -14.04 4.94 -43.94
CA SER D 9 -14.71 3.66 -43.55
C SER D 9 -15.20 3.73 -42.09
N ASP D 10 -16.39 3.18 -41.86
CA ASP D 10 -17.05 3.16 -40.54
C ASP D 10 -16.37 2.11 -39.66
N VAL D 11 -16.18 2.45 -38.39
CA VAL D 11 -15.63 1.54 -37.32
C VAL D 11 -16.65 1.50 -36.20
N PHE D 12 -17.17 0.30 -35.89
CA PHE D 12 -18.32 0.09 -34.98
C PHE D 12 -17.80 -0.21 -33.56
N ILE D 13 -17.85 0.80 -32.68
CA ILE D 13 -17.20 0.79 -31.34
C ILE D 13 -18.24 0.42 -30.28
N GLY D 14 -18.07 -0.75 -29.67
CA GLY D 14 -18.89 -1.20 -28.51
C GLY D 14 -18.03 -1.31 -27.27
N LEU D 15 -18.54 -0.86 -26.11
CA LEU D 15 -17.81 -0.97 -24.82
C LEU D 15 -18.80 -1.27 -23.69
N LYS D 16 -18.58 -2.39 -22.99
CA LYS D 16 -19.39 -2.85 -21.84
C LYS D 16 -18.49 -2.98 -20.61
N ILE D 17 -18.82 -2.27 -19.54
CA ILE D 17 -18.17 -2.43 -18.21
C ILE D 17 -18.84 -3.60 -17.48
N ASP D 18 -18.11 -4.71 -17.30
CA ASP D 18 -18.62 -5.92 -16.59
C ASP D 18 -18.58 -5.65 -15.08
N GLN D 19 -17.45 -5.12 -14.59
CA GLN D 19 -17.21 -4.89 -13.14
C GLN D 19 -16.78 -3.43 -12.92
N ILE D 20 -17.18 -2.87 -11.77
CA ILE D 20 -16.54 -1.69 -11.11
C ILE D 20 -15.76 -2.23 -9.92
N THR D 21 -14.44 -2.38 -10.07
CA THR D 21 -13.52 -2.94 -9.05
C THR D 21 -13.51 -2.02 -7.83
N GLY D 22 -13.68 -0.72 -8.11
CA GLY D 22 -13.90 0.31 -7.08
C GLY D 22 -13.79 1.70 -7.65
N ILE D 23 -14.17 2.69 -6.85
CA ILE D 23 -14.06 4.12 -7.21
C ILE D 23 -13.23 4.81 -6.12
N ASN D 24 -11.98 5.15 -6.41
CA ASN D 24 -11.13 5.87 -5.44
C ASN D 24 -11.46 7.36 -5.55
N GLN D 25 -12.35 7.86 -4.70
CA GLN D 25 -12.82 9.26 -4.76
C GLN D 25 -11.70 10.22 -4.34
N LYS D 26 -10.74 9.74 -3.55
CA LYS D 26 -9.61 10.59 -3.09
C LYS D 26 -8.68 10.90 -4.27
N GLU D 27 -8.44 9.93 -5.15
CA GLU D 27 -7.53 10.08 -6.31
C GLU D 27 -8.36 10.39 -7.57
N GLU D 28 -9.66 10.58 -7.41
CA GLU D 28 -10.55 11.12 -8.47
C GLU D 28 -10.48 10.22 -9.70
N ASN D 29 -10.49 8.89 -9.49
CA ASN D 29 -10.51 7.88 -10.55
C ASN D 29 -11.40 6.71 -10.13
N PHE D 30 -11.72 5.85 -11.09
CA PHE D 30 -12.47 4.60 -10.89
C PHE D 30 -11.81 3.51 -11.73
N SER D 31 -12.06 2.25 -11.39
CA SER D 31 -11.47 1.09 -12.08
C SER D 31 -12.56 0.07 -12.40
N VAL D 32 -12.47 -0.47 -13.62
CA VAL D 32 -13.51 -1.33 -14.26
C VAL D 32 -12.82 -2.48 -14.97
N VAL D 33 -13.43 -3.66 -14.87
CA VAL D 33 -13.27 -4.78 -15.83
C VAL D 33 -14.25 -4.47 -16.96
N GLY D 34 -13.79 -4.55 -18.22
CA GLY D 34 -14.55 -4.14 -19.40
C GLY D 34 -14.09 -4.86 -20.66
N SER D 35 -14.99 -4.92 -21.64
CA SER D 35 -14.77 -5.57 -22.95
C SER D 35 -15.03 -4.54 -24.05
N LEU D 36 -14.03 -4.25 -24.89
CA LEU D 36 -14.17 -3.36 -26.07
C LEU D 36 -14.43 -4.24 -27.28
N ARG D 37 -15.43 -3.89 -28.09
CA ARG D 37 -15.78 -4.64 -29.31
C ARG D 37 -15.80 -3.67 -30.48
N ILE D 38 -15.09 -4.04 -31.54
CA ILE D 38 -14.97 -3.24 -32.79
C ILE D 38 -15.36 -4.15 -33.95
N ASP D 39 -16.28 -3.68 -34.78
CA ASP D 39 -16.57 -4.23 -36.13
C ASP D 39 -16.03 -3.23 -37.16
N TRP D 40 -15.32 -3.73 -38.16
CA TRP D 40 -14.65 -2.92 -39.22
C TRP D 40 -14.42 -3.76 -40.46
N ARG D 41 -15.25 -3.56 -41.49
CA ARG D 41 -15.09 -4.06 -42.88
C ARG D 41 -13.90 -3.34 -43.52
N GLN D 42 -12.92 -4.14 -43.93
CA GLN D 42 -11.77 -3.73 -44.76
C GLN D 42 -11.85 -4.60 -46.02
N PRO D 43 -12.22 -4.02 -47.18
CA PRO D 43 -12.39 -4.81 -48.39
C PRO D 43 -11.11 -5.59 -48.72
N LEU D 44 -9.93 -4.96 -48.56
CA LEU D 44 -8.63 -5.54 -48.97
C LEU D 44 -8.39 -6.86 -48.23
N LEU D 45 -8.83 -6.95 -46.97
CA LEU D 45 -8.56 -8.15 -46.13
C LEU D 45 -9.44 -9.32 -46.60
N ALA D 46 -10.51 -9.07 -47.37
CA ALA D 46 -11.44 -10.14 -47.83
C ALA D 46 -10.63 -11.24 -48.51
N PHE D 47 -11.07 -12.50 -48.39
CA PHE D 47 -10.31 -13.67 -48.92
C PHE D 47 -11.30 -14.73 -49.40
N GLU D 48 -10.82 -15.64 -50.26
CA GLU D 48 -11.52 -16.86 -50.72
C GLU D 48 -10.96 -18.06 -49.96
N HIS D 49 -11.78 -19.08 -49.73
CA HIS D 49 -11.41 -20.35 -49.03
C HIS D 49 -11.59 -21.54 -49.98
N ALA D 50 -10.83 -22.62 -49.80
CA ALA D 50 -11.14 -23.94 -50.38
C ALA D 50 -12.38 -24.47 -49.67
N PRO D 51 -13.27 -25.22 -50.33
CA PRO D 51 -14.37 -25.87 -49.61
C PRO D 51 -13.73 -26.78 -48.55
N GLY D 52 -14.25 -26.76 -47.32
CA GLY D 52 -13.70 -27.52 -46.19
C GLY D 52 -12.65 -26.76 -45.38
N GLU D 53 -12.26 -25.55 -45.83
CA GLU D 53 -11.41 -24.61 -45.06
C GLU D 53 -12.26 -23.47 -44.52
N PRO D 54 -12.04 -23.04 -43.27
CA PRO D 54 -13.03 -22.24 -42.54
C PRO D 54 -13.28 -20.86 -43.19
N LYS D 55 -14.52 -20.39 -43.05
CA LYS D 55 -15.02 -19.15 -43.70
C LYS D 55 -14.58 -17.94 -42.88
N HIS D 56 -14.31 -18.15 -41.59
CA HIS D 56 -13.84 -17.13 -40.61
C HIS D 56 -12.46 -17.49 -40.06
N ARG D 57 -11.45 -16.64 -40.30
CA ARG D 57 -10.05 -16.80 -39.81
C ARG D 57 -9.89 -16.09 -38.47
N THR D 58 -9.33 -16.79 -37.49
CA THR D 58 -9.17 -16.32 -36.09
C THR D 58 -7.69 -16.04 -35.81
N TYR D 59 -7.37 -14.78 -35.53
CA TYR D 59 -5.99 -14.27 -35.35
C TYR D 59 -5.82 -13.72 -33.94
N THR D 60 -4.63 -13.93 -33.37
CA THR D 60 -4.09 -13.17 -32.20
C THR D 60 -3.86 -11.74 -32.68
N LEU D 61 -4.07 -10.73 -31.84
CA LEU D 61 -3.82 -9.32 -32.26
C LEU D 61 -2.39 -9.21 -32.80
N ALA D 62 -1.46 -9.91 -32.15
CA ALA D 62 -0.01 -9.91 -32.49
C ALA D 62 0.14 -10.14 -34.02
N THR D 63 -0.34 -11.27 -34.53
CA THR D 63 -0.12 -11.68 -35.94
C THR D 63 -1.05 -10.88 -36.86
N PHE D 64 -2.25 -10.52 -36.40
CA PHE D 64 -3.24 -9.73 -37.20
C PHE D 64 -2.65 -8.39 -37.61
N LEU D 65 -1.89 -7.75 -36.74
CA LEU D 65 -1.23 -6.46 -37.08
C LEU D 65 -0.06 -6.73 -38.02
N LYS D 66 0.74 -7.75 -37.73
CA LYS D 66 1.89 -8.13 -38.58
C LYS D 66 1.37 -8.40 -40.00
N LEU D 67 0.17 -9.00 -40.11
CA LEU D 67 -0.54 -9.20 -41.40
C LEU D 67 -0.85 -7.84 -42.04
N LEU D 68 -1.50 -6.94 -41.30
CA LEU D 68 -1.90 -5.58 -41.78
C LEU D 68 -0.67 -4.79 -42.23
N GLU D 69 0.43 -4.86 -41.47
CA GLU D 69 1.71 -4.17 -41.78
C GLU D 69 2.22 -4.68 -43.13
N GLU D 70 2.18 -6.00 -43.31
CA GLU D 70 2.67 -6.70 -44.53
C GLU D 70 1.83 -6.25 -45.72
N LYS D 71 0.51 -6.17 -45.56
CA LYS D 71 -0.42 -5.75 -46.63
C LYS D 71 -0.50 -4.22 -46.73
N GLN D 72 0.31 -3.48 -45.96
CA GLN D 72 0.29 -1.99 -45.91
C GLN D 72 -1.15 -1.47 -45.78
N ILE D 73 -1.96 -2.12 -44.96
CA ILE D 73 -3.34 -1.65 -44.63
C ILE D 73 -3.26 -0.89 -43.30
N ARG D 74 -3.88 0.28 -43.24
CA ARG D 74 -4.00 1.10 -42.01
C ARG D 74 -5.16 0.57 -41.19
N TRP D 75 -4.90 0.28 -39.92
CA TRP D 75 -5.89 -0.14 -38.89
C TRP D 75 -6.38 1.10 -38.17
N PRO D 76 -7.63 1.11 -37.65
CA PRO D 76 -8.20 2.30 -37.06
C PRO D 76 -7.65 2.50 -35.65
N ALA D 77 -6.40 2.94 -35.54
CA ALA D 77 -5.69 3.03 -34.26
C ALA D 77 -6.50 3.94 -33.34
N PHE D 78 -6.70 3.51 -32.10
CA PHE D 78 -7.49 4.21 -31.05
C PHE D 78 -6.73 4.22 -29.72
N THR D 79 -6.94 5.26 -28.93
CA THR D 79 -6.49 5.37 -27.51
C THR D 79 -7.73 5.53 -26.62
N TYR D 80 -7.65 5.07 -25.36
CA TYR D 80 -8.60 5.44 -24.29
C TYR D 80 -8.09 6.73 -23.61
N HIS D 81 -8.72 7.88 -23.84
CA HIS D 81 -8.11 9.20 -23.49
C HIS D 81 -7.92 9.33 -21.98
N ASN D 82 -8.87 8.85 -21.19
CA ASN D 82 -8.89 9.05 -19.72
C ASN D 82 -8.35 7.81 -19.00
N GLN D 83 -7.67 6.88 -19.70
CA GLN D 83 -6.96 5.73 -19.09
C GLN D 83 -5.88 6.27 -18.15
N GLN D 84 -5.69 5.61 -17.01
CA GLN D 84 -4.58 5.87 -16.07
C GLN D 84 -3.79 4.56 -15.88
N GLY D 85 -2.45 4.69 -15.82
CA GLY D 85 -1.54 3.59 -15.48
C GLY D 85 -1.65 2.46 -16.49
N ARG D 86 -1.47 1.23 -16.05
CA ARG D 86 -1.49 0.04 -16.95
C ARG D 86 -2.93 -0.39 -17.18
N MET D 87 -3.16 -0.98 -18.35
CA MET D 87 -4.40 -1.71 -18.72
C MET D 87 -4.01 -3.19 -18.86
N ASP D 88 -4.37 -4.01 -17.88
CA ASP D 88 -4.14 -5.47 -17.92
C ASP D 88 -5.13 -6.05 -18.90
N PHE D 89 -4.65 -6.57 -20.03
CA PHE D 89 -5.52 -7.19 -21.06
C PHE D 89 -5.76 -8.65 -20.72
N GLN D 90 -6.99 -9.11 -20.88
CA GLN D 90 -7.40 -10.53 -20.72
C GLN D 90 -7.31 -11.23 -22.07
N ASN D 91 -8.04 -10.69 -23.05
CA ASN D 91 -8.18 -11.23 -24.42
C ASN D 91 -8.01 -10.08 -25.40
N ARG D 92 -7.21 -10.30 -26.43
CA ARG D 92 -7.18 -9.45 -27.65
C ARG D 92 -7.21 -10.39 -28.84
N LEU D 93 -8.39 -10.54 -29.45
CA LEU D 93 -8.73 -11.63 -30.40
C LEU D 93 -9.44 -11.01 -31.60
N ILE D 94 -9.02 -11.39 -32.81
CA ILE D 94 -9.55 -10.88 -34.11
C ILE D 94 -10.24 -12.04 -34.83
N SER D 95 -11.43 -11.81 -35.39
CA SER D 95 -12.09 -12.76 -36.33
C SER D 95 -12.37 -12.03 -37.66
N LEU D 96 -11.69 -12.51 -38.69
CA LEU D 96 -11.73 -12.01 -40.09
C LEU D 96 -12.66 -12.94 -40.87
N SER D 97 -13.77 -12.38 -41.36
CA SER D 97 -14.78 -13.08 -42.21
C SER D 97 -14.31 -13.01 -43.66
N GLU D 98 -14.90 -13.86 -44.53
CA GLU D 98 -14.59 -13.88 -45.98
C GLU D 98 -14.71 -12.48 -46.56
N ASP D 99 -15.77 -11.76 -46.16
CA ASP D 99 -16.14 -10.43 -46.72
C ASP D 99 -15.07 -9.39 -46.34
N GLY D 100 -14.13 -9.71 -45.44
CA GLY D 100 -13.10 -8.74 -45.00
C GLY D 100 -13.59 -7.89 -43.83
N THR D 101 -14.63 -8.36 -43.11
CA THR D 101 -15.12 -7.79 -41.84
C THR D 101 -14.19 -8.27 -40.73
N VAL D 102 -13.52 -7.34 -40.06
CA VAL D 102 -12.72 -7.60 -38.82
C VAL D 102 -13.68 -7.48 -37.63
N MET D 103 -13.66 -8.48 -36.76
CA MET D 103 -14.35 -8.46 -35.44
C MET D 103 -13.28 -8.56 -34.35
N TYR D 104 -13.09 -7.49 -33.59
CA TYR D 104 -12.05 -7.37 -32.55
C TYR D 104 -12.70 -7.39 -31.17
N LEU D 105 -12.08 -8.11 -30.24
CA LEU D 105 -12.46 -8.14 -28.80
C LEU D 105 -11.24 -7.83 -27.94
N GLU D 106 -11.36 -6.82 -27.07
CA GLU D 106 -10.33 -6.40 -26.09
C GLU D 106 -10.99 -6.50 -24.71
N ARG D 107 -10.68 -7.50 -23.90
CA ARG D 107 -11.09 -7.55 -22.47
C ARG D 107 -9.94 -6.96 -21.63
N PHE D 108 -10.26 -6.15 -20.63
CA PHE D 108 -9.24 -5.47 -19.78
C PHE D 108 -9.84 -5.07 -18.43
N THR D 109 -9.00 -5.13 -17.39
CA THR D 109 -9.14 -4.33 -16.15
C THR D 109 -8.28 -3.08 -16.30
N SER D 110 -8.80 -1.92 -15.93
CA SER D 110 -8.03 -0.65 -16.00
C SER D 110 -8.68 0.44 -15.17
N THR D 111 -7.86 1.41 -14.79
CA THR D 111 -8.26 2.65 -14.09
C THR D 111 -8.47 3.77 -15.10
N PHE D 112 -9.41 4.66 -14.79
CA PHE D 112 -9.74 5.83 -15.65
C PHE D 112 -9.91 7.07 -14.79
N GLN D 113 -9.36 8.20 -15.26
CA GLN D 113 -9.64 9.53 -14.71
C GLN D 113 -11.16 9.79 -14.77
N ALA D 114 -11.69 10.39 -13.71
CA ALA D 114 -13.03 11.01 -13.70
C ALA D 114 -12.89 12.38 -13.07
N PRO D 115 -12.51 13.41 -13.84
CA PRO D 115 -12.35 14.77 -13.30
C PRO D 115 -13.71 15.45 -13.10
N ALA D 116 -14.81 14.73 -13.33
CA ALA D 116 -16.18 15.26 -13.18
C ALA D 116 -16.67 15.15 -11.73
N PHE D 117 -15.75 15.26 -10.77
CA PHE D 117 -16.02 15.05 -9.33
C PHE D 117 -16.35 16.42 -8.72
N ASP D 118 -17.56 16.54 -8.14
CA ASP D 118 -18.08 17.75 -7.45
C ASP D 118 -18.48 17.35 -6.03
N PHE D 119 -17.63 17.62 -5.05
CA PHE D 119 -17.86 17.22 -3.64
C PHE D 119 -18.65 18.31 -2.90
N ARG D 120 -19.22 19.24 -3.64
CA ARG D 120 -19.94 20.41 -3.04
C ARG D 120 -21.00 19.87 -2.09
N LEU D 121 -21.73 18.83 -2.47
CA LEU D 121 -22.86 18.32 -1.65
C LEU D 121 -22.49 16.98 -1.03
N PHE D 122 -21.21 16.62 -1.01
CA PHE D 122 -20.74 15.38 -0.34
C PHE D 122 -21.27 15.39 1.09
N PRO D 123 -21.94 14.33 1.60
CA PRO D 123 -22.03 13.02 0.94
C PRO D 123 -23.26 12.79 0.03
N PHE D 124 -24.21 13.72 0.09
CA PHE D 124 -25.40 13.72 -0.79
C PHE D 124 -24.97 14.24 -2.16
N ASP D 125 -24.29 13.44 -2.96
CA ASP D 125 -23.88 13.91 -4.30
C ASP D 125 -24.12 12.78 -5.31
N ASN D 126 -24.26 13.20 -6.56
CA ASN D 126 -24.38 12.35 -7.76
C ASN D 126 -23.24 12.75 -8.69
N GLN D 127 -22.49 11.77 -9.20
CA GLN D 127 -21.22 12.04 -9.93
C GLN D 127 -21.29 11.46 -11.33
N LEU D 128 -20.49 12.04 -12.23
CA LEU D 128 -20.33 11.58 -13.62
C LEU D 128 -19.04 10.78 -13.75
N PHE D 129 -19.17 9.52 -14.16
CA PHE D 129 -18.06 8.62 -14.55
C PHE D 129 -18.16 8.38 -16.05
N PHE D 130 -17.03 8.46 -16.78
CA PHE D 130 -17.00 8.25 -18.24
C PHE D 130 -15.66 7.68 -18.68
N ILE D 131 -15.71 6.87 -19.74
CA ILE D 131 -14.56 6.36 -20.54
C ILE D 131 -14.65 7.01 -21.93
N HIS D 132 -13.55 7.61 -22.37
CA HIS D 132 -13.37 8.16 -23.75
C HIS D 132 -12.53 7.18 -24.56
N VAL D 133 -13.03 6.81 -25.74
CA VAL D 133 -12.32 6.01 -26.78
C VAL D 133 -12.16 6.91 -28.00
N ASP D 134 -10.96 7.42 -28.25
CA ASP D 134 -10.63 8.31 -29.41
C ASP D 134 -10.03 7.48 -30.57
N SER D 135 -10.43 7.74 -31.83
CA SER D 135 -9.64 7.39 -33.03
C SER D 135 -8.40 8.29 -33.02
N ILE D 136 -7.20 7.73 -33.18
CA ILE D 136 -5.97 8.55 -33.36
C ILE D 136 -6.09 9.27 -34.70
N PHE D 137 -6.59 8.55 -35.72
CA PHE D 137 -6.75 9.05 -37.11
C PHE D 137 -8.05 9.82 -37.27
N PRO D 138 -8.05 10.89 -38.12
CA PRO D 138 -9.21 11.78 -38.28
C PRO D 138 -10.42 11.10 -38.94
N GLN D 139 -11.55 11.79 -38.98
CA GLN D 139 -12.82 11.32 -39.61
C GLN D 139 -12.67 11.17 -41.12
N HIS D 140 -11.77 11.94 -41.75
CA HIS D 140 -11.52 11.90 -43.22
C HIS D 140 -11.01 10.51 -43.61
N LEU D 141 -10.58 9.69 -42.63
CA LEU D 141 -10.04 8.32 -42.80
C LEU D 141 -10.93 7.25 -42.12
N PHE D 142 -11.26 7.43 -40.84
CA PHE D 142 -12.17 6.55 -40.06
C PHE D 142 -13.18 7.38 -39.27
N ARG D 143 -14.47 7.05 -39.42
CA ARG D 143 -15.56 7.53 -38.52
C ARG D 143 -16.01 6.35 -37.66
N PHE D 144 -16.08 6.58 -36.34
CA PHE D 144 -16.63 5.65 -35.34
C PHE D 144 -18.16 5.74 -35.44
N GLN D 145 -18.83 4.58 -35.37
CA GLN D 145 -20.30 4.48 -35.29
C GLN D 145 -20.61 3.63 -34.07
N GLU D 146 -21.73 3.89 -33.39
CA GLU D 146 -22.12 3.14 -32.18
C GLU D 146 -22.46 1.70 -32.57
N MET D 147 -21.69 0.74 -32.08
CA MET D 147 -22.02 -0.70 -32.26
C MET D 147 -23.25 -1.00 -31.39
N GLN D 148 -24.43 -1.06 -32.00
CA GLN D 148 -25.69 -1.27 -31.25
C GLN D 148 -25.73 -2.71 -30.73
N GLY D 149 -26.39 -2.92 -29.59
CA GLY D 149 -26.63 -4.23 -28.97
C GLY D 149 -25.51 -4.65 -28.04
N PHE D 150 -24.57 -3.75 -27.69
CA PHE D 150 -23.39 -4.13 -26.85
C PHE D 150 -23.08 -3.12 -25.75
N SER D 151 -22.83 -1.85 -26.12
CA SER D 151 -22.34 -0.78 -25.23
C SER D 151 -23.31 -0.60 -24.06
N GLY D 152 -22.77 -0.41 -22.84
CA GLY D 152 -23.56 -0.28 -21.60
C GLY D 152 -22.80 -0.76 -20.37
N LEU D 153 -23.54 -1.02 -19.29
CA LEU D 153 -23.01 -1.55 -18.00
C LEU D 153 -23.68 -2.89 -17.71
N GLY D 154 -23.00 -3.80 -17.00
CA GLY D 154 -23.54 -5.13 -16.66
C GLY D 154 -24.43 -5.12 -15.43
N ASP D 155 -24.71 -6.30 -14.86
CA ASP D 155 -25.61 -6.52 -13.70
C ASP D 155 -24.80 -6.63 -12.41
N GLN D 156 -23.74 -7.44 -12.46
CA GLN D 156 -22.85 -7.74 -11.30
C GLN D 156 -21.57 -6.89 -11.41
N LEU D 157 -21.68 -5.63 -11.01
CA LEU D 157 -20.60 -4.62 -11.00
C LEU D 157 -19.76 -4.78 -9.73
N GLY D 158 -20.38 -5.23 -8.63
CA GLY D 158 -19.75 -5.61 -7.35
C GLY D 158 -19.51 -4.43 -6.43
N GLU D 159 -19.94 -3.21 -6.83
CA GLU D 159 -19.72 -1.93 -6.10
C GLU D 159 -20.90 -1.70 -5.15
N GLU D 160 -20.64 -1.43 -3.88
CA GLU D 160 -21.67 -1.44 -2.80
C GLU D 160 -22.03 -0.02 -2.36
N GLU D 161 -21.13 0.95 -2.50
CA GLU D 161 -21.34 2.34 -2.02
C GLU D 161 -22.13 3.11 -3.08
N TRP D 162 -21.56 3.29 -4.25
CA TRP D 162 -22.24 3.96 -5.38
C TRP D 162 -23.32 3.03 -5.90
N ILE D 163 -24.36 3.63 -6.46
CA ILE D 163 -25.30 2.88 -7.33
C ILE D 163 -25.66 3.79 -8.49
N VAL D 164 -25.76 3.18 -9.68
CA VAL D 164 -25.72 3.89 -10.99
C VAL D 164 -27.14 4.34 -11.30
N THR D 165 -27.31 5.61 -11.66
CA THR D 165 -28.63 6.19 -12.04
C THR D 165 -28.90 5.87 -13.52
N GLU D 166 -28.02 6.28 -14.44
CA GLU D 166 -28.26 6.26 -15.92
C GLU D 166 -26.95 6.01 -16.69
N VAL D 167 -27.05 5.31 -17.82
CA VAL D 167 -25.93 4.97 -18.76
C VAL D 167 -26.26 5.52 -20.15
N ASN D 168 -25.39 6.36 -20.70
CA ASN D 168 -25.58 6.92 -22.06
C ASN D 168 -24.30 6.75 -22.86
N THR D 169 -24.44 6.52 -24.16
CA THR D 169 -23.33 6.37 -25.14
C THR D 169 -23.55 7.40 -26.25
N HIS D 170 -22.51 8.09 -26.69
CA HIS D 170 -22.64 9.02 -27.84
C HIS D 170 -21.28 9.20 -28.50
N LEU D 171 -21.28 9.61 -29.77
CA LEU D 171 -20.05 9.89 -30.54
C LEU D 171 -19.84 11.40 -30.56
N THR D 172 -18.62 11.82 -30.85
CA THR D 172 -18.22 13.25 -30.93
C THR D 172 -16.80 13.35 -31.44
N THR D 173 -16.29 14.56 -31.59
CA THR D 173 -14.95 14.81 -32.18
C THR D 173 -13.96 15.02 -31.04
N HIS D 174 -12.67 15.01 -31.37
CA HIS D 174 -11.56 15.60 -30.56
C HIS D 174 -10.59 16.25 -31.54
N ASN D 175 -9.48 16.81 -31.06
CA ASN D 175 -8.41 17.38 -31.93
C ASN D 175 -7.07 17.22 -31.21
N GLU D 176 -6.77 16.00 -30.79
CA GLU D 176 -5.68 15.68 -29.82
C GLU D 176 -4.34 15.69 -30.54
N PHE D 177 -4.22 14.97 -31.66
CA PHE D 177 -2.95 14.82 -32.42
C PHE D 177 -3.09 15.42 -33.82
N THR D 178 -4.32 15.39 -34.35
CA THR D 178 -4.70 15.93 -35.68
C THR D 178 -5.07 17.42 -35.57
N LYS D 179 -4.94 18.18 -36.68
CA LYS D 179 -5.67 19.46 -36.89
C LYS D 179 -7.12 19.09 -37.19
N GLY D 180 -7.34 18.05 -38.00
CA GLY D 180 -8.67 17.61 -38.45
C GLY D 180 -9.49 17.06 -37.31
N ASP D 181 -10.81 17.28 -37.36
CA ASP D 181 -11.81 16.59 -36.49
C ASP D 181 -11.55 15.08 -36.54
N ALA D 182 -11.70 14.41 -35.39
CA ALA D 182 -11.42 12.96 -35.17
C ALA D 182 -12.50 12.35 -34.28
N SER D 183 -12.87 11.09 -34.56
CA SER D 183 -13.92 10.34 -33.81
C SER D 183 -13.54 10.23 -32.31
N ARG D 184 -14.55 10.28 -31.44
CA ARG D 184 -14.48 9.88 -30.01
C ARG D 184 -15.81 9.26 -29.56
N PHE D 185 -15.80 7.95 -29.29
CA PHE D 185 -16.91 7.21 -28.65
C PHE D 185 -16.82 7.39 -27.13
N VAL D 186 -17.94 7.72 -26.49
CA VAL D 186 -18.01 8.00 -25.03
C VAL D 186 -19.04 7.07 -24.37
N LEU D 187 -18.61 6.36 -23.33
CA LEU D 187 -19.47 5.67 -22.35
C LEU D 187 -19.50 6.51 -21.08
N GLU D 188 -20.62 7.19 -20.83
CA GLU D 188 -20.93 7.94 -19.59
C GLU D 188 -21.79 7.07 -18.67
N PHE D 189 -21.63 7.22 -17.35
CA PHE D 189 -22.65 6.83 -16.35
C PHE D 189 -22.61 7.82 -15.18
N HIS D 190 -23.79 8.10 -14.64
CA HIS D 190 -23.97 8.79 -13.34
C HIS D 190 -24.27 7.73 -12.28
N ALA D 191 -23.72 7.91 -11.09
CA ALA D 191 -24.09 7.13 -9.89
C ALA D 191 -24.15 8.08 -8.71
N GLU D 192 -24.84 7.65 -7.65
CA GLU D 192 -24.95 8.42 -6.38
C GLU D 192 -24.74 7.47 -5.20
N ARG D 193 -24.28 8.05 -4.09
CA ARG D 193 -23.74 7.33 -2.91
C ARG D 193 -24.89 6.74 -2.10
N HIS D 194 -24.69 5.56 -1.52
CA HIS D 194 -25.54 4.93 -0.48
C HIS D 194 -25.15 5.53 0.87
N LEU D 195 -26.02 6.35 1.45
CA LEU D 195 -25.66 7.22 2.60
C LEU D 195 -25.65 6.40 3.89
N ASN D 196 -25.97 5.09 3.85
CA ASN D 196 -26.06 4.25 5.07
C ASN D 196 -24.77 4.41 5.87
N TYR D 197 -23.61 4.19 5.24
CA TYR D 197 -22.30 4.27 5.95
C TYR D 197 -22.24 5.63 6.66
N TYR D 198 -22.42 6.72 5.93
CA TYR D 198 -22.31 8.09 6.47
C TYR D 198 -23.24 8.24 7.68
N LEU D 199 -24.46 7.71 7.60
CA LEU D 199 -25.39 7.66 8.76
C LEU D 199 -24.71 6.92 9.92
N MET D 200 -24.47 5.62 9.70
CA MET D 200 -24.17 4.63 10.77
C MET D 200 -22.86 4.98 11.49
N ARG D 201 -21.91 5.61 10.80
CA ARG D 201 -20.53 5.79 11.31
C ARG D 201 -20.23 7.26 11.63
N ILE D 202 -20.93 8.23 11.01
CA ILE D 202 -20.64 9.69 11.18
C ILE D 202 -21.83 10.43 11.83
N LEU D 203 -23.01 10.45 11.20
CA LEU D 203 -24.14 11.27 11.74
C LEU D 203 -24.57 10.69 13.09
N ILE D 204 -25.04 9.45 13.12
CA ILE D 204 -25.53 8.80 14.38
C ILE D 204 -24.57 9.09 15.53
N PRO D 205 -23.25 8.77 15.44
CA PRO D 205 -22.32 9.09 16.52
C PRO D 205 -22.32 10.57 16.95
N VAL D 206 -22.13 11.50 16.02
CA VAL D 206 -22.10 12.96 16.29
C VAL D 206 -23.38 13.40 16.99
N LEU D 207 -24.54 12.88 16.58
CA LEU D 207 -25.84 13.22 17.22
C LEU D 207 -25.86 12.57 18.61
N LEU D 208 -25.49 11.30 18.70
CA LEU D 208 -25.38 10.58 20.00
C LEU D 208 -24.51 11.41 20.97
N ILE D 209 -23.31 11.83 20.55
CA ILE D 209 -22.37 12.65 21.39
C ILE D 209 -23.12 13.90 21.85
N ILE D 210 -23.72 14.63 20.91
CA ILE D 210 -24.38 15.95 21.16
C ILE D 210 -25.52 15.74 22.18
N THR D 211 -26.38 14.75 21.94
CA THR D 211 -27.60 14.50 22.75
C THR D 211 -27.22 14.08 24.17
N VAL D 212 -26.39 13.05 24.28
CA VAL D 212 -25.97 12.47 25.58
C VAL D 212 -25.22 13.56 26.35
N SER D 213 -24.50 14.44 25.66
CA SER D 213 -23.87 15.63 26.27
C SER D 213 -24.95 16.54 26.86
N TRP D 214 -25.98 16.86 26.08
CA TRP D 214 -27.06 17.79 26.52
C TRP D 214 -27.74 17.26 27.79
N PHE D 215 -27.88 15.94 27.94
CA PHE D 215 -28.45 15.35 29.18
C PHE D 215 -27.72 15.94 30.39
N THR D 216 -26.38 15.99 30.34
CA THR D 216 -25.54 16.35 31.51
C THR D 216 -25.68 17.83 31.83
N PHE D 217 -26.49 18.57 31.08
CA PHE D 217 -26.86 19.97 31.40
C PHE D 217 -27.79 19.97 32.62
N PHE D 218 -28.62 18.92 32.77
CA PHE D 218 -29.62 18.83 33.86
C PHE D 218 -28.93 18.53 35.20
N LEU D 219 -27.61 18.32 35.18
CA LEU D 219 -26.81 18.24 36.43
C LEU D 219 -26.62 19.63 37.02
N GLN D 220 -26.55 20.66 36.16
CA GLN D 220 -26.36 22.08 36.58
C GLN D 220 -25.00 22.25 37.24
N ASP D 221 -24.03 21.38 36.90
CA ASP D 221 -22.59 21.71 37.06
C ASP D 221 -22.14 22.39 35.78
N TYR D 222 -21.76 23.68 35.85
CA TYR D 222 -21.33 24.51 34.70
C TYR D 222 -19.90 24.12 34.31
N THR D 223 -19.04 23.87 35.30
CA THR D 223 -17.65 23.39 35.11
C THR D 223 -17.71 22.09 34.30
N LYS D 224 -18.59 21.15 34.66
CA LYS D 224 -18.70 19.85 33.97
C LYS D 224 -19.09 20.08 32.51
N ARG D 225 -20.03 20.99 32.23
CA ARG D 225 -20.48 21.29 30.85
C ARG D 225 -19.30 21.82 30.04
N ILE D 226 -18.49 22.70 30.65
CA ILE D 226 -17.29 23.30 29.99
C ILE D 226 -16.32 22.17 29.63
N ASP D 227 -15.99 21.32 30.60
CA ASP D 227 -15.07 20.18 30.41
C ASP D 227 -15.63 19.25 29.34
N LEU D 228 -16.95 19.11 29.27
CA LEU D 228 -17.61 18.16 28.34
C LEU D 228 -17.47 18.72 26.92
N ALA D 229 -17.95 19.95 26.71
CA ALA D 229 -17.96 20.63 25.41
C ALA D 229 -16.53 20.77 24.88
N GLY D 230 -15.55 20.99 25.78
CA GLY D 230 -14.13 21.00 25.41
C GLY D 230 -13.67 19.69 24.80
N GLY D 231 -14.15 18.56 25.33
CA GLY D 231 -13.88 17.22 24.80
C GLY D 231 -14.58 17.01 23.48
N ASN D 232 -15.89 17.28 23.46
CA ASN D 232 -16.73 17.30 22.24
C ASN D 232 -15.95 18.00 21.10
N LEU D 233 -15.33 19.14 21.40
CA LEU D 233 -14.57 19.91 20.38
C LEU D 233 -13.54 18.98 19.75
N LEU D 234 -12.66 18.41 20.58
CA LEU D 234 -11.56 17.53 20.11
C LEU D 234 -12.15 16.36 19.32
N LEU D 235 -13.21 15.74 19.84
CA LEU D 235 -13.94 14.66 19.11
C LEU D 235 -14.25 15.13 17.69
N PHE D 236 -14.95 16.25 17.52
CA PHE D 236 -15.34 16.81 16.20
C PHE D 236 -14.11 17.13 15.37
N ILE D 237 -13.07 17.69 15.98
CA ILE D 237 -11.77 17.94 15.32
C ILE D 237 -11.22 16.61 14.77
N ALA D 238 -11.47 15.49 15.46
CA ALA D 238 -11.11 14.15 14.95
C ALA D 238 -12.03 13.81 13.78
N PHE D 239 -13.34 13.80 14.00
CA PHE D 239 -14.34 13.50 12.95
C PHE D 239 -14.01 14.33 11.71
N ASN D 240 -13.47 15.53 11.91
CA ASN D 240 -13.00 16.46 10.84
C ASN D 240 -11.84 15.80 10.07
N PHE D 241 -10.93 15.14 10.78
CA PHE D 241 -9.79 14.42 10.18
C PHE D 241 -10.26 13.11 9.52
N THR D 242 -11.18 12.37 10.13
CA THR D 242 -11.78 11.17 9.48
C THR D 242 -12.20 11.55 8.06
N ILE D 243 -13.13 12.49 7.97
CA ILE D 243 -13.77 12.90 6.71
C ILE D 243 -12.73 13.51 5.76
N SER D 244 -11.86 14.40 6.25
CA SER D 244 -10.82 15.07 5.43
C SER D 244 -10.07 14.03 4.57
N SER D 245 -9.86 12.83 5.08
CA SER D 245 -9.03 11.79 4.41
C SER D 245 -9.84 11.11 3.29
N ASP D 246 -11.13 10.77 3.52
CA ASP D 246 -12.06 10.27 2.47
C ASP D 246 -11.82 11.02 1.15
N LEU D 247 -11.70 12.35 1.24
CA LEU D 247 -11.70 13.30 0.11
C LEU D 247 -10.27 13.74 -0.22
N PRO D 248 -10.09 14.37 -1.41
CA PRO D 248 -8.84 15.05 -1.76
C PRO D 248 -8.63 16.35 -0.99
N ARG D 249 -7.52 17.05 -1.26
CA ARG D 249 -7.19 18.34 -0.60
C ARG D 249 -7.87 19.47 -1.38
N LEU D 250 -9.19 19.33 -1.53
CA LEU D 250 -10.05 20.27 -2.30
C LEU D 250 -9.75 21.71 -1.85
N GLY D 251 -9.77 22.63 -2.81
CA GLY D 251 -9.69 24.08 -2.57
C GLY D 251 -11.08 24.68 -2.37
N TYR D 252 -12.12 23.86 -2.31
CA TYR D 252 -13.51 24.32 -2.07
C TYR D 252 -14.06 23.66 -0.80
N ILE D 253 -15.15 24.22 -0.28
CA ILE D 253 -15.76 23.79 1.02
C ILE D 253 -16.92 22.85 0.72
N THR D 254 -16.76 21.58 1.12
CA THR D 254 -17.81 20.54 1.15
C THR D 254 -19.01 21.01 1.97
N LEU D 255 -20.16 20.36 1.77
CA LEU D 255 -21.30 20.43 2.71
C LEU D 255 -20.80 19.89 4.05
N MET D 256 -20.32 18.64 4.04
CA MET D 256 -19.74 17.97 5.23
C MET D 256 -18.81 18.95 5.93
N ASP D 257 -17.83 19.51 5.20
CA ASP D 257 -16.88 20.53 5.72
C ASP D 257 -17.62 21.55 6.58
N ALA D 258 -18.73 22.11 6.08
CA ALA D 258 -19.53 23.16 6.75
C ALA D 258 -20.16 22.59 8.03
N PHE D 259 -20.82 21.43 7.93
CA PHE D 259 -21.51 20.77 9.06
C PHE D 259 -20.53 20.65 10.24
N LEU D 260 -19.29 20.22 9.99
CA LEU D 260 -18.26 20.09 11.04
C LEU D 260 -18.02 21.46 11.66
N VAL D 261 -17.72 22.46 10.84
CA VAL D 261 -17.41 23.81 11.36
C VAL D 261 -18.63 24.33 12.13
N GLY D 262 -19.83 23.88 11.76
CA GLY D 262 -21.07 24.13 12.52
C GLY D 262 -20.88 23.76 13.98
N THR D 263 -20.65 22.46 14.21
CA THR D 263 -20.49 21.89 15.57
C THR D 263 -19.37 22.66 16.30
N PHE D 264 -18.29 22.96 15.58
CA PHE D 264 -17.15 23.76 16.09
C PHE D 264 -17.69 25.05 16.72
N ILE D 265 -18.29 25.90 15.89
CA ILE D 265 -18.79 27.25 16.27
C ILE D 265 -19.70 27.09 17.49
N ILE D 266 -20.74 26.28 17.37
CA ILE D 266 -21.68 25.99 18.50
C ILE D 266 -20.88 25.60 19.75
N THR D 267 -20.12 24.51 19.67
CA THR D 267 -19.45 23.88 20.83
C THR D 267 -18.46 24.89 21.43
N ALA D 268 -17.85 25.75 20.60
CA ALA D 268 -17.03 26.89 21.07
C ALA D 268 -17.87 27.79 21.98
N LEU D 269 -19.12 28.07 21.60
CA LEU D 269 -20.01 29.01 22.34
C LEU D 269 -20.49 28.35 23.61
N VAL D 270 -20.94 27.10 23.51
CA VAL D 270 -21.34 26.30 24.70
C VAL D 270 -20.28 26.50 25.79
N VAL D 271 -19.00 26.41 25.42
CA VAL D 271 -17.88 26.67 26.37
C VAL D 271 -18.02 28.11 26.87
N LEU D 272 -17.88 29.09 25.97
CA LEU D 272 -17.92 30.54 26.32
C LEU D 272 -19.09 30.82 27.26
N GLY D 273 -20.30 30.34 26.91
CA GLY D 273 -21.53 30.61 27.67
C GLY D 273 -21.49 30.06 29.08
N ASN D 274 -21.25 28.76 29.22
CA ASN D 274 -21.20 28.09 30.54
C ASN D 274 -20.06 28.69 31.36
N VAL D 275 -18.97 29.11 30.73
CA VAL D 275 -17.86 29.85 31.40
C VAL D 275 -18.47 31.05 32.13
N TRP D 276 -19.39 31.75 31.46
CA TRP D 276 -19.99 33.02 31.99
C TRP D 276 -20.96 32.69 33.13
N LEU D 277 -21.88 31.73 32.91
CA LEU D 277 -22.74 31.19 33.99
C LEU D 277 -21.90 30.83 35.22
N ARG D 278 -20.85 30.05 35.03
CA ARG D 278 -19.93 29.63 36.12
C ARG D 278 -19.30 30.86 36.77
N ARG D 279 -18.97 31.87 35.98
CA ARG D 279 -18.35 33.13 36.49
C ARG D 279 -19.32 33.80 37.47
N LEU D 280 -20.62 33.84 37.14
CA LEU D 280 -21.66 34.45 38.03
C LEU D 280 -21.65 33.72 39.39
N GLU D 281 -21.73 32.39 39.36
CA GLU D 281 -21.61 31.54 40.57
C GLU D 281 -20.40 31.98 41.41
N ASN D 282 -19.27 32.29 40.76
CA ASN D 282 -17.98 32.61 41.44
C ASN D 282 -18.01 34.03 42.02
N HIS D 283 -19.00 34.86 41.69
CA HIS D 283 -19.11 36.26 42.19
C HIS D 283 -20.44 36.44 42.93
N GLY D 284 -20.89 35.38 43.61
CA GLY D 284 -22.03 35.40 44.56
C GLY D 284 -23.36 35.57 43.85
N LYS D 285 -23.39 35.43 42.53
CA LYS D 285 -24.63 35.61 41.73
C LYS D 285 -25.07 34.24 41.20
N GLN D 286 -24.98 33.21 42.03
CA GLN D 286 -25.36 31.80 41.74
C GLN D 286 -26.85 31.73 41.33
N ALA D 287 -27.71 32.52 41.97
CA ALA D 287 -29.19 32.50 41.84
C ALA D 287 -29.60 32.98 40.45
N LEU D 288 -28.95 34.05 40.00
CA LEU D 288 -29.05 34.63 38.65
C LEU D 288 -28.71 33.57 37.61
N ALA D 289 -27.48 33.04 37.66
CA ALA D 289 -27.02 31.93 36.80
C ALA D 289 -28.14 30.91 36.70
N ARG D 290 -28.62 30.39 37.83
CA ARG D 290 -29.67 29.32 37.89
C ARG D 290 -30.94 29.80 37.18
N LYS D 291 -31.22 31.10 37.19
CA LYS D 291 -32.34 31.70 36.39
C LYS D 291 -31.94 31.62 34.92
N LEU D 292 -30.90 32.34 34.52
CA LEU D 292 -30.37 32.35 33.14
C LEU D 292 -30.22 30.93 32.60
N ASP D 293 -29.75 30.02 33.45
CA ASP D 293 -29.44 28.60 33.10
C ASP D 293 -30.53 28.05 32.20
N ILE D 294 -31.80 28.33 32.48
CA ILE D 294 -32.95 27.74 31.72
C ILE D 294 -32.82 28.14 30.24
N TYR D 295 -32.44 29.39 29.96
CA TYR D 295 -32.18 29.81 28.56
C TYR D 295 -31.09 28.90 27.98
N ALA D 296 -29.96 28.83 28.68
CA ALA D 296 -28.75 28.10 28.24
C ALA D 296 -29.09 26.64 27.91
N ILE D 297 -29.93 25.98 28.72
CA ILE D 297 -30.31 24.54 28.50
C ILE D 297 -31.05 24.41 27.16
N THR D 298 -31.94 25.34 26.84
CA THR D 298 -32.75 25.30 25.59
C THR D 298 -32.06 26.05 24.45
N SER D 299 -30.82 26.51 24.60
CA SER D 299 -30.02 27.14 23.51
C SER D 299 -29.35 26.01 22.73
N TYR D 300 -28.75 25.08 23.46
CA TYR D 300 -28.02 23.90 22.92
C TYR D 300 -28.82 23.30 21.77
N PRO D 301 -30.03 22.73 22.03
CA PRO D 301 -30.80 22.02 21.00
C PRO D 301 -31.25 22.94 19.85
N LEU D 302 -31.64 24.17 20.16
CA LEU D 302 -32.08 25.15 19.13
C LEU D 302 -30.90 25.43 18.21
N ALA D 303 -29.74 25.77 18.76
CA ALA D 303 -28.55 26.18 17.98
C ALA D 303 -28.21 25.11 16.94
N TYR D 304 -28.20 23.83 17.34
CA TYR D 304 -27.89 22.71 16.43
C TYR D 304 -28.99 22.59 15.37
N LEU D 305 -30.25 22.92 15.70
CA LEU D 305 -31.38 22.72 14.74
C LEU D 305 -31.68 24.02 13.98
N LEU D 306 -31.37 25.20 14.53
CA LEU D 306 -31.22 26.47 13.75
C LEU D 306 -30.10 26.26 12.72
N GLY D 307 -28.96 25.70 13.16
CA GLY D 307 -27.78 25.42 12.33
C GLY D 307 -28.05 24.38 11.26
N ALA D 308 -28.96 23.42 11.51
CA ALA D 308 -29.37 22.37 10.55
C ALA D 308 -30.07 23.03 9.35
N LEU D 309 -31.02 23.92 9.62
CA LEU D 309 -31.74 24.67 8.56
C LEU D 309 -30.78 25.70 7.92
N THR D 310 -29.87 26.33 8.67
CA THR D 310 -28.88 27.28 8.11
C THR D 310 -28.20 26.65 6.89
N LEU D 311 -27.62 25.44 7.04
CA LEU D 311 -26.89 24.73 5.96
C LEU D 311 -27.89 24.24 4.90
N TRP D 312 -28.92 23.50 5.31
CA TRP D 312 -29.89 22.84 4.40
C TRP D 312 -30.57 23.88 3.50
N LEU D 313 -30.43 25.16 3.83
CA LEU D 313 -30.93 26.28 3.01
C LEU D 313 -29.78 26.77 2.14
N LEU D 314 -28.62 26.98 2.76
CA LEU D 314 -27.39 27.47 2.08
C LEU D 314 -26.98 26.52 0.95
N PHE D 315 -27.12 25.21 1.12
CA PHE D 315 -26.66 24.20 0.13
C PHE D 315 -27.84 23.69 -0.72
N PHE D 316 -29.07 23.82 -0.23
CA PHE D 316 -30.30 23.45 -0.98
C PHE D 316 -31.36 24.55 -0.79
N ALA E 5 -15.90 -28.73 -40.13
CA ALA E 5 -15.51 -29.98 -39.41
C ALA E 5 -16.76 -30.80 -39.07
N ALA E 6 -16.60 -31.94 -38.39
CA ALA E 6 -17.70 -32.86 -38.02
C ALA E 6 -18.46 -32.31 -36.80
N GLU E 7 -19.16 -31.17 -36.97
CA GLU E 7 -20.04 -30.48 -35.97
C GLU E 7 -19.19 -29.76 -34.91
N PRO E 8 -19.75 -29.49 -33.69
CA PRO E 8 -19.01 -28.88 -32.59
C PRO E 8 -18.14 -29.85 -31.76
N SER E 9 -16.90 -29.45 -31.42
CA SER E 9 -15.93 -30.32 -30.70
C SER E 9 -16.07 -30.08 -29.19
N ASP E 10 -16.07 -31.17 -28.42
CA ASP E 10 -16.13 -31.12 -26.94
C ASP E 10 -14.76 -30.66 -26.42
N VAL E 11 -14.75 -29.81 -25.39
CA VAL E 11 -13.52 -29.25 -24.74
C VAL E 11 -13.61 -29.53 -23.25
N PHE E 12 -12.63 -30.24 -22.68
CA PHE E 12 -12.66 -30.74 -21.29
C PHE E 12 -11.89 -29.79 -20.36
N ILE E 13 -12.64 -29.04 -19.54
CA ILE E 13 -12.07 -27.94 -18.71
C ILE E 13 -11.90 -28.41 -17.28
N GLY E 14 -10.67 -28.42 -16.80
CA GLY E 14 -10.35 -28.72 -15.39
C GLY E 14 -9.75 -27.51 -14.72
N LEU E 15 -10.22 -27.15 -13.52
CA LEU E 15 -9.65 -26.02 -12.75
C LEU E 15 -9.55 -26.38 -11.27
N LYS E 16 -8.34 -26.29 -10.71
CA LYS E 16 -8.04 -26.58 -9.29
C LYS E 16 -7.38 -25.33 -8.69
N ILE E 17 -7.91 -24.82 -7.57
CA ILE E 17 -7.23 -23.78 -6.75
C ILE E 17 -6.21 -24.46 -5.84
N ASP E 18 -4.90 -24.26 -6.08
CA ASP E 18 -3.82 -24.82 -5.21
C ASP E 18 -3.81 -24.05 -3.88
N GLN E 19 -3.97 -22.73 -3.94
CA GLN E 19 -4.03 -21.95 -2.69
C GLN E 19 -4.87 -20.70 -2.84
N ILE E 20 -5.36 -20.19 -1.70
CA ILE E 20 -6.07 -18.89 -1.54
C ILE E 20 -5.11 -17.93 -0.86
N THR E 21 -4.53 -17.01 -1.63
CA THR E 21 -3.52 -16.02 -1.13
C THR E 21 -4.15 -15.18 -0.02
N GLY E 22 -5.43 -14.83 -0.23
CA GLY E 22 -6.26 -14.14 0.75
C GLY E 22 -7.61 -13.72 0.19
N ILE E 23 -8.51 -13.29 1.06
CA ILE E 23 -9.86 -12.81 0.67
C ILE E 23 -10.04 -11.40 1.21
N ASN E 24 -10.09 -10.41 0.33
CA ASN E 24 -10.28 -9.00 0.74
C ASN E 24 -11.78 -8.68 0.69
N GLN E 25 -12.45 -8.75 1.84
CA GLN E 25 -13.93 -8.49 1.92
C GLN E 25 -14.25 -7.04 1.62
N LYS E 26 -13.32 -6.12 1.87
CA LYS E 26 -13.53 -4.66 1.62
C LYS E 26 -13.64 -4.40 0.11
N GLU E 27 -12.83 -5.09 -0.70
CA GLU E 27 -12.83 -4.91 -2.19
C GLU E 27 -13.70 -6.00 -2.82
N GLU E 28 -14.32 -6.86 -2.00
CA GLU E 28 -15.29 -7.88 -2.45
C GLU E 28 -14.67 -8.75 -3.55
N ASN E 29 -13.42 -9.15 -3.34
CA ASN E 29 -12.69 -10.07 -4.23
C ASN E 29 -11.79 -10.96 -3.40
N PHE E 30 -11.28 -11.99 -4.04
CA PHE E 30 -10.36 -12.99 -3.42
C PHE E 30 -9.29 -13.31 -4.44
N SER E 31 -8.14 -13.75 -3.98
CA SER E 31 -7.00 -14.11 -4.88
C SER E 31 -6.53 -15.53 -4.57
N VAL E 32 -6.35 -16.30 -5.65
CA VAL E 32 -6.02 -17.75 -5.62
C VAL E 32 -4.88 -18.02 -6.59
N VAL E 33 -3.99 -18.92 -6.19
CA VAL E 33 -3.06 -19.59 -7.13
C VAL E 33 -3.78 -20.84 -7.60
N GLY E 34 -3.82 -21.06 -8.92
CA GLY E 34 -4.61 -22.13 -9.54
C GLY E 34 -4.00 -22.65 -10.84
N SER E 35 -4.34 -23.89 -11.17
CA SER E 35 -3.89 -24.58 -12.41
C SER E 35 -5.12 -24.93 -13.24
N LEU E 36 -5.20 -24.40 -14.46
CA LEU E 36 -6.28 -24.71 -15.42
C LEU E 36 -5.77 -25.78 -16.38
N ARG E 37 -6.54 -26.84 -16.59
CA ARG E 37 -6.17 -27.95 -17.50
C ARG E 37 -7.31 -28.14 -18.51
N ILE E 38 -6.95 -28.18 -19.80
CA ILE E 38 -7.89 -28.37 -20.93
C ILE E 38 -7.41 -29.57 -21.76
N ASP E 39 -8.33 -30.49 -22.01
CA ASP E 39 -8.17 -31.56 -23.03
C ASP E 39 -9.12 -31.22 -24.20
N TRP E 40 -8.59 -31.27 -25.43
CA TRP E 40 -9.29 -30.91 -26.68
C TRP E 40 -8.73 -31.68 -27.88
N ARG E 41 -9.47 -32.69 -28.35
CA ARG E 41 -9.08 -33.48 -29.54
C ARG E 41 -9.45 -32.73 -30.81
N GLN E 42 -8.45 -32.53 -31.65
CA GLN E 42 -8.61 -31.90 -32.99
C GLN E 42 -8.12 -32.89 -34.03
N PRO E 43 -8.99 -33.45 -34.90
CA PRO E 43 -8.53 -34.38 -35.92
C PRO E 43 -7.43 -33.74 -36.79
N LEU E 44 -7.60 -32.46 -37.17
CA LEU E 44 -6.69 -31.76 -38.11
C LEU E 44 -5.28 -31.70 -37.52
N LEU E 45 -5.17 -31.56 -36.21
CA LEU E 45 -3.86 -31.43 -35.53
C LEU E 45 -3.13 -32.77 -35.50
N ALA E 46 -3.86 -33.89 -35.64
CA ALA E 46 -3.26 -35.24 -35.61
C ALA E 46 -2.13 -35.27 -36.63
N PHE E 47 -1.04 -35.96 -36.34
CA PHE E 47 0.14 -35.97 -37.24
C PHE E 47 0.74 -37.37 -37.24
N GLU E 48 1.46 -37.67 -38.32
CA GLU E 48 2.27 -38.91 -38.46
C GLU E 48 3.67 -38.60 -37.91
N HIS E 49 4.29 -39.56 -37.21
CA HIS E 49 5.60 -39.37 -36.54
C HIS E 49 6.63 -40.31 -37.15
N ALA E 50 7.81 -39.80 -37.52
CA ALA E 50 8.92 -40.63 -37.98
C ALA E 50 9.46 -41.41 -36.78
N PRO E 51 9.88 -42.69 -36.97
CA PRO E 51 10.45 -43.44 -35.86
C PRO E 51 11.71 -42.67 -35.44
N GLY E 52 11.95 -42.61 -34.13
CA GLY E 52 13.08 -41.84 -33.55
C GLY E 52 12.66 -40.43 -33.18
N GLU E 53 11.42 -40.04 -33.52
CA GLU E 53 10.81 -38.77 -33.07
C GLU E 53 9.74 -39.09 -32.04
N PRO E 54 9.58 -38.28 -30.97
CA PRO E 54 8.58 -38.54 -29.94
C PRO E 54 7.14 -38.51 -30.49
N LYS E 55 6.26 -39.31 -29.89
CA LYS E 55 4.84 -39.50 -30.30
C LYS E 55 4.01 -38.30 -29.85
N HIS E 56 4.47 -37.63 -28.79
CA HIS E 56 3.84 -36.40 -28.22
C HIS E 56 4.77 -35.19 -28.42
N ARG E 57 4.31 -34.20 -29.19
CA ARG E 57 5.04 -32.93 -29.48
C ARG E 57 4.70 -31.90 -28.39
N THR E 58 5.73 -31.28 -27.82
CA THR E 58 5.63 -30.35 -26.65
C THR E 58 5.90 -28.93 -27.13
N TYR E 59 4.90 -28.04 -27.06
CA TYR E 59 4.98 -26.66 -27.59
C TYR E 59 4.79 -25.65 -26.45
N THR E 60 5.49 -24.51 -26.52
CA THR E 60 5.17 -23.29 -25.73
C THR E 60 3.86 -22.74 -26.28
N LEU E 61 3.01 -22.13 -25.46
CA LEU E 61 1.73 -21.60 -25.97
C LEU E 61 1.99 -20.65 -27.14
N ALA E 62 3.03 -19.81 -27.03
CA ALA E 62 3.29 -18.78 -28.07
C ALA E 62 3.48 -19.45 -29.42
N THR E 63 4.36 -20.45 -29.53
CA THR E 63 4.66 -21.18 -30.80
C THR E 63 3.40 -21.93 -31.27
N PHE E 64 2.71 -22.60 -30.34
CA PHE E 64 1.51 -23.42 -30.64
C PHE E 64 0.43 -22.56 -31.28
N LEU E 65 0.24 -21.33 -30.81
CA LEU E 65 -0.79 -20.43 -31.38
C LEU E 65 -0.30 -19.94 -32.76
N LYS E 66 0.98 -19.57 -32.86
CA LYS E 66 1.55 -19.11 -34.15
C LYS E 66 1.41 -20.25 -35.16
N LEU E 67 1.58 -21.50 -34.71
CA LEU E 67 1.35 -22.72 -35.54
C LEU E 67 -0.13 -22.78 -35.93
N LEU E 68 -1.07 -22.63 -35.01
CA LEU E 68 -2.53 -22.65 -35.29
C LEU E 68 -2.91 -21.57 -36.31
N GLU E 69 -2.34 -20.37 -36.17
CA GLU E 69 -2.57 -19.25 -37.12
C GLU E 69 -2.12 -19.68 -38.53
N GLU E 70 -0.94 -20.28 -38.61
CA GLU E 70 -0.28 -20.76 -39.87
C GLU E 70 -1.19 -21.82 -40.50
N LYS E 71 -1.71 -22.76 -39.71
CA LYS E 71 -2.58 -23.86 -40.20
C LYS E 71 -4.03 -23.39 -40.31
N GLN E 72 -4.33 -22.10 -40.10
CA GLN E 72 -5.70 -21.52 -40.19
C GLN E 72 -6.70 -22.39 -39.41
N ILE E 73 -6.31 -22.89 -38.23
CA ILE E 73 -7.21 -23.66 -37.33
C ILE E 73 -7.67 -22.73 -36.22
N ARG E 74 -8.96 -22.73 -35.91
CA ARG E 74 -9.52 -21.89 -34.82
C ARG E 74 -9.48 -22.75 -33.54
N TRP E 75 -8.90 -22.19 -32.48
CA TRP E 75 -8.79 -22.74 -31.11
C TRP E 75 -10.00 -22.29 -30.27
N PRO E 76 -10.34 -22.98 -29.16
CA PRO E 76 -11.51 -22.64 -28.36
C PRO E 76 -11.14 -21.48 -27.41
N ALA E 77 -11.12 -20.25 -27.89
CA ALA E 77 -10.73 -19.09 -27.05
C ALA E 77 -11.66 -19.04 -25.84
N PHE E 78 -11.09 -18.86 -24.65
CA PHE E 78 -11.82 -18.77 -23.36
C PHE E 78 -11.32 -17.57 -22.55
N THR E 79 -12.21 -16.94 -21.78
CA THR E 79 -11.88 -15.81 -20.87
C THR E 79 -12.43 -16.16 -19.49
N TYR E 80 -11.83 -15.62 -18.42
CA TYR E 80 -12.35 -15.72 -17.03
C TYR E 80 -13.26 -14.51 -16.80
N HIS E 81 -14.59 -14.68 -16.73
CA HIS E 81 -15.50 -13.50 -16.75
C HIS E 81 -15.31 -12.61 -15.50
N ASN E 82 -15.06 -13.24 -14.34
CA ASN E 82 -14.98 -12.54 -13.04
C ASN E 82 -13.50 -12.30 -12.66
N GLN E 83 -12.54 -12.49 -13.57
CA GLN E 83 -11.11 -12.17 -13.31
C GLN E 83 -11.01 -10.66 -13.09
N GLN E 84 -10.19 -10.26 -12.12
CA GLN E 84 -9.95 -8.84 -11.76
C GLN E 84 -8.45 -8.55 -11.93
N GLY E 85 -8.15 -7.45 -12.62
CA GLY E 85 -6.77 -6.97 -12.79
C GLY E 85 -5.92 -7.97 -13.55
N ARG E 86 -4.62 -7.97 -13.27
CA ARG E 86 -3.62 -8.79 -14.00
C ARG E 86 -3.63 -10.22 -13.45
N MET E 87 -3.30 -11.17 -14.31
CA MET E 87 -3.16 -12.60 -13.97
C MET E 87 -1.71 -12.98 -14.29
N ASP E 88 -0.86 -13.13 -13.28
CA ASP E 88 0.54 -13.59 -13.50
C ASP E 88 0.52 -15.09 -13.85
N PHE E 89 1.13 -15.46 -14.97
CA PHE E 89 1.18 -16.87 -15.42
C PHE E 89 2.47 -17.51 -14.92
N GLN E 90 2.36 -18.68 -14.29
CA GLN E 90 3.51 -19.53 -13.89
C GLN E 90 3.96 -20.36 -15.11
N ASN E 91 3.04 -21.13 -15.71
CA ASN E 91 3.28 -22.01 -16.86
C ASN E 91 2.12 -21.95 -17.84
N ARG E 92 2.45 -21.91 -19.14
CA ARG E 92 1.48 -22.12 -20.23
C ARG E 92 2.13 -23.09 -21.23
N LEU E 93 1.72 -24.36 -21.17
CA LEU E 93 2.40 -25.47 -21.89
C LEU E 93 1.39 -26.36 -22.60
N ILE E 94 1.68 -26.73 -23.84
CA ILE E 94 0.75 -27.54 -24.69
C ILE E 94 1.42 -28.85 -25.06
N SER E 95 0.73 -29.99 -24.93
CA SER E 95 1.23 -31.30 -25.41
C SER E 95 0.27 -31.87 -26.46
N LEU E 96 0.81 -32.02 -27.69
CA LEU E 96 0.09 -32.51 -28.88
C LEU E 96 0.39 -33.98 -29.08
N SER E 97 -0.64 -34.83 -29.00
CA SER E 97 -0.53 -36.30 -29.22
C SER E 97 -0.60 -36.59 -30.72
N GLU E 98 -0.16 -37.78 -31.13
CA GLU E 98 -0.26 -38.25 -32.54
C GLU E 98 -1.71 -38.13 -32.99
N ASP E 99 -2.64 -38.56 -32.12
CA ASP E 99 -4.10 -38.63 -32.37
C ASP E 99 -4.68 -37.22 -32.62
N GLY E 100 -3.97 -36.16 -32.23
CA GLY E 100 -4.48 -34.78 -32.36
C GLY E 100 -5.21 -34.31 -31.13
N THR E 101 -5.13 -35.04 -30.02
CA THR E 101 -5.59 -34.61 -28.68
C THR E 101 -4.60 -33.58 -28.13
N VAL E 102 -5.10 -32.39 -27.83
CA VAL E 102 -4.32 -31.22 -27.33
C VAL E 102 -4.49 -31.19 -25.81
N MET E 103 -3.39 -31.10 -25.08
CA MET E 103 -3.41 -31.00 -23.59
C MET E 103 -2.75 -29.67 -23.19
N TYR E 104 -3.53 -28.75 -22.63
CA TYR E 104 -3.06 -27.41 -22.21
C TYR E 104 -3.05 -27.31 -20.68
N LEU E 105 -2.00 -26.71 -20.12
CA LEU E 105 -1.87 -26.41 -18.66
C LEU E 105 -1.54 -24.92 -18.49
N GLU E 106 -2.35 -24.22 -17.70
CA GLU E 106 -2.19 -22.79 -17.35
C GLU E 106 -2.08 -22.72 -15.82
N ARG E 107 -0.90 -22.45 -15.28
CA ARG E 107 -0.75 -22.15 -13.83
C ARG E 107 -0.76 -20.62 -13.68
N PHE E 108 -1.47 -20.07 -12.69
CA PHE E 108 -1.60 -18.61 -12.53
C PHE E 108 -1.99 -18.25 -11.09
N THR E 109 -1.50 -17.09 -10.65
CA THR E 109 -2.05 -16.34 -9.49
C THR E 109 -2.95 -15.25 -10.03
N SER E 110 -4.15 -15.08 -9.48
CA SER E 110 -5.04 -13.99 -9.95
C SER E 110 -6.13 -13.70 -8.93
N THR E 111 -6.62 -12.47 -9.01
CA THR E 111 -7.76 -11.94 -8.23
C THR E 111 -9.06 -12.12 -9.00
N PHE E 112 -10.14 -12.46 -8.30
CA PHE E 112 -11.46 -12.64 -8.95
C PHE E 112 -12.52 -11.85 -8.19
N GLN E 113 -13.28 -11.05 -8.95
CA GLN E 113 -14.49 -10.37 -8.42
C GLN E 113 -15.46 -11.42 -7.88
N ALA E 114 -16.09 -11.14 -6.75
CA ALA E 114 -17.09 -12.03 -6.11
C ALA E 114 -18.21 -11.16 -5.56
N PRO E 115 -19.28 -10.91 -6.34
CA PRO E 115 -20.39 -10.07 -5.89
C PRO E 115 -21.33 -10.83 -4.96
N ALA E 116 -21.00 -12.08 -4.62
CA ALA E 116 -21.87 -13.01 -3.86
C ALA E 116 -21.93 -12.66 -2.36
N PHE E 117 -21.24 -11.59 -1.93
CA PHE E 117 -21.06 -11.25 -0.51
C PHE E 117 -22.35 -10.68 0.08
N ASP E 118 -22.81 -11.28 1.18
CA ASP E 118 -24.01 -10.89 1.97
C ASP E 118 -23.55 -10.66 3.41
N PHE E 119 -23.46 -9.39 3.83
CA PHE E 119 -22.93 -9.03 5.16
C PHE E 119 -24.04 -8.99 6.20
N ARG E 120 -25.26 -9.37 5.85
CA ARG E 120 -26.43 -9.24 6.75
C ARG E 120 -26.11 -9.98 8.05
N LEU E 121 -25.48 -11.15 8.00
CA LEU E 121 -25.23 -11.96 9.22
C LEU E 121 -23.78 -11.81 9.70
N PHE E 122 -23.01 -10.90 9.10
CA PHE E 122 -21.60 -10.70 9.49
C PHE E 122 -21.56 -10.44 10.99
N PRO E 123 -20.72 -11.13 11.80
CA PRO E 123 -19.67 -12.03 11.34
C PRO E 123 -20.05 -13.52 11.21
N PHE E 124 -21.22 -13.86 11.75
CA PHE E 124 -21.75 -15.25 11.71
C PHE E 124 -22.36 -15.48 10.34
N ASP E 125 -21.56 -15.68 9.28
CA ASP E 125 -22.17 -15.94 7.95
C ASP E 125 -21.30 -16.94 7.19
N ASN E 126 -21.88 -17.44 6.09
CA ASN E 126 -21.28 -18.30 5.05
C ASN E 126 -21.38 -17.54 3.72
N GLN E 127 -20.32 -17.54 2.92
CA GLN E 127 -20.24 -16.79 1.64
C GLN E 127 -19.93 -17.74 0.49
N LEU E 128 -20.36 -17.34 -0.71
CA LEU E 128 -20.17 -18.14 -1.95
C LEU E 128 -19.03 -17.53 -2.76
N PHE E 129 -18.00 -18.34 -3.06
CA PHE E 129 -16.88 -17.96 -3.95
C PHE E 129 -16.96 -18.76 -5.25
N PHE E 130 -16.82 -18.09 -6.38
CA PHE E 130 -16.84 -18.76 -7.70
C PHE E 130 -15.90 -18.07 -8.70
N ILE E 131 -15.36 -18.90 -9.59
CA ILE E 131 -14.58 -18.51 -10.81
C ILE E 131 -15.42 -18.95 -12.01
N HIS E 132 -15.68 -18.03 -12.96
CA HIS E 132 -16.37 -18.32 -14.23
C HIS E 132 -15.32 -18.40 -15.34
N VAL E 133 -15.34 -19.50 -16.09
CA VAL E 133 -14.54 -19.72 -17.32
C VAL E 133 -15.53 -19.75 -18.49
N ASP E 134 -15.61 -18.66 -19.25
CA ASP E 134 -16.51 -18.51 -20.42
C ASP E 134 -15.74 -18.82 -21.70
N SER E 135 -16.27 -19.70 -22.55
CA SER E 135 -15.76 -19.84 -23.94
C SER E 135 -16.24 -18.63 -24.74
N ILE E 136 -15.34 -17.94 -25.45
CA ILE E 136 -15.76 -16.76 -26.26
C ILE E 136 -16.69 -17.26 -27.37
N PHE E 137 -16.34 -18.41 -27.96
CA PHE E 137 -17.08 -19.01 -29.10
C PHE E 137 -18.34 -19.76 -28.66
N PRO E 138 -19.41 -19.69 -29.46
CA PRO E 138 -20.72 -20.23 -29.10
C PRO E 138 -20.74 -21.75 -28.95
N GLN E 139 -21.84 -22.30 -28.45
CA GLN E 139 -22.08 -23.75 -28.23
C GLN E 139 -22.10 -24.51 -29.55
N HIS E 140 -22.52 -23.88 -30.66
CA HIS E 140 -22.60 -24.57 -31.98
C HIS E 140 -21.19 -24.83 -32.51
N LEU E 141 -20.19 -24.00 -32.14
CA LEU E 141 -18.78 -24.22 -32.53
C LEU E 141 -18.06 -25.14 -31.50
N PHE E 142 -18.14 -24.83 -30.20
CA PHE E 142 -17.51 -25.60 -29.10
C PHE E 142 -18.44 -25.76 -27.90
N ARG E 143 -18.45 -26.95 -27.30
CA ARG E 143 -19.12 -27.21 -25.99
C ARG E 143 -18.05 -27.63 -24.99
N PHE E 144 -18.04 -26.99 -23.81
CA PHE E 144 -17.19 -27.34 -22.65
C PHE E 144 -17.83 -28.53 -21.94
N GLN E 145 -17.00 -29.49 -21.51
CA GLN E 145 -17.40 -30.66 -20.70
C GLN E 145 -16.46 -30.72 -19.49
N GLU E 146 -16.88 -31.31 -18.38
CA GLU E 146 -16.10 -31.31 -17.12
C GLU E 146 -14.96 -32.31 -17.28
N MET E 147 -13.72 -31.84 -17.24
CA MET E 147 -12.53 -32.74 -17.17
C MET E 147 -12.54 -33.41 -15.79
N GLN E 148 -13.06 -34.63 -15.70
CA GLN E 148 -13.28 -35.29 -14.39
C GLN E 148 -11.92 -35.73 -13.81
N GLY E 149 -11.84 -35.76 -12.49
CA GLY E 149 -10.66 -36.21 -11.71
C GLY E 149 -9.65 -35.11 -11.49
N PHE E 150 -9.99 -33.85 -11.75
CA PHE E 150 -9.04 -32.70 -11.63
C PHE E 150 -9.65 -31.51 -10.90
N SER E 151 -10.80 -31.01 -11.35
CA SER E 151 -11.44 -29.76 -10.85
C SER E 151 -11.68 -29.87 -9.33
N GLY E 152 -11.41 -28.78 -8.60
CA GLY E 152 -11.61 -28.66 -7.15
C GLY E 152 -10.65 -27.70 -6.47
N LEU E 153 -10.59 -27.77 -5.13
CA LEU E 153 -9.67 -27.03 -4.25
C LEU E 153 -8.66 -28.01 -3.62
N GLY E 154 -7.44 -27.56 -3.34
CA GLY E 154 -6.35 -28.38 -2.75
C GLY E 154 -6.47 -28.50 -1.24
N ASP E 155 -5.39 -28.95 -0.59
CA ASP E 155 -5.32 -29.19 0.88
C ASP E 155 -4.69 -27.99 1.60
N GLN E 156 -3.58 -27.50 1.06
CA GLN E 156 -2.81 -26.35 1.61
C GLN E 156 -3.17 -25.07 0.85
N LEU E 157 -4.31 -24.48 1.23
CA LEU E 157 -4.86 -23.22 0.71
C LEU E 157 -4.19 -22.03 1.41
N GLY E 158 -3.79 -22.23 2.68
CA GLY E 158 -2.99 -21.27 3.48
C GLY E 158 -3.84 -20.24 4.21
N GLU E 159 -5.17 -20.30 4.04
CA GLU E 159 -6.15 -19.29 4.53
C GLU E 159 -6.63 -19.71 5.92
N GLU E 160 -6.57 -18.80 6.90
CA GLU E 160 -6.74 -19.14 8.34
C GLU E 160 -8.08 -18.63 8.87
N GLU E 161 -8.68 -17.58 8.26
CA GLU E 161 -9.95 -16.97 8.74
C GLU E 161 -11.12 -17.80 8.21
N TRP E 162 -11.27 -17.81 6.89
CA TRP E 162 -12.33 -18.62 6.23
C TRP E 162 -11.95 -20.09 6.35
N ILE E 163 -12.96 -20.95 6.37
CA ILE E 163 -12.77 -22.38 6.08
C ILE E 163 -13.93 -22.84 5.20
N VAL E 164 -13.61 -23.69 4.23
CA VAL E 164 -14.46 -23.99 3.05
C VAL E 164 -15.43 -25.09 3.46
N THR E 165 -16.72 -24.90 3.21
CA THR E 165 -17.78 -25.90 3.51
C THR E 165 -17.85 -26.93 2.38
N GLU E 166 -18.07 -26.49 1.12
CA GLU E 166 -18.38 -27.36 -0.05
C GLU E 166 -17.81 -26.79 -1.34
N VAL E 167 -17.38 -27.67 -2.26
CA VAL E 167 -16.84 -27.35 -3.62
C VAL E 167 -17.72 -28.03 -4.67
N ASN E 168 -18.32 -27.28 -5.59
CA ASN E 168 -19.19 -27.88 -6.62
C ASN E 168 -18.85 -27.27 -7.98
N THR E 169 -18.96 -28.07 -9.03
CA THR E 169 -18.63 -27.70 -10.43
C THR E 169 -19.81 -28.02 -11.31
N HIS E 170 -20.12 -27.16 -12.26
CA HIS E 170 -21.21 -27.40 -13.24
C HIS E 170 -20.97 -26.48 -14.44
N LEU E 171 -21.62 -26.79 -15.55
CA LEU E 171 -21.47 -26.03 -16.80
C LEU E 171 -22.79 -25.32 -17.04
N THR E 172 -22.78 -24.28 -17.87
CA THR E 172 -23.98 -23.53 -18.26
C THR E 172 -23.66 -22.64 -19.45
N THR E 173 -24.63 -21.83 -19.89
CA THR E 173 -24.47 -20.95 -21.06
C THR E 173 -24.14 -19.54 -20.56
N HIS E 174 -23.72 -18.66 -21.47
CA HIS E 174 -23.73 -17.18 -21.33
C HIS E 174 -24.14 -16.61 -22.69
N ASN E 175 -24.17 -15.29 -22.85
CA ASN E 175 -24.46 -14.63 -24.16
C ASN E 175 -23.72 -13.30 -24.21
N GLU E 176 -22.41 -13.34 -23.96
CA GLU E 176 -21.59 -12.15 -23.65
C GLU E 176 -21.25 -11.39 -24.94
N PHE E 177 -20.74 -12.08 -25.95
CA PHE E 177 -20.29 -11.47 -27.23
C PHE E 177 -21.12 -11.99 -28.40
N THR E 178 -21.61 -13.22 -28.26
CA THR E 178 -22.47 -13.95 -29.24
C THR E 178 -23.94 -13.62 -28.99
N LYS E 179 -24.78 -13.75 -30.04
CA LYS E 179 -26.24 -13.95 -29.89
C LYS E 179 -26.46 -15.39 -29.42
N GLY E 180 -25.69 -16.33 -30.00
CA GLY E 180 -25.81 -17.77 -29.72
C GLY E 180 -25.42 -18.10 -28.29
N ASP E 181 -26.10 -19.09 -27.69
CA ASP E 181 -25.69 -19.75 -26.42
C ASP E 181 -24.22 -20.14 -26.51
N ALA E 182 -23.46 -19.99 -25.42
CA ALA E 182 -22.01 -20.21 -25.31
C ALA E 182 -21.66 -20.89 -23.99
N SER E 183 -20.68 -21.80 -24.00
CA SER E 183 -20.25 -22.58 -22.81
C SER E 183 -19.76 -21.65 -21.68
N ARG E 184 -20.03 -22.02 -20.42
CA ARG E 184 -19.42 -21.44 -19.20
C ARG E 184 -19.22 -22.52 -18.14
N PHE E 185 -17.97 -22.89 -17.87
CA PHE E 185 -17.56 -23.80 -16.76
C PHE E 185 -17.45 -22.97 -15.49
N VAL E 186 -18.03 -23.46 -14.38
CA VAL E 186 -18.07 -22.72 -13.09
C VAL E 186 -17.44 -23.60 -12.00
N LEU E 187 -16.46 -23.05 -11.29
CA LEU E 187 -15.93 -23.59 -10.01
C LEU E 187 -16.49 -22.70 -8.89
N GLU E 188 -17.45 -23.23 -8.12
CA GLU E 188 -18.02 -22.60 -6.90
C GLU E 188 -17.35 -23.21 -5.67
N PHE E 189 -17.19 -22.43 -4.60
CA PHE E 189 -17.01 -22.93 -3.22
C PHE E 189 -17.69 -21.97 -2.24
N HIS E 190 -18.27 -22.53 -1.19
CA HIS E 190 -18.75 -21.79 0.00
C HIS E 190 -17.69 -21.95 1.11
N ALA E 191 -17.46 -20.88 1.87
CA ALA E 191 -16.67 -20.92 3.12
C ALA E 191 -17.39 -20.08 4.17
N GLU E 192 -17.05 -20.28 5.44
CA GLU E 192 -17.58 -19.51 6.58
C GLU E 192 -16.43 -19.14 7.52
N ARG E 193 -16.63 -18.05 8.26
CA ARG E 193 -15.57 -17.36 9.05
C ARG E 193 -15.31 -18.12 10.35
N HIS E 194 -14.04 -18.13 10.79
CA HIS E 194 -13.60 -18.57 12.13
C HIS E 194 -13.84 -17.45 13.15
N LEU E 195 -14.78 -17.64 14.07
CA LEU E 195 -15.28 -16.55 14.94
C LEU E 195 -14.27 -16.18 16.02
N ASN E 196 -13.19 -16.95 16.18
CA ASN E 196 -12.25 -16.76 17.32
C ASN E 196 -11.78 -15.30 17.31
N TYR E 197 -11.28 -14.80 16.19
CA TYR E 197 -10.78 -13.40 16.11
C TYR E 197 -11.86 -12.46 16.64
N TYR E 198 -13.07 -12.51 16.07
CA TYR E 198 -14.17 -11.61 16.44
C TYR E 198 -14.43 -11.73 17.96
N LEU E 199 -14.37 -12.93 18.52
CA LEU E 199 -14.45 -13.14 19.99
C LEU E 199 -13.32 -12.36 20.66
N MET E 200 -12.07 -12.76 20.39
CA MET E 200 -10.87 -12.40 21.16
C MET E 200 -10.61 -10.89 21.13
N ARG E 201 -11.00 -10.22 20.04
CA ARG E 201 -10.62 -8.81 19.78
C ARG E 201 -11.82 -7.86 19.90
N ILE E 202 -13.06 -8.33 19.69
CA ILE E 202 -14.29 -7.47 19.70
C ILE E 202 -15.25 -7.85 20.83
N LEU E 203 -15.78 -9.08 20.86
CA LEU E 203 -16.82 -9.42 21.87
C LEU E 203 -16.21 -9.36 23.27
N ILE E 204 -15.21 -10.19 23.56
CA ILE E 204 -14.56 -10.26 24.90
C ILE E 204 -14.31 -8.83 25.43
N PRO E 205 -13.57 -7.95 24.71
CA PRO E 205 -13.36 -6.58 25.19
C PRO E 205 -14.65 -5.83 25.53
N VAL E 206 -15.60 -5.74 24.60
CA VAL E 206 -16.89 -5.01 24.78
C VAL E 206 -17.63 -5.55 26.01
N LEU E 207 -17.63 -6.87 26.23
CA LEU E 207 -18.27 -7.47 27.43
C LEU E 207 -17.44 -7.09 28.66
N LEU E 208 -16.13 -7.25 28.58
CA LEU E 208 -15.22 -6.83 29.68
C LEU E 208 -15.50 -5.36 30.06
N ILE E 209 -15.53 -4.44 29.09
CA ILE E 209 -15.82 -2.99 29.35
C ILE E 209 -17.14 -2.88 30.08
N ILE E 210 -18.19 -3.51 29.54
CA ILE E 210 -19.58 -3.41 30.06
C ILE E 210 -19.62 -3.92 31.50
N THR E 211 -19.06 -5.09 31.75
CA THR E 211 -19.10 -5.77 33.08
C THR E 211 -18.33 -4.97 34.13
N VAL E 212 -17.08 -4.67 33.83
CA VAL E 212 -16.17 -3.94 34.75
C VAL E 212 -16.78 -2.56 35.02
N SER E 213 -17.47 -1.98 34.05
CA SER E 213 -18.23 -0.73 34.24
C SER E 213 -19.36 -0.96 35.26
N TRP E 214 -20.14 -2.03 35.10
CA TRP E 214 -21.28 -2.33 36.01
C TRP E 214 -20.81 -2.47 37.45
N PHE E 215 -19.62 -3.01 37.68
CA PHE E 215 -19.05 -3.12 39.04
C PHE E 215 -19.13 -1.74 39.72
N THR E 216 -18.73 -0.68 39.01
CA THR E 216 -18.55 0.67 39.60
C THR E 216 -19.91 1.29 39.92
N PHE E 217 -21.01 0.57 39.65
CA PHE E 217 -22.37 0.98 40.08
C PHE E 217 -22.46 0.80 41.60
N PHE E 218 -21.76 -0.20 42.16
CA PHE E 218 -21.83 -0.53 43.61
C PHE E 218 -21.08 0.52 44.44
N LEU E 219 -20.45 1.48 43.78
CA LEU E 219 -19.86 2.65 44.48
C LEU E 219 -20.98 3.61 44.88
N GLN E 220 -22.04 3.70 44.07
CA GLN E 220 -23.20 4.61 44.30
C GLN E 220 -22.74 6.07 44.21
N ASP E 221 -21.67 6.32 43.46
CA ASP E 221 -21.42 7.66 42.88
C ASP E 221 -22.11 7.70 41.51
N TYR E 222 -23.14 8.55 41.38
CA TYR E 222 -23.95 8.69 40.13
C TYR E 222 -23.15 9.48 39.10
N THR E 223 -22.43 10.52 39.55
CA THR E 223 -21.53 11.34 38.71
C THR E 223 -20.50 10.39 38.06
N LYS E 224 -19.89 9.50 38.82
CA LYS E 224 -18.86 8.56 38.30
C LYS E 224 -19.48 7.68 37.20
N ARG E 225 -20.70 7.18 37.42
CA ARG E 225 -21.38 6.30 36.43
C ARG E 225 -21.59 7.09 35.13
N ILE E 226 -21.99 8.36 35.24
CA ILE E 226 -22.22 9.25 34.07
C ILE E 226 -20.91 9.41 33.31
N ASP E 227 -19.84 9.76 34.01
CA ASP E 227 -18.49 9.96 33.41
C ASP E 227 -18.04 8.65 32.77
N LEU E 228 -18.40 7.52 33.36
CA LEU E 228 -17.94 6.20 32.89
C LEU E 228 -18.66 5.88 31.58
N ALA E 229 -19.98 5.89 31.60
CA ALA E 229 -20.86 5.55 30.46
C ALA E 229 -20.58 6.51 29.29
N GLY E 230 -20.27 7.78 29.60
CA GLY E 230 -19.84 8.75 28.57
C GLY E 230 -18.58 8.30 27.83
N GLY E 231 -17.62 7.72 28.56
CA GLY E 231 -16.39 7.16 27.99
C GLY E 231 -16.69 5.90 27.20
N ASN E 232 -17.41 4.97 27.82
CA ASN E 232 -17.95 3.74 27.16
C ASN E 232 -18.50 4.11 25.79
N LEU E 233 -19.28 5.20 25.71
CA LEU E 233 -19.90 5.63 24.43
C LEU E 233 -18.78 5.79 23.40
N LEU E 234 -17.79 6.63 23.71
CA LEU E 234 -16.66 6.94 22.78
C LEU E 234 -15.95 5.64 22.42
N LEU E 235 -15.67 4.78 23.41
CA LEU E 235 -15.08 3.44 23.17
C LEU E 235 -15.86 2.74 22.05
N PHE E 236 -17.17 2.56 22.23
CA PHE E 236 -18.05 1.85 21.26
C PHE E 236 -18.04 2.58 19.91
N ILE E 237 -18.08 3.91 19.92
CA ILE E 237 -17.95 4.75 18.69
C ILE E 237 -16.63 4.40 18.00
N ALA E 238 -15.58 4.08 18.74
CA ALA E 238 -14.31 3.60 18.16
C ALA E 238 -14.52 2.19 17.58
N PHE E 239 -14.92 1.25 18.43
CA PHE E 239 -15.21 -0.14 18.01
C PHE E 239 -16.05 -0.11 16.73
N ASN E 240 -16.93 0.88 16.61
CA ASN E 240 -17.79 1.14 15.42
C ASN E 240 -16.92 1.44 14.20
N PHE E 241 -15.86 2.24 14.40
CA PHE E 241 -14.90 2.59 13.33
C PHE E 241 -13.99 1.39 13.00
N THR E 242 -13.51 0.65 14.01
CA THR E 242 -12.74 -0.60 13.76
C THR E 242 -13.49 -1.44 12.73
N ILE E 243 -14.71 -1.84 13.09
CA ILE E 243 -15.53 -2.79 12.30
C ILE E 243 -15.89 -2.15 10.96
N SER E 244 -16.32 -0.90 10.93
CA SER E 244 -16.71 -0.18 9.69
C SER E 244 -15.65 -0.40 8.59
N SER E 245 -14.37 -0.46 8.96
CA SER E 245 -13.25 -0.53 7.99
C SER E 245 -13.10 -1.95 7.44
N ASP E 246 -13.21 -2.99 8.27
CA ASP E 246 -13.25 -4.42 7.84
C ASP E 246 -14.09 -4.56 6.57
N LEU E 247 -15.26 -3.90 6.56
CA LEU E 247 -16.34 -4.05 5.54
C LEU E 247 -16.31 -2.90 4.55
N PRO E 248 -17.01 -3.04 3.41
CA PRO E 248 -17.24 -1.93 2.48
C PRO E 248 -18.23 -0.89 3.02
N ARG E 249 -18.52 0.13 2.22
CA ARG E 249 -19.47 1.22 2.59
C ARG E 249 -20.89 0.76 2.26
N LEU E 250 -21.26 -0.39 2.80
CA LEU E 250 -22.55 -1.06 2.51
C LEU E 250 -23.70 -0.07 2.72
N GLY E 251 -24.71 -0.20 1.86
CA GLY E 251 -25.97 0.56 1.96
C GLY E 251 -26.98 -0.17 2.83
N TYR E 252 -26.60 -1.31 3.43
CA TYR E 252 -27.50 -2.06 4.35
C TYR E 252 -26.84 -2.19 5.73
N ILE E 253 -27.64 -2.63 6.70
CA ILE E 253 -27.22 -2.75 8.12
C ILE E 253 -26.85 -4.21 8.41
N THR E 254 -25.58 -4.44 8.66
CA THR E 254 -24.98 -5.69 9.24
C THR E 254 -25.70 -6.08 10.54
N LEU E 255 -25.53 -7.33 10.97
CA LEU E 255 -25.81 -7.75 12.36
C LEU E 255 -24.90 -6.96 13.29
N MET E 256 -23.59 -7.08 13.07
CA MET E 256 -22.55 -6.34 13.84
C MET E 256 -22.98 -4.87 13.89
N ASP E 257 -23.30 -4.28 12.73
CA ASP E 257 -23.81 -2.89 12.63
C ASP E 257 -24.84 -2.64 13.74
N ALA E 258 -25.84 -3.52 13.87
CA ALA E 258 -26.96 -3.41 14.83
C ALA E 258 -26.43 -3.51 16.27
N PHE E 259 -25.62 -4.53 16.54
CA PHE E 259 -25.09 -4.81 17.90
C PHE E 259 -24.41 -3.55 18.45
N LEU E 260 -23.60 -2.88 17.62
CA LEU E 260 -22.92 -1.63 18.05
C LEU E 260 -23.97 -0.59 18.45
N VAL E 261 -24.95 -0.34 17.59
CA VAL E 261 -26.00 0.68 17.89
C VAL E 261 -26.72 0.28 19.18
N GLY E 262 -26.84 -1.02 19.45
CA GLY E 262 -27.44 -1.51 20.71
C GLY E 262 -26.76 -0.88 21.90
N THR E 263 -25.45 -1.09 22.02
CA THR E 263 -24.62 -0.55 23.13
C THR E 263 -24.80 0.97 23.20
N PHE E 264 -24.81 1.63 22.04
CA PHE E 264 -25.08 3.07 21.89
C PHE E 264 -26.33 3.44 22.68
N ILE E 265 -27.47 2.91 22.23
CA ILE E 265 -28.83 3.22 22.78
C ILE E 265 -28.79 3.01 24.29
N ILE E 266 -28.44 1.80 24.72
CA ILE E 266 -28.33 1.47 26.17
C ILE E 266 -27.47 2.54 26.88
N THR E 267 -26.20 2.65 26.46
CA THR E 267 -25.18 3.49 27.15
C THR E 267 -25.66 4.94 27.16
N ALA E 268 -26.36 5.39 26.13
CA ALA E 268 -27.02 6.71 26.09
C ALA E 268 -27.99 6.83 27.27
N LEU E 269 -28.76 5.78 27.54
CA LEU E 269 -29.83 5.80 28.58
C LEU E 269 -29.18 5.74 29.95
N VAL E 270 -28.22 4.84 30.12
CA VAL E 270 -27.43 4.74 31.38
C VAL E 270 -27.03 6.16 31.80
N VAL E 271 -26.55 6.97 30.85
CA VAL E 271 -26.21 8.39 31.12
C VAL E 271 -27.47 9.11 31.57
N LEU E 272 -28.48 9.19 30.71
CA LEU E 272 -29.75 9.91 30.97
C LEU E 272 -30.28 9.54 32.37
N GLY E 273 -30.34 8.25 32.68
CA GLY E 273 -30.89 7.72 33.93
C GLY E 273 -30.13 8.18 35.16
N ASN E 274 -28.83 7.90 35.21
CA ASN E 274 -27.95 8.27 36.35
C ASN E 274 -27.93 9.80 36.49
N VAL E 275 -28.04 10.54 35.38
CA VAL E 275 -28.20 12.02 35.39
C VAL E 275 -29.38 12.36 36.30
N TRP E 276 -30.48 11.63 36.16
CA TRP E 276 -31.75 11.89 36.88
C TRP E 276 -31.60 11.51 38.36
N LEU E 277 -31.10 10.30 38.64
CA LEU E 277 -30.72 9.88 40.02
C LEU E 277 -29.88 10.97 40.70
N ARG E 278 -28.80 11.40 40.04
CA ARG E 278 -27.89 12.46 40.54
C ARG E 278 -28.68 13.74 40.78
N ARG E 279 -29.62 14.05 39.89
CA ARG E 279 -30.44 15.28 40.00
C ARG E 279 -31.26 15.23 41.31
N LEU E 280 -31.83 14.08 41.66
CA LEU E 280 -32.62 13.90 42.91
C LEU E 280 -31.72 14.21 44.11
N GLU E 281 -30.53 13.61 44.17
CA GLU E 281 -29.50 13.92 45.21
C GLU E 281 -29.34 15.44 45.34
N ASN E 282 -29.31 16.17 44.22
CA ASN E 282 -29.03 17.63 44.18
C ASN E 282 -30.24 18.45 44.66
N HIS E 283 -31.43 17.83 44.80
CA HIS E 283 -32.67 18.52 45.23
C HIS E 283 -33.22 17.88 46.51
N GLY E 284 -32.30 17.41 47.37
CA GLY E 284 -32.59 16.95 48.74
C GLY E 284 -33.35 15.64 48.77
N LYS E 285 -33.44 14.95 47.63
CA LYS E 285 -34.17 13.66 47.53
C LYS E 285 -33.15 12.53 47.33
N GLN E 286 -32.03 12.59 48.06
CA GLN E 286 -30.93 11.59 48.03
C GLN E 286 -31.47 10.19 48.39
N ALA E 287 -32.41 10.12 49.35
CA ALA E 287 -32.96 8.88 49.96
C ALA E 287 -33.77 8.09 48.92
N LEU E 288 -34.59 8.83 48.17
CA LEU E 288 -35.38 8.35 47.02
C LEU E 288 -34.44 7.72 45.98
N ALA E 289 -33.51 8.50 45.45
CA ALA E 289 -32.46 8.05 44.51
C ALA E 289 -31.95 6.70 45.01
N ARG E 290 -31.45 6.65 46.25
CA ARG E 290 -30.84 5.43 46.83
C ARG E 290 -31.84 4.27 46.83
N LYS E 291 -33.15 4.56 46.92
CA LYS E 291 -34.20 3.53 46.76
C LYS E 291 -34.24 3.14 45.28
N LEU E 292 -34.62 4.07 44.41
CA LEU E 292 -34.67 3.88 42.94
C LEU E 292 -33.39 3.21 42.43
N ASP E 293 -32.24 3.59 42.99
CA ASP E 293 -30.89 3.13 42.55
C ASP E 293 -30.92 1.62 42.29
N ILE E 294 -31.58 0.85 43.15
CA ILE E 294 -31.60 -0.63 43.05
C ILE E 294 -32.18 -1.04 41.70
N TYR E 295 -33.24 -0.36 41.22
CA TYR E 295 -33.77 -0.61 39.86
C TYR E 295 -32.62 -0.43 38.86
N ALA E 296 -32.02 0.75 38.89
CA ALA E 296 -30.97 1.18 37.94
C ALA E 296 -29.83 0.15 37.90
N ILE E 297 -29.40 -0.38 39.05
CA ILE E 297 -28.28 -1.36 39.13
C ILE E 297 -28.65 -2.62 38.36
N THR E 298 -29.89 -3.10 38.49
CA THR E 298 -30.32 -4.35 37.80
C THR E 298 -30.69 -4.08 36.34
N SER E 299 -31.02 -2.84 35.95
CA SER E 299 -31.41 -2.48 34.57
C SER E 299 -30.27 -2.72 33.60
N TYR E 300 -29.09 -2.21 33.92
CA TYR E 300 -27.87 -2.31 33.08
C TYR E 300 -27.73 -3.74 32.59
N PRO E 301 -27.63 -4.77 33.47
CA PRO E 301 -27.42 -6.16 33.05
C PRO E 301 -28.57 -6.72 32.21
N LEU E 302 -29.80 -6.44 32.62
CA LEU E 302 -31.03 -6.90 31.93
C LEU E 302 -31.04 -6.32 30.52
N ALA E 303 -30.86 -4.99 30.39
CA ALA E 303 -31.01 -4.30 29.08
C ALA E 303 -30.03 -4.90 28.08
N TYR E 304 -28.78 -5.16 28.49
CA TYR E 304 -27.76 -5.76 27.61
C TYR E 304 -28.18 -7.19 27.22
N LEU E 305 -28.90 -7.92 28.08
CA LEU E 305 -29.28 -9.33 27.82
C LEU E 305 -30.70 -9.43 27.25
N LEU E 306 -31.60 -8.47 27.54
CA LEU E 306 -32.84 -8.22 26.75
C LEU E 306 -32.43 -7.89 25.31
N GLY E 307 -31.45 -6.99 25.15
CA GLY E 307 -30.91 -6.53 23.85
C GLY E 307 -30.22 -7.63 23.09
N ALA E 308 -29.63 -8.63 23.78
CA ALA E 308 -28.97 -9.81 23.17
C ALA E 308 -30.02 -10.65 22.44
N LEU E 309 -31.13 -10.95 23.11
CA LEU E 309 -32.25 -11.71 22.52
C LEU E 309 -32.98 -10.86 21.47
N THR E 310 -33.11 -9.54 21.66
CA THR E 310 -33.74 -8.63 20.66
C THR E 310 -33.13 -8.90 19.28
N LEU E 311 -31.80 -8.85 19.15
CA LEU E 311 -31.10 -9.05 17.86
C LEU E 311 -31.19 -10.52 17.44
N TRP E 312 -30.78 -11.43 18.32
CA TRP E 312 -30.66 -12.89 18.03
C TRP E 312 -32.01 -13.44 17.55
N LEU E 313 -33.10 -12.69 17.76
CA LEU E 313 -34.44 -13.07 17.29
C LEU E 313 -34.69 -12.36 15.97
N LEU E 314 -34.39 -11.06 15.91
CA LEU E 314 -34.57 -10.22 14.70
C LEU E 314 -33.76 -10.79 13.53
N PHE E 315 -32.55 -11.31 13.77
CA PHE E 315 -31.62 -11.74 12.69
C PHE E 315 -31.68 -13.26 12.50
N PHE E 316 -32.15 -14.02 13.49
CA PHE E 316 -32.32 -15.51 13.41
C PHE E 316 -33.71 -15.92 13.91
#